data_9MMF
# 
_entry.id   9MMF 
# 
_audit_conform.dict_name       mmcif_pdbx.dic 
_audit_conform.dict_version    5.408 
_audit_conform.dict_location   http://mmcif.pdb.org/dictionaries/ascii/mmcif_pdbx.dic 
# 
loop_
_database_2.database_id 
_database_2.database_code 
_database_2.pdbx_database_accession 
_database_2.pdbx_DOI 
PDB   9MMF         pdb_00009mmf 10.2210/pdb9mmf/pdb 
WWPDB D_1000291308 ?            ?                   
# 
_pdbx_audit_revision_history.ordinal             1 
_pdbx_audit_revision_history.data_content_type   'Structure model' 
_pdbx_audit_revision_history.major_revision      1 
_pdbx_audit_revision_history.minor_revision      0 
_pdbx_audit_revision_history.revision_date       2025-12-24 
_pdbx_audit_revision_history.part_number         ? 
# 
_pdbx_audit_revision_details.ordinal             1 
_pdbx_audit_revision_details.revision_ordinal    1 
_pdbx_audit_revision_details.data_content_type   'Structure model' 
_pdbx_audit_revision_details.provider            repository 
_pdbx_audit_revision_details.type                'Initial release' 
_pdbx_audit_revision_details.description         ? 
_pdbx_audit_revision_details.details             ? 
# 
_pdbx_database_status.status_code                     REL 
_pdbx_database_status.status_code_sf                  REL 
_pdbx_database_status.status_code_mr                  ? 
_pdbx_database_status.entry_id                        9MMF 
_pdbx_database_status.recvd_initial_deposition_date   2024-12-20 
_pdbx_database_status.SG_entry                        N 
_pdbx_database_status.deposit_site                    RCSB 
_pdbx_database_status.process_site                    RCSB 
_pdbx_database_status.status_code_cs                  ? 
_pdbx_database_status.status_code_nmr_data            ? 
_pdbx_database_status.methods_development_category    ? 
_pdbx_database_status.pdb_format_compatible           Y 
# 
_pdbx_contact_author.id                 3 
_pdbx_contact_author.email              lyatsun1@swarthmore.edu 
_pdbx_contact_author.name_first         Liliya 
_pdbx_contact_author.name_last          Yatsunyk 
_pdbx_contact_author.name_mi            ? 
_pdbx_contact_author.role               'principal investigator/group leader' 
_pdbx_contact_author.identifier_ORCID   0000-0003-3946-0939 
# 
loop_
_audit_author.name 
_audit_author.pdbx_ordinal 
_audit_author.identifier_ORCID 
'Eyiolowope, J.' 1 0009-0002-9403-7826 
'Xing, E.R.'     2 0000-0002-5248-142X 
'Yatsunyk, L.A.' 3 0000-0003-3946-0939 
# 
_citation.abstract                  ? 
_citation.abstract_id_CAS           ? 
_citation.book_id_ISBN              ? 
_citation.book_publisher            ? 
_citation.book_publisher_city       ? 
_citation.book_title                ? 
_citation.coordinate_linkage        ? 
_citation.country                   ? 
_citation.database_id_Medline       ? 
_citation.details                   ? 
_citation.id                        primary 
_citation.journal_abbrev            'To Be Published' 
_citation.journal_id_ASTM           ? 
_citation.journal_id_CSD            0353 
_citation.journal_id_ISSN           ? 
_citation.journal_full              ? 
_citation.journal_issue             ? 
_citation.journal_volume            ? 
_citation.language                  ? 
_citation.page_first                ? 
_citation.page_last                 ? 
_citation.title                     'The first crystal structure of five-tetrad G-quadruplex' 
_citation.year                      ? 
_citation.database_id_CSD           ? 
_citation.pdbx_database_id_DOI      ? 
_citation.pdbx_database_id_PubMed   ? 
_citation.pdbx_database_id_patent   ? 
_citation.unpublished_flag          ? 
# 
loop_
_citation_author.citation_id 
_citation_author.name 
_citation_author.ordinal 
_citation_author.identifier_ORCID 
primary 'Eyiolowope, J.' 1 0009-0002-9403-7826 
primary 'Xing, E.R.'     2 0000-0002-5248-142X 
primary 'Yatsunyk, L.A.' 3 0000-0003-3946-0939 
# 
loop_
_entity.id 
_entity.type 
_entity.src_method 
_entity.pdbx_description 
_entity.formula_weight 
_entity.pdbx_number_of_molecules 
_entity.pdbx_ec 
_entity.pdbx_mutation 
_entity.pdbx_fragment 
_entity.details 
1 polymer     syn 'DNA (31-MER)'  9885.278 1 ? ? ? ? 
2 non-polymer syn 'POTASSIUM ION' 39.098   4 ? ? ? ? 
3 water       nat water           18.015   2 ? ? ? ? 
# 
_entity_poly.entity_id                      1 
_entity_poly.type                           polydeoxyribonucleotide 
_entity_poly.nstd_linkage                   no 
_entity_poly.nstd_monomer                   no 
_entity_poly.pdbx_seq_one_letter_code       
;(DT)(DG)(DG)(DG)(DG)(DG)(DT)(DT)(DT)(DG)(DG)(DG)(DG)(DG)(DT)(DT)(DT)(DG)(DG)(DG)
(DG)(DG)(DT)(DT)(DT)(DG)(DG)(DG)(DG)(DG)(DT)
;
_entity_poly.pdbx_seq_one_letter_code_can   TGGGGGTTTGGGGGTTTGGGGGTTTGGGGGT 
_entity_poly.pdbx_strand_id                 A 
_entity_poly.pdbx_target_identifier         ? 
# 
loop_
_pdbx_entity_nonpoly.entity_id 
_pdbx_entity_nonpoly.name 
_pdbx_entity_nonpoly.comp_id 
2 'POTASSIUM ION' K   
3 water           HOH 
# 
loop_
_entity_poly_seq.entity_id 
_entity_poly_seq.num 
_entity_poly_seq.mon_id 
_entity_poly_seq.hetero 
1 1  DT n 
1 2  DG n 
1 3  DG n 
1 4  DG n 
1 5  DG n 
1 6  DG n 
1 7  DT n 
1 8  DT n 
1 9  DT n 
1 10 DG n 
1 11 DG n 
1 12 DG n 
1 13 DG n 
1 14 DG n 
1 15 DT n 
1 16 DT n 
1 17 DT n 
1 18 DG n 
1 19 DG n 
1 20 DG n 
1 21 DG n 
1 22 DG n 
1 23 DT n 
1 24 DT n 
1 25 DT n 
1 26 DG n 
1 27 DG n 
1 28 DG n 
1 29 DG n 
1 30 DG n 
1 31 DT n 
# 
_pdbx_entity_src_syn.entity_id              1 
_pdbx_entity_src_syn.pdbx_src_id            1 
_pdbx_entity_src_syn.pdbx_alt_source_flag   sample 
_pdbx_entity_src_syn.pdbx_beg_seq_num       1 
_pdbx_entity_src_syn.pdbx_end_seq_num       31 
_pdbx_entity_src_syn.organism_scientific    'synthetic construct' 
_pdbx_entity_src_syn.organism_common_name   ? 
_pdbx_entity_src_syn.ncbi_taxonomy_id       32630 
_pdbx_entity_src_syn.details                ? 
# 
loop_
_chem_comp.id 
_chem_comp.type 
_chem_comp.mon_nstd_flag 
_chem_comp.name 
_chem_comp.pdbx_synonyms 
_chem_comp.formula 
_chem_comp.formula_weight 
DG  'DNA linking' y "2'-DEOXYGUANOSINE-5'-MONOPHOSPHATE" ? 'C10 H14 N5 O7 P' 347.221 
DT  'DNA linking' y "THYMIDINE-5'-MONOPHOSPHATE"         ? 'C10 H15 N2 O8 P' 322.208 
HOH non-polymer   . WATER                                ? 'H2 O'            18.015  
K   non-polymer   . 'POTASSIUM ION'                      ? 'K 1'             39.098  
# 
loop_
_pdbx_poly_seq_scheme.asym_id 
_pdbx_poly_seq_scheme.entity_id 
_pdbx_poly_seq_scheme.seq_id 
_pdbx_poly_seq_scheme.mon_id 
_pdbx_poly_seq_scheme.ndb_seq_num 
_pdbx_poly_seq_scheme.pdb_seq_num 
_pdbx_poly_seq_scheme.auth_seq_num 
_pdbx_poly_seq_scheme.pdb_mon_id 
_pdbx_poly_seq_scheme.auth_mon_id 
_pdbx_poly_seq_scheme.pdb_strand_id 
_pdbx_poly_seq_scheme.pdb_ins_code 
_pdbx_poly_seq_scheme.hetero 
A 1 1  DT 1  1  1  DT DT A . n 
A 1 2  DG 2  2  2  DG DG A . n 
A 1 3  DG 3  3  3  DG DG A . n 
A 1 4  DG 4  4  4  DG DG A . n 
A 1 5  DG 5  5  5  DG DG A . n 
A 1 6  DG 6  6  6  DG DG A . n 
A 1 7  DT 7  7  7  DT DT A . n 
A 1 8  DT 8  8  8  DT DT A . n 
A 1 9  DT 9  9  9  DT DT A . n 
A 1 10 DG 10 10 10 DG DG A . n 
A 1 11 DG 11 11 11 DG DG A . n 
A 1 12 DG 12 12 12 DG DG A . n 
A 1 13 DG 13 13 13 DG DG A . n 
A 1 14 DG 14 14 14 DG DG A . n 
A 1 15 DT 15 15 15 DT DT A . n 
A 1 16 DT 16 16 16 DT DT A . n 
A 1 17 DT 17 17 17 DT DT A . n 
A 1 18 DG 18 18 18 DG DG A . n 
A 1 19 DG 19 19 19 DG DG A . n 
A 1 20 DG 20 20 20 DG DG A . n 
A 1 21 DG 21 21 21 DG DG A . n 
A 1 22 DG 22 22 22 DG DG A . n 
A 1 23 DT 23 23 23 DT DT A . n 
A 1 24 DT 24 24 24 DT DT A . n 
A 1 25 DT 25 25 25 DT DT A . n 
A 1 26 DG 26 26 26 DG DG A . n 
A 1 27 DG 27 27 27 DG DG A . n 
A 1 28 DG 28 28 28 DG DG A . n 
A 1 29 DG 29 29 29 DG DG A . n 
A 1 30 DG 30 30 30 DG DG A . n 
A 1 31 DT 31 31 31 DT DT A . n 
# 
loop_
_pdbx_nonpoly_scheme.asym_id 
_pdbx_nonpoly_scheme.entity_id 
_pdbx_nonpoly_scheme.mon_id 
_pdbx_nonpoly_scheme.ndb_seq_num 
_pdbx_nonpoly_scheme.pdb_seq_num 
_pdbx_nonpoly_scheme.auth_seq_num 
_pdbx_nonpoly_scheme.pdb_mon_id 
_pdbx_nonpoly_scheme.auth_mon_id 
_pdbx_nonpoly_scheme.pdb_strand_id 
_pdbx_nonpoly_scheme.pdb_ins_code 
B 2 K   1 101 1 K   K   A . 
C 2 K   1 102 2 K   K   A . 
D 2 K   1 103 3 K   K   A . 
E 2 K   1 104 4 K   K   A . 
F 3 HOH 1 201 3 HOH HOH A . 
F 3 HOH 2 202 1 HOH HOH A . 
# 
loop_
_pdbx_unobs_or_zero_occ_atoms.id 
_pdbx_unobs_or_zero_occ_atoms.PDB_model_num 
_pdbx_unobs_or_zero_occ_atoms.polymer_flag 
_pdbx_unobs_or_zero_occ_atoms.occupancy_flag 
_pdbx_unobs_or_zero_occ_atoms.auth_asym_id 
_pdbx_unobs_or_zero_occ_atoms.auth_comp_id 
_pdbx_unobs_or_zero_occ_atoms.auth_seq_id 
_pdbx_unobs_or_zero_occ_atoms.PDB_ins_code 
_pdbx_unobs_or_zero_occ_atoms.auth_atom_id 
_pdbx_unobs_or_zero_occ_atoms.label_alt_id 
_pdbx_unobs_or_zero_occ_atoms.label_asym_id 
_pdbx_unobs_or_zero_occ_atoms.label_comp_id 
_pdbx_unobs_or_zero_occ_atoms.label_seq_id 
_pdbx_unobs_or_zero_occ_atoms.label_atom_id 
1 1 Y 1 A DT 1 ? N1 ? A DT 1 N1 
2 1 Y 1 A DT 1 ? C2 ? A DT 1 C2 
3 1 Y 1 A DT 1 ? O2 ? A DT 1 O2 
4 1 Y 1 A DT 1 ? N3 ? A DT 1 N3 
5 1 Y 1 A DT 1 ? C4 ? A DT 1 C4 
6 1 Y 1 A DT 1 ? O4 ? A DT 1 O4 
7 1 Y 1 A DT 1 ? C5 ? A DT 1 C5 
8 1 Y 1 A DT 1 ? C7 ? A DT 1 C7 
9 1 Y 1 A DT 1 ? C6 ? A DT 1 C6 
# 
loop_
_software.citation_id 
_software.classification 
_software.compiler_name 
_software.compiler_version 
_software.contact_author 
_software.contact_author_email 
_software.date 
_software.description 
_software.dependencies 
_software.hardware 
_software.language 
_software.location 
_software.mods 
_software.name 
_software.os 
_software.os_version 
_software.type 
_software.version 
_software.pdbx_ordinal 
? refinement       ? ? ? ? ? ? ? ? ? ? ? PHENIX   ? ? ? 1.21.2_5419 1 
? 'data reduction' ? ? ? ? ? ? ? ? ? ? ? autoPROC ? ? ? .           2 
? 'data scaling'   ? ? ? ? ? ? ? ? ? ? ? autoPROC ? ? ? .           3 
? phasing          ? ? ? ? ? ? ? ? ? ? ? PHENIX   ? ? ? 1.21.2_5419 4 
# 
_cell.angle_alpha                  90.000 
_cell.angle_alpha_esd              ? 
_cell.angle_beta                   90.000 
_cell.angle_beta_esd               ? 
_cell.angle_gamma                  120.000 
_cell.angle_gamma_esd              ? 
_cell.entry_id                     9MMF 
_cell.details                      ? 
_cell.formula_units_Z              ? 
_cell.length_a                     46.606 
_cell.length_a_esd                 ? 
_cell.length_b                     46.606 
_cell.length_b_esd                 ? 
_cell.length_c                     87.541 
_cell.length_c_esd                 ? 
_cell.volume                       164674.289 
_cell.volume_esd                   ? 
_cell.Z_PDB                        6 
_cell.reciprocal_angle_alpha       ? 
_cell.reciprocal_angle_beta        ? 
_cell.reciprocal_angle_gamma       ? 
_cell.reciprocal_angle_alpha_esd   ? 
_cell.reciprocal_angle_beta_esd    ? 
_cell.reciprocal_angle_gamma_esd   ? 
_cell.reciprocal_length_a          ? 
_cell.reciprocal_length_b          ? 
_cell.reciprocal_length_c          ? 
_cell.reciprocal_length_a_esd      ? 
_cell.reciprocal_length_b_esd      ? 
_cell.reciprocal_length_c_esd      ? 
_cell.pdbx_unique_axis             ? 
_cell.pdbx_esd_method              ? 
# 
_symmetry.entry_id                         9MMF 
_symmetry.cell_setting                     ? 
_symmetry.Int_Tables_number                152 
_symmetry.space_group_name_Hall            
;P 31 2"
;
_symmetry.space_group_name_H-M             'P 31 2 1' 
_symmetry.pdbx_full_space_group_name_H-M   ? 
# 
_exptl.absorpt_coefficient_mu     ? 
_exptl.absorpt_correction_T_max   ? 
_exptl.absorpt_correction_T_min   ? 
_exptl.absorpt_correction_type    ? 
_exptl.absorpt_process_details    ? 
_exptl.entry_id                   9MMF 
_exptl.crystals_number            1 
_exptl.details                    ? 
_exptl.method                     'X-RAY DIFFRACTION' 
_exptl.method_details             ? 
# 
_exptl_crystal.colour                       ? 
_exptl_crystal.density_diffrn               ? 
_exptl_crystal.density_Matthews             2.84 
_exptl_crystal.density_method               ? 
_exptl_crystal.density_percent_sol          56.7 
_exptl_crystal.description                  'small prisms' 
_exptl_crystal.F_000                        ? 
_exptl_crystal.id                           1 
_exptl_crystal.preparation                  ? 
_exptl_crystal.size_max                     ? 
_exptl_crystal.size_mid                     ? 
_exptl_crystal.size_min                     ? 
_exptl_crystal.size_rad                     ? 
_exptl_crystal.colour_lustre                ? 
_exptl_crystal.colour_modifier              ? 
_exptl_crystal.colour_primary               ? 
_exptl_crystal.density_meas                 ? 
_exptl_crystal.density_meas_esd             ? 
_exptl_crystal.density_meas_gt              ? 
_exptl_crystal.density_meas_lt              ? 
_exptl_crystal.density_meas_temp            ? 
_exptl_crystal.density_meas_temp_esd        ? 
_exptl_crystal.density_meas_temp_gt         ? 
_exptl_crystal.density_meas_temp_lt         ? 
_exptl_crystal.pdbx_crystal_image_url       ? 
_exptl_crystal.pdbx_crystal_image_format    ? 
_exptl_crystal.pdbx_mosaicity               ? 
_exptl_crystal.pdbx_mosaicity_esd           ? 
_exptl_crystal.pdbx_mosaic_method           ? 
_exptl_crystal.pdbx_mosaic_block_size       ? 
_exptl_crystal.pdbx_mosaic_block_size_esd   ? 
# 
_exptl_crystal_grow.apparatus       ? 
_exptl_crystal_grow.atmosphere      ? 
_exptl_crystal_grow.crystal_id      1 
_exptl_crystal_grow.details         ? 
_exptl_crystal_grow.method          'VAPOR DIFFUSION, SITTING DROP' 
_exptl_crystal_grow.method_ref      ? 
_exptl_crystal_grow.pH              6.5 
_exptl_crystal_grow.pressure        ? 
_exptl_crystal_grow.pressure_esd    ? 
_exptl_crystal_grow.seeding         ? 
_exptl_crystal_grow.seeding_ref     ? 
_exptl_crystal_grow.temp_details    ? 
_exptl_crystal_grow.temp_esd        ? 
_exptl_crystal_grow.time            ? 
_exptl_crystal_grow.pdbx_details    '0.05 M sodium cacodylate, and 15% PEG 400' 
_exptl_crystal_grow.pdbx_pH_range   ? 
_exptl_crystal_grow.temp            285 
# 
_diffrn.ambient_environment              ? 
_diffrn.ambient_temp                     183 
_diffrn.ambient_temp_details             'Liquid Nitrogen' 
_diffrn.ambient_temp_esd                 ? 
_diffrn.crystal_id                       1 
_diffrn.crystal_support                  ? 
_diffrn.crystal_treatment                ? 
_diffrn.details                          ? 
_diffrn.id                               1 
_diffrn.ambient_pressure                 ? 
_diffrn.ambient_pressure_esd             ? 
_diffrn.ambient_pressure_gt              ? 
_diffrn.ambient_pressure_lt              ? 
_diffrn.ambient_temp_gt                  ? 
_diffrn.ambient_temp_lt                  ? 
_diffrn.pdbx_serial_crystal_experiment   N 
# 
_diffrn_detector.details                      ? 
_diffrn_detector.detector                     PIXEL 
_diffrn_detector.diffrn_id                    1 
_diffrn_detector.type                         'DECTRIS PILATUS 6M-F' 
_diffrn_detector.area_resol_mean              ? 
_diffrn_detector.dtime                        ? 
_diffrn_detector.pdbx_frames_total            ? 
_diffrn_detector.pdbx_collection_time_total   ? 
_diffrn_detector.pdbx_collection_date         2023-06-10 
_diffrn_detector.pdbx_frequency               ? 
_diffrn_detector.id                           ? 
_diffrn_detector.number_of_axes               ? 
# 
_diffrn_radiation.collimation                      ? 
_diffrn_radiation.diffrn_id                        1 
_diffrn_radiation.filter_edge                      ? 
_diffrn_radiation.inhomogeneity                    ? 
_diffrn_radiation.monochromator                    ? 
_diffrn_radiation.polarisn_norm                    ? 
_diffrn_radiation.polarisn_ratio                   ? 
_diffrn_radiation.probe                            ? 
_diffrn_radiation.type                             ? 
_diffrn_radiation.xray_symbol                      ? 
_diffrn_radiation.wavelength_id                    1 
_diffrn_radiation.pdbx_monochromatic_or_laue_m_l   M 
_diffrn_radiation.pdbx_wavelength_list             ? 
_diffrn_radiation.pdbx_wavelength                  ? 
_diffrn_radiation.pdbx_diffrn_protocol             'SINGLE WAVELENGTH' 
_diffrn_radiation.pdbx_analyzer                    ? 
_diffrn_radiation.pdbx_scattering_type             x-ray 
# 
_diffrn_radiation_wavelength.id           1 
_diffrn_radiation_wavelength.wavelength   0.920105 
_diffrn_radiation_wavelength.wt           1.0 
# 
_diffrn_source.current                     ? 
_diffrn_source.details                     ? 
_diffrn_source.diffrn_id                   1 
_diffrn_source.power                       ? 
_diffrn_source.size                        ? 
_diffrn_source.source                      SYNCHROTRON 
_diffrn_source.target                      ? 
_diffrn_source.type                        'NSLS-II BEAMLINE 17-ID-1' 
_diffrn_source.voltage                     ? 
_diffrn_source.take-off_angle              ? 
_diffrn_source.pdbx_wavelength_list        0.920105 
_diffrn_source.pdbx_wavelength             ? 
_diffrn_source.pdbx_synchrotron_beamline   17-ID-1 
_diffrn_source.pdbx_synchrotron_site       NSLS-II 
# 
_reflns.B_iso_Wilson_estimate                          41.07 
_reflns.entry_id                                       9MMF 
_reflns.data_reduction_details                         ? 
_reflns.data_reduction_method                          ? 
_reflns.d_resolution_high                              2.08 
_reflns.d_resolution_low                               40.362 
_reflns.details                                        ? 
_reflns.limit_h_max                                    ? 
_reflns.limit_h_min                                    ? 
_reflns.limit_k_max                                    ? 
_reflns.limit_k_min                                    ? 
_reflns.limit_l_max                                    ? 
_reflns.limit_l_min                                    ? 
_reflns.number_all                                     ? 
_reflns.number_obs                                     3772 
_reflns.observed_criterion                             ? 
_reflns.observed_criterion_F_max                       ? 
_reflns.observed_criterion_F_min                       ? 
_reflns.observed_criterion_I_max                       ? 
_reflns.observed_criterion_I_min                       ? 
_reflns.observed_criterion_sigma_F                     ? 
_reflns.observed_criterion_sigma_I                     ? 
_reflns.percent_possible_obs                           90.5 
_reflns.R_free_details                                 ? 
_reflns.Rmerge_F_all                                   ? 
_reflns.Rmerge_F_obs                                   ? 
_reflns.Friedel_coverage                               ? 
_reflns.number_gt                                      ? 
_reflns.threshold_expression                           ? 
_reflns.pdbx_redundancy                                9.5 
_reflns.pdbx_netI_over_av_sigmaI                       ? 
_reflns.pdbx_netI_over_sigmaI                          12.0 
_reflns.pdbx_res_netI_over_av_sigmaI_2                 ? 
_reflns.pdbx_res_netI_over_sigmaI_2                    ? 
_reflns.pdbx_chi_squared                               ? 
_reflns.pdbx_scaling_rejects                           ? 
_reflns.pdbx_d_res_high_opt                            ? 
_reflns.pdbx_d_res_low_opt                             ? 
_reflns.pdbx_d_res_opt_method                          ? 
_reflns.phase_calculation_details                      ? 
_reflns.pdbx_Rrim_I_all                                0.109 
_reflns.pdbx_Rpim_I_all                                ? 
_reflns.pdbx_d_opt                                     ? 
_reflns.pdbx_number_measured_all                       ? 
_reflns.pdbx_diffrn_id                                 1 
_reflns.pdbx_ordinal                                   1 
_reflns.pdbx_CC_half                                   0.998 
_reflns.pdbx_CC_star                                   ? 
_reflns.pdbx_R_split                                   ? 
_reflns.pdbx_Rmerge_I_obs                              0.103 
_reflns.pdbx_Rmerge_I_all                              ? 
_reflns.pdbx_Rsym_value                                ? 
_reflns.pdbx_CC_split_method                           ? 
_reflns.pdbx_aniso_diffraction_limit_axis_1_ortho[1]   ? 
_reflns.pdbx_aniso_diffraction_limit_axis_1_ortho[2]   ? 
_reflns.pdbx_aniso_diffraction_limit_axis_1_ortho[3]   ? 
_reflns.pdbx_aniso_diffraction_limit_axis_2_ortho[1]   ? 
_reflns.pdbx_aniso_diffraction_limit_axis_2_ortho[2]   ? 
_reflns.pdbx_aniso_diffraction_limit_axis_2_ortho[3]   ? 
_reflns.pdbx_aniso_diffraction_limit_axis_3_ortho[1]   ? 
_reflns.pdbx_aniso_diffraction_limit_axis_3_ortho[2]   ? 
_reflns.pdbx_aniso_diffraction_limit_axis_3_ortho[3]   ? 
_reflns.pdbx_aniso_diffraction_limit_1                 ? 
_reflns.pdbx_aniso_diffraction_limit_2                 ? 
_reflns.pdbx_aniso_diffraction_limit_3                 ? 
_reflns.pdbx_aniso_B_tensor_eigenvector_1_ortho[1]     ? 
_reflns.pdbx_aniso_B_tensor_eigenvector_1_ortho[2]     ? 
_reflns.pdbx_aniso_B_tensor_eigenvector_1_ortho[3]     ? 
_reflns.pdbx_aniso_B_tensor_eigenvector_2_ortho[1]     ? 
_reflns.pdbx_aniso_B_tensor_eigenvector_2_ortho[2]     ? 
_reflns.pdbx_aniso_B_tensor_eigenvector_2_ortho[3]     ? 
_reflns.pdbx_aniso_B_tensor_eigenvector_3_ortho[1]     ? 
_reflns.pdbx_aniso_B_tensor_eigenvector_3_ortho[2]     ? 
_reflns.pdbx_aniso_B_tensor_eigenvector_3_ortho[3]     ? 
_reflns.pdbx_aniso_B_tensor_eigenvalue_1               ? 
_reflns.pdbx_aniso_B_tensor_eigenvalue_2               ? 
_reflns.pdbx_aniso_B_tensor_eigenvalue_3               ? 
_reflns.pdbx_orthogonalization_convention              ? 
_reflns.pdbx_percent_possible_ellipsoidal              ? 
_reflns.pdbx_percent_possible_spherical                ? 
_reflns.pdbx_percent_possible_ellipsoidal_anomalous    ? 
_reflns.pdbx_percent_possible_spherical_anomalous      ? 
_reflns.pdbx_redundancy_anomalous                      ? 
_reflns.pdbx_CC_half_anomalous                         ? 
_reflns.pdbx_absDiff_over_sigma_anomalous              ? 
_reflns.pdbx_percent_possible_anomalous                ? 
_reflns.pdbx_observed_signal_threshold                 ? 
_reflns.pdbx_signal_type                               ? 
_reflns.pdbx_signal_details                            ? 
_reflns.pdbx_signal_software_id                        ? 
# 
_reflns_shell.d_res_high                                    2.08 
_reflns_shell.d_res_low                                     2.300 
_reflns_shell.meanI_over_sigI_all                           ? 
_reflns_shell.meanI_over_sigI_obs                           ? 
_reflns_shell.number_measured_all                           ? 
_reflns_shell.number_measured_obs                           ? 
_reflns_shell.number_possible                               ? 
_reflns_shell.number_unique_all                             ? 
_reflns_shell.number_unique_obs                             201 
_reflns_shell.percent_possible_obs                          ? 
_reflns_shell.Rmerge_F_all                                  ? 
_reflns_shell.Rmerge_F_obs                                  ? 
_reflns_shell.meanI_over_sigI_gt                            ? 
_reflns_shell.meanI_over_uI_all                             ? 
_reflns_shell.meanI_over_uI_gt                              ? 
_reflns_shell.number_measured_gt                            ? 
_reflns_shell.number_unique_gt                              ? 
_reflns_shell.percent_possible_gt                           ? 
_reflns_shell.Rmerge_F_gt                                   ? 
_reflns_shell.Rmerge_I_gt                                   ? 
_reflns_shell.pdbx_redundancy                               ? 
_reflns_shell.pdbx_chi_squared                              ? 
_reflns_shell.pdbx_netI_over_sigmaI_all                     ? 
_reflns_shell.pdbx_netI_over_sigmaI_obs                     ? 
_reflns_shell.pdbx_Rrim_I_all                               1.478 
_reflns_shell.pdbx_Rpim_I_all                               0.487 
_reflns_shell.pdbx_rejects                                  ? 
_reflns_shell.pdbx_ordinal                                  1 
_reflns_shell.pdbx_diffrn_id                                1 
_reflns_shell.pdbx_CC_half                                  0.816 
_reflns_shell.pdbx_CC_star                                  ? 
_reflns_shell.pdbx_R_split                                  ? 
_reflns_shell.percent_possible_all                          88.1 
_reflns_shell.Rmerge_I_all                                  ? 
_reflns_shell.Rmerge_I_obs                                  1.392 
_reflns_shell.pdbx_Rsym_value                               ? 
_reflns_shell.pdbx_percent_possible_ellipsoidal             ? 
_reflns_shell.pdbx_percent_possible_spherical               ? 
_reflns_shell.pdbx_percent_possible_ellipsoidal_anomalous   ? 
_reflns_shell.pdbx_percent_possible_spherical_anomalous     ? 
_reflns_shell.pdbx_redundancy_anomalous                     ? 
_reflns_shell.pdbx_CC_half_anomalous                        ? 
_reflns_shell.pdbx_absDiff_over_sigma_anomalous             ? 
_reflns_shell.pdbx_percent_possible_anomalous               ? 
# 
_refine.aniso_B[1][1]                            ? 
_refine.aniso_B[1][2]                            ? 
_refine.aniso_B[1][3]                            ? 
_refine.aniso_B[2][2]                            ? 
_refine.aniso_B[2][3]                            ? 
_refine.aniso_B[3][3]                            ? 
_refine.B_iso_max                                ? 
_refine.B_iso_mean                               44.28 
_refine.B_iso_min                                ? 
_refine.correlation_coeff_Fo_to_Fc               ? 
_refine.correlation_coeff_Fo_to_Fc_free          ? 
_refine.details                                  ? 
_refine.diff_density_max                         ? 
_refine.diff_density_max_esd                     ? 
_refine.diff_density_min                         ? 
_refine.diff_density_min_esd                     ? 
_refine.diff_density_rms                         ? 
_refine.diff_density_rms_esd                     ? 
_refine.entry_id                                 9MMF 
_refine.pdbx_refine_id                           'X-RAY DIFFRACTION' 
_refine.ls_abs_structure_details                 ? 
_refine.ls_abs_structure_Flack                   ? 
_refine.ls_abs_structure_Flack_esd               ? 
_refine.ls_abs_structure_Rogers                  ? 
_refine.ls_abs_structure_Rogers_esd              ? 
_refine.ls_d_res_high                            2.08 
_refine.ls_d_res_low                             29.67 
_refine.ls_extinction_coef                       ? 
_refine.ls_extinction_coef_esd                   ? 
_refine.ls_extinction_expression                 ? 
_refine.ls_extinction_method                     ? 
_refine.ls_goodness_of_fit_all                   ? 
_refine.ls_goodness_of_fit_all_esd               ? 
_refine.ls_goodness_of_fit_obs                   ? 
_refine.ls_goodness_of_fit_obs_esd               ? 
_refine.ls_hydrogen_treatment                    ? 
_refine.ls_matrix_type                           ? 
_refine.ls_number_constraints                    ? 
_refine.ls_number_parameters                     ? 
_refine.ls_number_reflns_all                     ? 
_refine.ls_number_reflns_obs                     3763 
_refine.ls_number_reflns_R_free                  168 
_refine.ls_number_reflns_R_work                  3595 
_refine.ls_number_restraints                     ? 
_refine.ls_percent_reflns_obs                    53.81 
_refine.ls_percent_reflns_R_free                 4.46 
_refine.ls_R_factor_all                          ? 
_refine.ls_R_factor_obs                          0.2039 
_refine.ls_R_factor_R_free                       0.2357 
_refine.ls_R_factor_R_free_error                 ? 
_refine.ls_R_factor_R_free_error_details         ? 
_refine.ls_R_factor_R_work                       0.2024 
_refine.ls_R_Fsqd_factor_obs                     ? 
_refine.ls_R_I_factor_obs                        ? 
_refine.ls_redundancy_reflns_all                 ? 
_refine.ls_redundancy_reflns_obs                 ? 
_refine.ls_restrained_S_all                      ? 
_refine.ls_restrained_S_obs                      ? 
_refine.ls_shift_over_esd_max                    ? 
_refine.ls_shift_over_esd_mean                   ? 
_refine.ls_structure_factor_coef                 ? 
_refine.ls_weighting_details                     ? 
_refine.ls_weighting_scheme                      ? 
_refine.ls_wR_factor_all                         ? 
_refine.ls_wR_factor_obs                         ? 
_refine.ls_wR_factor_R_free                      ? 
_refine.ls_wR_factor_R_work                      ? 
_refine.occupancy_max                            ? 
_refine.occupancy_min                            ? 
_refine.solvent_model_details                    'FLAT BULK SOLVENT MODEL' 
_refine.solvent_model_param_bsol                 ? 
_refine.solvent_model_param_ksol                 ? 
_refine.pdbx_R_complete                          ? 
_refine.ls_R_factor_gt                           ? 
_refine.ls_goodness_of_fit_gt                    ? 
_refine.ls_goodness_of_fit_ref                   ? 
_refine.ls_shift_over_su_max                     ? 
_refine.ls_shift_over_su_max_lt                  ? 
_refine.ls_shift_over_su_mean                    ? 
_refine.ls_shift_over_su_mean_lt                 ? 
_refine.pdbx_ls_sigma_I                          ? 
_refine.pdbx_ls_sigma_F                          1.34 
_refine.pdbx_ls_sigma_Fsqd                       ? 
_refine.pdbx_data_cutoff_high_absF               ? 
_refine.pdbx_data_cutoff_high_rms_absF           ? 
_refine.pdbx_data_cutoff_low_absF                ? 
_refine.pdbx_isotropic_thermal_model             ? 
_refine.pdbx_ls_cross_valid_method               'FREE R-VALUE' 
_refine.pdbx_method_to_determine_struct          'MOLECULAR REPLACEMENT' 
_refine.pdbx_starting_model                      ? 
_refine.pdbx_stereochemistry_target_values       'GeoStd + Monomer Library + CDL v1.2' 
_refine.pdbx_R_Free_selection_details            ? 
_refine.pdbx_stereochem_target_val_spec_case     ? 
_refine.pdbx_overall_ESU_R                       ? 
_refine.pdbx_overall_ESU_R_Free                  ? 
_refine.pdbx_solvent_vdw_probe_radii             1.1000 
_refine.pdbx_solvent_ion_probe_radii             ? 
_refine.pdbx_solvent_shrinkage_radii             0.9000 
_refine.pdbx_real_space_R                        ? 
_refine.pdbx_density_correlation                 ? 
_refine.pdbx_pd_number_of_powder_patterns        ? 
_refine.pdbx_pd_number_of_points                 ? 
_refine.pdbx_pd_meas_number_of_points            ? 
_refine.pdbx_pd_proc_ls_prof_R_factor            ? 
_refine.pdbx_pd_proc_ls_prof_wR_factor           ? 
_refine.pdbx_pd_Marquardt_correlation_coeff      ? 
_refine.pdbx_pd_Fsqrd_R_factor                   ? 
_refine.pdbx_pd_ls_matrix_band_width             ? 
_refine.pdbx_overall_phase_error                 24.4089 
_refine.pdbx_overall_SU_R_free_Cruickshank_DPI   ? 
_refine.pdbx_overall_SU_R_free_Blow_DPI          ? 
_refine.pdbx_overall_SU_R_Blow_DPI               ? 
_refine.pdbx_TLS_residual_ADP_flag               ? 
_refine.pdbx_diffrn_id                           1 
_refine.overall_SU_B                             ? 
_refine.overall_SU_ML                            0.2214 
_refine.overall_SU_R_Cruickshank_DPI             ? 
_refine.overall_SU_R_free                        ? 
_refine.overall_FOM_free_R_set                   ? 
_refine.overall_FOM_work_R_set                   ? 
_refine.pdbx_average_fsc_overall                 ? 
_refine.pdbx_average_fsc_work                    ? 
_refine.pdbx_average_fsc_free                    ? 
# 
_refine_hist.pdbx_refine_id                   'X-RAY DIFFRACTION' 
_refine_hist.cycle_id                         LAST 
_refine_hist.details                          ? 
_refine_hist.d_res_high                       2.08 
_refine_hist.d_res_low                        29.67 
_refine_hist.number_atoms_solvent             2 
_refine_hist.number_atoms_total               654 
_refine_hist.number_reflns_all                ? 
_refine_hist.number_reflns_obs                ? 
_refine_hist.number_reflns_R_free             ? 
_refine_hist.number_reflns_R_work             ? 
_refine_hist.R_factor_all                     ? 
_refine_hist.R_factor_obs                     ? 
_refine_hist.R_factor_R_free                  ? 
_refine_hist.R_factor_R_work                  ? 
_refine_hist.pdbx_number_residues_total       ? 
_refine_hist.pdbx_B_iso_mean_ligand           ? 
_refine_hist.pdbx_B_iso_mean_solvent          ? 
_refine_hist.pdbx_number_atoms_protein        0 
_refine_hist.pdbx_number_atoms_nucleic_acid   648 
_refine_hist.pdbx_number_atoms_ligand         4 
_refine_hist.pdbx_number_atoms_lipid          ? 
_refine_hist.pdbx_number_atoms_carb           ? 
_refine_hist.pdbx_pseudo_atom_details         ? 
# 
loop_
_refine_ls_restr.pdbx_refine_id 
_refine_ls_restr.criterion 
_refine_ls_restr.dev_ideal 
_refine_ls_restr.dev_ideal_target 
_refine_ls_restr.number 
_refine_ls_restr.rejects 
_refine_ls_restr.type 
_refine_ls_restr.weight 
_refine_ls_restr.pdbx_restraint_function 
'X-RAY DIFFRACTION' ? 0.0057  ? 728  ? f_bond_d           ? ? 
'X-RAY DIFFRACTION' ? 0.7645  ? 1130 ? f_angle_d          ? ? 
'X-RAY DIFFRACTION' ? 0.0375  ? 122  ? f_chiral_restr     ? ? 
'X-RAY DIFFRACTION' ? 0.0043  ? 30   ? f_plane_restr      ? ? 
'X-RAY DIFFRACTION' ? 33.1351 ? 305  ? f_dihedral_angle_d ? ? 
# 
_refine_ls_shell.pdbx_refine_id                   'X-RAY DIFFRACTION' 
_refine_ls_shell.d_res_high                       2.08 
_refine_ls_shell.d_res_low                        29.67 
_refine_ls_shell.number_reflns_all                ? 
_refine_ls_shell.number_reflns_obs                ? 
_refine_ls_shell.number_reflns_R_free             168 
_refine_ls_shell.number_reflns_R_work             3595 
_refine_ls_shell.percent_reflns_obs               53.81 
_refine_ls_shell.percent_reflns_R_free            ? 
_refine_ls_shell.R_factor_all                     ? 
_refine_ls_shell.R_factor_obs                     ? 
_refine_ls_shell.R_factor_R_free_error            ? 
_refine_ls_shell.R_factor_R_work                  0.2024 
_refine_ls_shell.redundancy_reflns_all            ? 
_refine_ls_shell.redundancy_reflns_obs            ? 
_refine_ls_shell.wR_factor_all                    ? 
_refine_ls_shell.wR_factor_obs                    ? 
_refine_ls_shell.wR_factor_R_free                 ? 
_refine_ls_shell.wR_factor_R_work                 ? 
_refine_ls_shell.pdbx_R_complete                  ? 
_refine_ls_shell.pdbx_total_number_of_bins_used   ? 
_refine_ls_shell.pdbx_phase_error                 ? 
_refine_ls_shell.pdbx_fsc_work                    ? 
_refine_ls_shell.pdbx_fsc_free                    ? 
_refine_ls_shell.R_factor_R_free                  0.2357 
# 
_struct.entry_id                     9MMF 
_struct.title                        'First structure of Five-tetrad G-Quadruplex' 
_struct.pdbx_model_details           ? 
_struct.pdbx_formula_weight          ? 
_struct.pdbx_formula_weight_method   ? 
_struct.pdbx_model_type_details      ? 
_struct.pdbx_CASP_flag               N 
# 
_struct_keywords.entry_id        9MMF 
_struct_keywords.text            'G-quadruplex, Five-terads, DNA, Hybrid, Interlocked Dimer' 
_struct_keywords.pdbx_keywords   DNA 
# 
loop_
_struct_asym.id 
_struct_asym.pdbx_blank_PDB_chainid_flag 
_struct_asym.pdbx_modified 
_struct_asym.entity_id 
_struct_asym.details 
A N N 1 ? 
B N N 2 ? 
C N N 2 ? 
D N N 2 ? 
E N N 2 ? 
F N N 3 ? 
# 
_struct_ref.id                         1 
_struct_ref.db_name                    PDB 
_struct_ref.db_code                    9MMF 
_struct_ref.pdbx_db_accession          9MMF 
_struct_ref.pdbx_db_isoform            ? 
_struct_ref.entity_id                  1 
_struct_ref.pdbx_seq_one_letter_code   ? 
_struct_ref.pdbx_align_begin           1 
# 
_struct_ref_seq.align_id                      1 
_struct_ref_seq.ref_id                        1 
_struct_ref_seq.pdbx_PDB_id_code              9MMF 
_struct_ref_seq.pdbx_strand_id                A 
_struct_ref_seq.seq_align_beg                 1 
_struct_ref_seq.pdbx_seq_align_beg_ins_code   ? 
_struct_ref_seq.seq_align_end                 31 
_struct_ref_seq.pdbx_seq_align_end_ins_code   ? 
_struct_ref_seq.pdbx_db_accession             9MMF 
_struct_ref_seq.db_align_beg                  1 
_struct_ref_seq.pdbx_db_align_beg_ins_code    ? 
_struct_ref_seq.db_align_end                  31 
_struct_ref_seq.pdbx_db_align_end_ins_code    ? 
_struct_ref_seq.pdbx_auth_seq_align_beg       1 
_struct_ref_seq.pdbx_auth_seq_align_end       31 
# 
_pdbx_struct_assembly.id                   1 
_pdbx_struct_assembly.details              author_and_software_defined_assembly 
_pdbx_struct_assembly.method_details       PISA 
_pdbx_struct_assembly.oligomeric_details   dimeric 
_pdbx_struct_assembly.oligomeric_count     2 
# 
loop_
_pdbx_struct_assembly_prop.biol_id 
_pdbx_struct_assembly_prop.type 
_pdbx_struct_assembly_prop.value 
_pdbx_struct_assembly_prop.details 
1 'ABSA (A^2)' 1820  ? 
1 MORE         -10   ? 
1 'SSA (A^2)'  10170 ? 
# 
_pdbx_struct_assembly_gen.assembly_id       1 
_pdbx_struct_assembly_gen.oper_expression   1,2 
_pdbx_struct_assembly_gen.asym_id_list      A,B,C,D,E,F 
# 
loop_
_pdbx_struct_assembly_auth_evidence.id 
_pdbx_struct_assembly_auth_evidence.assembly_id 
_pdbx_struct_assembly_auth_evidence.experimental_support 
_pdbx_struct_assembly_auth_evidence.details 
1 1 'native gel electrophoresis' ? 
2 1 'equilibrium centrifugation' ? 
# 
loop_
_pdbx_struct_oper_list.id 
_pdbx_struct_oper_list.type 
_pdbx_struct_oper_list.name 
_pdbx_struct_oper_list.symmetry_operation 
_pdbx_struct_oper_list.matrix[1][1] 
_pdbx_struct_oper_list.matrix[1][2] 
_pdbx_struct_oper_list.matrix[1][3] 
_pdbx_struct_oper_list.vector[1] 
_pdbx_struct_oper_list.matrix[2][1] 
_pdbx_struct_oper_list.matrix[2][2] 
_pdbx_struct_oper_list.matrix[2][3] 
_pdbx_struct_oper_list.vector[2] 
_pdbx_struct_oper_list.matrix[3][1] 
_pdbx_struct_oper_list.matrix[3][2] 
_pdbx_struct_oper_list.matrix[3][3] 
_pdbx_struct_oper_list.vector[3] 
1 'identity operation'         1_555 x,y,z      1.0000000000 0.0000000000  0.0000000000  0.0000000000  0.0000000000  1.0000000000  0.0000000000 0.0000000000   0.0000000000  0.0000000000 1.0000000000  0.0000000000  
2 'crystal symmetry operation' 4_465 y-1,x+1,-z 0.7128520301 -0.5609539956 -0.4209187546 -8.8101954547 -0.5609539956 -0.8162892184 0.1378496526 -22.7053755472 -0.4209187546 0.1378496526 -0.8965628117 -5.5922669383 
# 
loop_
_struct_conn.id 
_struct_conn.conn_type_id 
_struct_conn.pdbx_leaving_atom_flag 
_struct_conn.pdbx_PDB_id 
_struct_conn.ptnr1_label_asym_id 
_struct_conn.ptnr1_label_comp_id 
_struct_conn.ptnr1_label_seq_id 
_struct_conn.ptnr1_label_atom_id 
_struct_conn.pdbx_ptnr1_label_alt_id 
_struct_conn.pdbx_ptnr1_PDB_ins_code 
_struct_conn.pdbx_ptnr1_standard_comp_id 
_struct_conn.ptnr1_symmetry 
_struct_conn.ptnr2_label_asym_id 
_struct_conn.ptnr2_label_comp_id 
_struct_conn.ptnr2_label_seq_id 
_struct_conn.ptnr2_label_atom_id 
_struct_conn.pdbx_ptnr2_label_alt_id 
_struct_conn.pdbx_ptnr2_PDB_ins_code 
_struct_conn.ptnr1_auth_asym_id 
_struct_conn.ptnr1_auth_comp_id 
_struct_conn.ptnr1_auth_seq_id 
_struct_conn.ptnr2_auth_asym_id 
_struct_conn.ptnr2_auth_comp_id 
_struct_conn.ptnr2_auth_seq_id 
_struct_conn.ptnr2_symmetry 
_struct_conn.pdbx_ptnr3_label_atom_id 
_struct_conn.pdbx_ptnr3_label_seq_id 
_struct_conn.pdbx_ptnr3_label_comp_id 
_struct_conn.pdbx_ptnr3_label_asym_id 
_struct_conn.pdbx_ptnr3_label_alt_id 
_struct_conn.pdbx_ptnr3_PDB_ins_code 
_struct_conn.details 
_struct_conn.pdbx_dist_value 
_struct_conn.pdbx_value_order 
_struct_conn.pdbx_role 
metalc1  metalc ? ? A DG 2  O6 ? ? ? 1_555 D K  .  K  ? ? A DG 2  A K  103 1_555 ? ? ? ? ? ? ?           2.603 ? ? 
metalc2  metalc ? ? A DG 3  O6 ? ? ? 1_555 D K  .  K  ? ? A DG 3  A K  103 1_555 ? ? ? ? ? ? ?           2.754 ? ? 
metalc3  metalc ? ? A DG 3  O6 ? ? ? 1_555 E K  .  K  ? ? A DG 3  A K  104 1_555 ? ? ? ? ? ? ?           2.785 ? ? 
metalc4  metalc ? ? A DG 4  O6 ? ? ? 1_555 B K  .  K  ? ? A DG 4  A K  101 1_555 ? ? ? ? ? ? ?           2.666 ? ? 
metalc5  metalc ? ? A DG 4  O6 ? ? ? 1_555 E K  .  K  ? ? A DG 4  A K  104 1_555 ? ? ? ? ? ? ?           2.915 ? ? 
metalc6  metalc ? ? A DG 5  O6 ? ? ? 1_555 B K  .  K  ? ? A DG 5  A K  101 1_555 ? ? ? ? ? ? ?           3.133 ? ? 
metalc7  metalc ? ? A DG 5  O6 ? ? ? 1_555 C K  .  K  ? ? A DG 5  A K  102 1_555 ? ? ? ? ? ? ?           2.683 ? ? 
metalc8  metalc ? ? A DG 6  O6 ? ? ? 1_555 C K  .  K  ? ? A DG 6  A K  102 1_555 ? ? ? ? ? ? ?           3.054 ? ? 
metalc9  metalc ? ? A DG 10 O6 ? ? ? 1_555 C K  .  K  ? ? A DG 10 A K  102 1_555 ? ? ? ? ? ? ?           2.800 ? ? 
metalc10 metalc ? ? A DG 11 O6 ? ? ? 1_555 B K  .  K  ? ? A DG 11 A K  101 1_555 ? ? ? ? ? ? ?           2.909 ? ? 
metalc11 metalc ? ? A DG 11 O6 ? ? ? 1_555 C K  .  K  ? ? A DG 11 A K  102 1_555 ? ? ? ? ? ? ?           2.698 ? ? 
metalc12 metalc ? ? A DG 12 O6 ? ? ? 1_555 B K  .  K  ? ? A DG 12 A K  101 1_555 ? ? ? ? ? ? ?           2.629 ? ? 
metalc13 metalc ? ? A DG 12 O6 ? ? ? 1_555 E K  .  K  ? ? A DG 12 A K  104 1_555 ? ? ? ? ? ? ?           2.867 ? ? 
metalc14 metalc ? ? A DG 13 O6 ? ? ? 1_555 D K  .  K  ? ? A DG 13 A K  103 1_555 ? ? ? ? ? ? ?           3.086 ? ? 
metalc15 metalc ? ? A DG 13 O6 ? ? ? 1_555 E K  .  K  ? ? A DG 13 A K  104 1_555 ? ? ? ? ? ? ?           2.929 ? ? 
metalc16 metalc ? ? A DG 14 O6 ? ? ? 1_555 D K  .  K  ? ? A DG 14 A K  103 1_555 ? ? ? ? ? ? ?           2.693 ? ? 
metalc17 metalc ? ? A DG 18 O6 ? ? ? 1_555 D K  .  K  ? ? A DG 18 A K  103 1_555 ? ? ? ? ? ? ?           2.616 ? ? 
metalc18 metalc ? ? A DG 19 O6 ? ? ? 1_555 D K  .  K  ? ? A DG 19 A K  103 1_555 ? ? ? ? ? ? ?           3.179 ? ? 
metalc19 metalc ? ? A DG 19 O6 ? ? ? 1_555 E K  .  K  ? ? A DG 19 A K  104 1_555 ? ? ? ? ? ? ?           2.850 ? ? 
metalc20 metalc ? ? A DG 20 O6 ? ? ? 1_555 B K  .  K  ? ? A DG 20 A K  101 1_555 ? ? ? ? ? ? ?           2.839 ? ? 
metalc21 metalc ? ? A DG 20 O6 ? ? ? 1_555 E K  .  K  ? ? A DG 20 A K  104 1_555 ? ? ? ? ? ? ?           2.752 ? ? 
metalc22 metalc ? ? A DG 21 O6 ? ? ? 1_555 B K  .  K  ? ? A DG 21 A K  101 1_555 ? ? ? ? ? ? ?           2.520 ? ? 
metalc23 metalc ? ? A DG 21 O6 ? ? ? 1_555 C K  .  K  ? ? A DG 21 A K  102 1_555 ? ? ? ? ? ? ?           3.296 ? ? 
metalc24 metalc ? ? A DG 22 O6 ? ? ? 1_555 C K  .  K  ? ? A DG 22 A K  102 1_555 ? ? ? ? ? ? ?           2.658 ? ? 
metalc25 metalc ? ? A DG 26 O6 ? ? ? 1_555 D K  .  K  ? ? A DG 26 A K  103 4_465 ? ? ? ? ? ? ?           2.726 ? ? 
metalc26 metalc ? ? A DG 27 O6 ? ? ? 1_555 D K  .  K  ? ? A DG 27 A K  103 1_555 ? ? ? ? ? ? ?           2.936 ? ? 
metalc27 metalc ? ? A DG 27 O6 ? ? ? 1_555 E K  .  K  ? ? A DG 27 A K  104 1_555 ? ? ? ? ? ? ?           2.883 ? ? 
metalc28 metalc ? ? A DG 28 O6 ? ? ? 1_555 B K  .  K  ? ? A DG 28 A K  101 1_555 ? ? ? ? ? ? ?           2.864 ? ? 
metalc29 metalc ? ? A DG 28 O6 ? ? ? 1_555 E K  .  K  ? ? A DG 28 A K  104 1_555 ? ? ? ? ? ? ?           2.764 ? ? 
metalc30 metalc ? ? A DG 29 O6 ? ? ? 1_555 B K  .  K  ? ? A DG 29 A K  101 1_555 ? ? ? ? ? ? ?           2.768 ? ? 
metalc31 metalc ? ? A DG 29 O6 ? ? ? 1_555 C K  .  K  ? ? A DG 29 A K  102 1_555 ? ? ? ? ? ? ?           2.831 ? ? 
metalc32 metalc ? ? A DG 30 O6 ? ? ? 1_555 C K  .  K  ? ? A DG 30 A K  102 1_555 ? ? ? ? ? ? ?           2.726 ? ? 
hydrog1  hydrog ? ? A DG 2  N7 ? ? ? 1_555 A DG 14 N2 ? ? A DG 2  A DG 14  1_555 ? ? ? ? ? ? TYPE_6_PAIR ?     ? ? 
hydrog2  hydrog ? ? A DG 2  O6 ? ? ? 1_555 A DG 14 N1 ? ? A DG 2  A DG 14  1_555 ? ? ? ? ? ? TYPE_6_PAIR ?     ? ? 
hydrog3  hydrog ? ? A DG 3  N1 ? ? ? 1_555 A DG 13 O6 ? ? A DG 3  A DG 13  1_555 ? ? ? ? ? ? TYPE_6_PAIR ?     ? ? 
hydrog4  hydrog ? ? A DG 3  N2 ? ? ? 1_555 A DG 13 N7 ? ? A DG 3  A DG 13  1_555 ? ? ? ? ? ? TYPE_6_PAIR ?     ? ? 
hydrog5  hydrog ? ? A DG 3  N7 ? ? ? 1_555 A DG 27 N2 ? ? A DG 3  A DG 27  1_555 ? ? ? ? ? ? TYPE_6_PAIR ?     ? ? 
hydrog6  hydrog ? ? A DG 3  O6 ? ? ? 1_555 A DG 27 N1 ? ? A DG 3  A DG 27  1_555 ? ? ? ? ? ? TYPE_6_PAIR ?     ? ? 
hydrog7  hydrog ? ? A DG 4  N1 ? ? ? 1_555 A DG 12 O6 ? ? A DG 4  A DG 12  1_555 ? ? ? ? ? ? TYPE_6_PAIR ?     ? ? 
hydrog8  hydrog ? ? A DG 4  N2 ? ? ? 1_555 A DG 12 N7 ? ? A DG 4  A DG 12  1_555 ? ? ? ? ? ? TYPE_6_PAIR ?     ? ? 
hydrog9  hydrog ? ? A DG 4  N7 ? ? ? 1_555 A DG 28 N2 ? ? A DG 4  A DG 28  1_555 ? ? ? ? ? ? TYPE_6_PAIR ?     ? ? 
hydrog10 hydrog ? ? A DG 4  O6 ? ? ? 1_555 A DG 28 N1 ? ? A DG 4  A DG 28  1_555 ? ? ? ? ? ? TYPE_6_PAIR ?     ? ? 
hydrog11 hydrog ? ? A DG 5  N1 ? ? ? 1_555 A DG 11 O6 ? ? A DG 5  A DG 11  1_555 ? ? ? ? ? ? TYPE_6_PAIR ?     ? ? 
hydrog12 hydrog ? ? A DG 5  N2 ? ? ? 1_555 A DG 11 N7 ? ? A DG 5  A DG 11  1_555 ? ? ? ? ? ? TYPE_6_PAIR ?     ? ? 
hydrog13 hydrog ? ? A DG 5  N7 ? ? ? 1_555 A DG 29 N2 ? ? A DG 5  A DG 29  1_555 ? ? ? ? ? ? TYPE_6_PAIR ?     ? ? 
hydrog14 hydrog ? ? A DG 5  O6 ? ? ? 1_555 A DG 29 N1 ? ? A DG 5  A DG 29  1_555 ? ? ? ? ? ? TYPE_6_PAIR ?     ? ? 
hydrog15 hydrog ? ? A DG 5  N7 ? ? ? 1_555 A DG 30 N2 ? ? A DG 5  A DG 30  1_555 ? ? ? ? ? ? TYPE_6_PAIR ?     ? ? 
hydrog16 hydrog ? ? A DG 5  O6 ? ? ? 1_555 A DG 30 N1 ? ? A DG 5  A DG 30  1_555 ? ? ? ? ? ? TYPE_6_PAIR ?     ? ? 
hydrog17 hydrog ? ? A DG 6  N1 ? ? ? 1_555 A DG 10 O6 ? ? A DG 6  A DG 10  1_555 ? ? ? ? ? ? TYPE_6_PAIR ?     ? ? 
hydrog18 hydrog ? ? A DG 6  N2 ? ? ? 1_555 A DG 10 N7 ? ? A DG 6  A DG 10  1_555 ? ? ? ? ? ? TYPE_6_PAIR ?     ? ? 
hydrog19 hydrog ? ? A DG 6  N7 ? ? ? 1_555 A DG 30 N2 ? ? A DG 6  A DG 30  1_555 ? ? ? ? ? ? TYPE_6_PAIR ?     ? ? 
hydrog20 hydrog ? ? A DG 6  O6 ? ? ? 1_555 A DG 30 N1 ? ? A DG 6  A DG 30  1_555 ? ? ? ? ? ? TYPE_6_PAIR ?     ? ? 
hydrog21 hydrog ? ? A DG 10 N1 ? ? ? 1_555 A DG 22 O6 ? ? A DG 10 A DG 22  1_555 ? ? ? ? ? ? TYPE_6_PAIR ?     ? ? 
hydrog22 hydrog ? ? A DG 10 N2 ? ? ? 1_555 A DG 22 N7 ? ? A DG 10 A DG 22  1_555 ? ? ? ? ? ? TYPE_6_PAIR ?     ? ? 
hydrog23 hydrog ? ? A DG 11 N1 ? ? ? 1_555 A DG 21 O6 ? ? A DG 11 A DG 21  1_555 ? ? ? ? ? ? TYPE_6_PAIR ?     ? ? 
hydrog24 hydrog ? ? A DG 11 N2 ? ? ? 1_555 A DG 21 N7 ? ? A DG 11 A DG 21  1_555 ? ? ? ? ? ? TYPE_6_PAIR ?     ? ? 
hydrog25 hydrog ? ? A DG 12 N1 ? ? ? 1_555 A DG 20 O6 ? ? A DG 12 A DG 20  1_555 ? ? ? ? ? ? TYPE_6_PAIR ?     ? ? 
hydrog26 hydrog ? ? A DG 12 N2 ? ? ? 1_555 A DG 20 N7 ? ? A DG 12 A DG 20  1_555 ? ? ? ? ? ? TYPE_6_PAIR ?     ? ? 
hydrog27 hydrog ? ? A DG 13 N1 ? ? ? 1_555 A DG 19 O6 ? ? A DG 13 A DG 19  1_555 ? ? ? ? ? ? TYPE_6_PAIR ?     ? ? 
hydrog28 hydrog ? ? A DG 13 N2 ? ? ? 1_555 A DG 19 N7 ? ? A DG 13 A DG 19  1_555 ? ? ? ? ? ? TYPE_6_PAIR ?     ? ? 
hydrog29 hydrog ? ? A DG 14 N7 ? ? ? 1_555 A DG 18 N2 ? ? A DG 14 A DG 18  1_555 ? ? ? ? ? ? TYPE_6_PAIR ?     ? ? 
hydrog30 hydrog ? ? A DG 14 O6 ? ? ? 1_555 A DG 18 N1 ? ? A DG 14 A DG 18  1_555 ? ? ? ? ? ? TYPE_6_PAIR ?     ? ? 
hydrog31 hydrog ? ? A DG 19 N1 ? ? ? 1_555 A DG 27 O6 ? ? A DG 19 A DG 27  1_555 ? ? ? ? ? ? TYPE_6_PAIR ?     ? ? 
hydrog32 hydrog ? ? A DG 19 N2 ? ? ? 1_555 A DG 27 N7 ? ? A DG 19 A DG 27  1_555 ? ? ? ? ? ? TYPE_6_PAIR ?     ? ? 
hydrog33 hydrog ? ? A DG 20 N1 ? ? ? 1_555 A DG 28 O6 ? ? A DG 20 A DG 28  1_555 ? ? ? ? ? ? TYPE_6_PAIR ?     ? ? 
hydrog34 hydrog ? ? A DG 20 N2 ? ? ? 1_555 A DG 28 N7 ? ? A DG 20 A DG 28  1_555 ? ? ? ? ? ? TYPE_6_PAIR ?     ? ? 
hydrog35 hydrog ? ? A DG 21 N1 ? ? ? 1_555 A DG 29 O6 ? ? A DG 21 A DG 29  1_555 ? ? ? ? ? ? TYPE_6_PAIR ?     ? ? 
hydrog36 hydrog ? ? A DG 21 N2 ? ? ? 1_555 A DG 29 N7 ? ? A DG 21 A DG 29  1_555 ? ? ? ? ? ? TYPE_6_PAIR ?     ? ? 
hydrog37 hydrog ? ? A DG 22 N1 ? ? ? 1_555 A DG 30 O6 ? ? A DG 22 A DG 30  1_555 ? ? ? ? ? ? TYPE_6_PAIR ?     ? ? 
hydrog38 hydrog ? ? A DG 22 N2 ? ? ? 1_555 A DG 30 N7 ? ? A DG 22 A DG 30  1_555 ? ? ? ? ? ? TYPE_6_PAIR ?     ? ? 
# 
loop_
_struct_conn_type.id 
_struct_conn_type.criteria 
_struct_conn_type.reference 
metalc ? ? 
hydrog ? ? 
# 
loop_
_pdbx_struct_conn_angle.id 
_pdbx_struct_conn_angle.ptnr1_label_atom_id 
_pdbx_struct_conn_angle.ptnr1_label_alt_id 
_pdbx_struct_conn_angle.ptnr1_label_asym_id 
_pdbx_struct_conn_angle.ptnr1_label_comp_id 
_pdbx_struct_conn_angle.ptnr1_label_seq_id 
_pdbx_struct_conn_angle.ptnr1_auth_atom_id 
_pdbx_struct_conn_angle.ptnr1_auth_asym_id 
_pdbx_struct_conn_angle.ptnr1_auth_comp_id 
_pdbx_struct_conn_angle.ptnr1_auth_seq_id 
_pdbx_struct_conn_angle.ptnr1_PDB_ins_code 
_pdbx_struct_conn_angle.ptnr1_symmetry 
_pdbx_struct_conn_angle.ptnr2_label_atom_id 
_pdbx_struct_conn_angle.ptnr2_label_alt_id 
_pdbx_struct_conn_angle.ptnr2_label_asym_id 
_pdbx_struct_conn_angle.ptnr2_label_comp_id 
_pdbx_struct_conn_angle.ptnr2_label_seq_id 
_pdbx_struct_conn_angle.ptnr2_auth_atom_id 
_pdbx_struct_conn_angle.ptnr2_auth_asym_id 
_pdbx_struct_conn_angle.ptnr2_auth_comp_id 
_pdbx_struct_conn_angle.ptnr2_auth_seq_id 
_pdbx_struct_conn_angle.ptnr2_PDB_ins_code 
_pdbx_struct_conn_angle.ptnr2_symmetry 
_pdbx_struct_conn_angle.ptnr3_label_atom_id 
_pdbx_struct_conn_angle.ptnr3_label_alt_id 
_pdbx_struct_conn_angle.ptnr3_label_asym_id 
_pdbx_struct_conn_angle.ptnr3_label_comp_id 
_pdbx_struct_conn_angle.ptnr3_label_seq_id 
_pdbx_struct_conn_angle.ptnr3_auth_atom_id 
_pdbx_struct_conn_angle.ptnr3_auth_asym_id 
_pdbx_struct_conn_angle.ptnr3_auth_comp_id 
_pdbx_struct_conn_angle.ptnr3_auth_seq_id 
_pdbx_struct_conn_angle.ptnr3_PDB_ins_code 
_pdbx_struct_conn_angle.ptnr3_symmetry 
_pdbx_struct_conn_angle.value 
_pdbx_struct_conn_angle.value_esd 
1   O6 ? A DG 2  ? A DG 2  ? 1_555 K ? D K . ? A K 103 ? 1_555 O6 ? A DG 3  ? A DG 3  ? 1_555 76.6  ? 
2   O6 ? A DG 2  ? A DG 2  ? 1_555 K ? D K . ? A K 103 ? 1_555 O6 ? A DG 13 ? A DG 13 ? 1_555 111.6 ? 
3   O6 ? A DG 3  ? A DG 3  ? 1_555 K ? D K . ? A K 103 ? 1_555 O6 ? A DG 13 ? A DG 13 ? 1_555 67.8  ? 
4   O6 ? A DG 2  ? A DG 2  ? 1_555 K ? D K . ? A K 103 ? 1_555 O6 ? A DG 14 ? A DG 14 ? 1_555 76.6  ? 
5   O6 ? A DG 3  ? A DG 3  ? 1_555 K ? D K . ? A K 103 ? 1_555 O6 ? A DG 14 ? A DG 14 ? 1_555 117.6 ? 
6   O6 ? A DG 13 ? A DG 13 ? 1_555 K ? D K . ? A K 103 ? 1_555 O6 ? A DG 14 ? A DG 14 ? 1_555 71.8  ? 
7   O6 ? A DG 2  ? A DG 2  ? 1_555 K ? D K . ? A K 103 ? 1_555 O6 ? A DG 18 ? A DG 18 ? 1_555 114.6 ? 
8   O6 ? A DG 3  ? A DG 3  ? 1_555 K ? D K . ? A K 103 ? 1_555 O6 ? A DG 18 ? A DG 18 ? 1_555 167.2 ? 
9   O6 ? A DG 13 ? A DG 13 ? 1_555 K ? D K . ? A K 103 ? 1_555 O6 ? A DG 18 ? A DG 18 ? 1_555 111.1 ? 
10  O6 ? A DG 14 ? A DG 14 ? 1_555 K ? D K . ? A K 103 ? 1_555 O6 ? A DG 18 ? A DG 18 ? 1_555 72.6  ? 
11  O6 ? A DG 2  ? A DG 2  ? 1_555 K ? D K . ? A K 103 ? 1_555 O6 ? A DG 19 ? A DG 19 ? 1_555 174.4 ? 
12  O6 ? A DG 3  ? A DG 3  ? 1_555 K ? D K . ? A K 103 ? 1_555 O6 ? A DG 19 ? A DG 19 ? 1_555 101.9 ? 
13  O6 ? A DG 13 ? A DG 13 ? 1_555 K ? D K . ? A K 103 ? 1_555 O6 ? A DG 19 ? A DG 19 ? 1_555 63.0  ? 
14  O6 ? A DG 14 ? A DG 14 ? 1_555 K ? D K . ? A K 103 ? 1_555 O6 ? A DG 19 ? A DG 19 ? 1_555 99.6  ? 
15  O6 ? A DG 18 ? A DG 18 ? 1_555 K ? D K . ? A K 103 ? 1_555 O6 ? A DG 19 ? A DG 19 ? 1_555 67.5  ? 
16  O6 ? A DG 2  ? A DG 2  ? 1_555 K ? D K . ? A K 103 ? 1_555 O6 ? A DG 26 ? A DG 26 ? 1_555 93.1  ? 
17  O6 ? A DG 3  ? A DG 3  ? 1_555 K ? D K . ? A K 103 ? 1_555 O6 ? A DG 26 ? A DG 26 ? 1_555 93.5  ? 
18  O6 ? A DG 13 ? A DG 13 ? 1_555 K ? D K . ? A K 103 ? 1_555 O6 ? A DG 26 ? A DG 26 ? 1_555 143.2 ? 
19  O6 ? A DG 14 ? A DG 14 ? 1_555 K ? D K . ? A K 103 ? 1_555 O6 ? A DG 26 ? A DG 26 ? 1_555 143.0 ? 
20  O6 ? A DG 18 ? A DG 18 ? 1_555 K ? D K . ? A K 103 ? 1_555 O6 ? A DG 26 ? A DG 26 ? 1_555 80.1  ? 
21  O6 ? A DG 19 ? A DG 19 ? 1_555 K ? D K . ? A K 103 ? 1_555 O6 ? A DG 26 ? A DG 26 ? 1_555 92.3  ? 
22  O6 ? A DG 2  ? A DG 2  ? 1_555 K ? D K . ? A K 103 ? 1_555 O6 ? A DG 27 ? A DG 27 ? 1_555 117.5 ? 
23  O6 ? A DG 3  ? A DG 3  ? 1_555 K ? D K . ? A K 103 ? 1_555 O6 ? A DG 27 ? A DG 27 ? 1_555 72.8  ? 
24  O6 ? A DG 13 ? A DG 13 ? 1_555 K ? D K . ? A K 103 ? 1_555 O6 ? A DG 27 ? A DG 27 ? 1_555 105.0 ? 
25  O6 ? A DG 14 ? A DG 14 ? 1_555 K ? D K . ? A K 103 ? 1_555 O6 ? A DG 27 ? A DG 27 ? 1_555 165.1 ? 
26  O6 ? A DG 18 ? A DG 18 ? 1_555 K ? D K . ? A K 103 ? 1_555 O6 ? A DG 27 ? A DG 27 ? 1_555 95.8  ? 
27  O6 ? A DG 19 ? A DG 19 ? 1_555 K ? D K . ? A K 103 ? 1_555 O6 ? A DG 27 ? A DG 27 ? 1_555 66.7  ? 
28  O6 ? A DG 26 ? A DG 26 ? 1_555 K ? D K . ? A K 103 ? 1_555 O6 ? A DG 27 ? A DG 27 ? 1_555 38.2  ? 
29  O6 ? A DG 3  ? A DG 3  ? 1_555 K ? E K . ? A K 104 ? 1_555 O6 ? A DG 4  ? A DG 4  ? 1_555 76.6  ? 
30  O6 ? A DG 3  ? A DG 3  ? 1_555 K ? E K . ? A K 104 ? 1_555 O6 ? A DG 12 ? A DG 12 ? 1_555 140.0 ? 
31  O6 ? A DG 4  ? A DG 4  ? 1_555 K ? E K . ? A K 104 ? 1_555 O6 ? A DG 12 ? A DG 12 ? 1_555 72.6  ? 
32  O6 ? A DG 3  ? A DG 3  ? 1_555 K ? E K . ? A K 104 ? 1_555 O6 ? A DG 13 ? A DG 13 ? 1_555 69.7  ? 
33  O6 ? A DG 4  ? A DG 4  ? 1_555 K ? E K . ? A K 104 ? 1_555 O6 ? A DG 13 ? A DG 13 ? 1_555 90.4  ? 
34  O6 ? A DG 12 ? A DG 12 ? 1_555 K ? E K . ? A K 104 ? 1_555 O6 ? A DG 13 ? A DG 13 ? 1_555 85.4  ? 
35  O6 ? A DG 3  ? A DG 3  ? 1_555 K ? E K . ? A K 104 ? 1_555 O6 ? A DG 19 ? A DG 19 ? 1_555 110.0 ? 
36  O6 ? A DG 4  ? A DG 4  ? 1_555 K ? E K . ? A K 104 ? 1_555 O6 ? A DG 19 ? A DG 19 ? 1_555 153.1 ? 
37  O6 ? A DG 12 ? A DG 12 ? 1_555 K ? E K . ? A K 104 ? 1_555 O6 ? A DG 19 ? A DG 19 ? 1_555 88.2  ? 
38  O6 ? A DG 13 ? A DG 13 ? 1_555 K ? E K . ? A K 104 ? 1_555 O6 ? A DG 19 ? A DG 19 ? 1_555 69.1  ? 
39  O6 ? A DG 3  ? A DG 3  ? 1_555 K ? E K . ? A K 104 ? 1_555 O6 ? A DG 20 ? A DG 20 ? 1_555 151.8 ? 
40  O6 ? A DG 4  ? A DG 4  ? 1_555 K ? E K . ? A K 104 ? 1_555 O6 ? A DG 20 ? A DG 20 ? 1_555 102.8 ? 
41  O6 ? A DG 12 ? A DG 12 ? 1_555 K ? E K . ? A K 104 ? 1_555 O6 ? A DG 20 ? A DG 20 ? 1_555 62.0  ? 
42  O6 ? A DG 13 ? A DG 13 ? 1_555 K ? E K . ? A K 104 ? 1_555 O6 ? A DG 20 ? A DG 20 ? 1_555 138.1 ? 
43  O6 ? A DG 19 ? A DG 19 ? 1_555 K ? E K . ? A K 104 ? 1_555 O6 ? A DG 20 ? A DG 20 ? 1_555 83.5  ? 
44  O6 ? A DG 3  ? A DG 3  ? 1_555 K ? E K . ? A K 104 ? 1_555 O6 ? A DG 27 ? A DG 27 ? 1_555 73.2  ? 
45  O6 ? A DG 4  ? A DG 4  ? 1_555 K ? E K . ? A K 104 ? 1_555 O6 ? A DG 27 ? A DG 27 ? 1_555 133.6 ? 
46  O6 ? A DG 12 ? A DG 12 ? 1_555 K ? E K . ? A K 104 ? 1_555 O6 ? A DG 27 ? A DG 27 ? 1_555 146.6 ? 
47  O6 ? A DG 13 ? A DG 13 ? 1_555 K ? E K . ? A K 104 ? 1_555 O6 ? A DG 27 ? A DG 27 ? 1_555 110.6 ? 
48  O6 ? A DG 19 ? A DG 19 ? 1_555 K ? E K . ? A K 104 ? 1_555 O6 ? A DG 27 ? A DG 27 ? 1_555 71.9  ? 
49  O6 ? A DG 20 ? A DG 20 ? 1_555 K ? E K . ? A K 104 ? 1_555 O6 ? A DG 27 ? A DG 27 ? 1_555 88.7  ? 
50  O6 ? A DG 3  ? A DG 3  ? 1_555 K ? E K . ? A K 104 ? 1_555 O6 ? A DG 28 ? A DG 28 ? 1_555 87.4  ? 
51  O6 ? A DG 4  ? A DG 4  ? 1_555 K ? E K . ? A K 104 ? 1_555 O6 ? A DG 28 ? A DG 28 ? 1_555 65.8  ? 
52  O6 ? A DG 12 ? A DG 12 ? 1_555 K ? E K . ? A K 104 ? 1_555 O6 ? A DG 28 ? A DG 28 ? 1_555 102.3 ? 
53  O6 ? A DG 13 ? A DG 13 ? 1_555 K ? E K . ? A K 104 ? 1_555 O6 ? A DG 28 ? A DG 28 ? 1_555 150.6 ? 
54  O6 ? A DG 19 ? A DG 19 ? 1_555 K ? E K . ? A K 104 ? 1_555 O6 ? A DG 28 ? A DG 28 ? 1_555 138.6 ? 
55  O6 ? A DG 20 ? A DG 20 ? 1_555 K ? E K . ? A K 104 ? 1_555 O6 ? A DG 28 ? A DG 28 ? 1_555 67.6  ? 
56  O6 ? A DG 27 ? A DG 27 ? 1_555 K ? E K . ? A K 104 ? 1_555 O6 ? A DG 28 ? A DG 28 ? 1_555 78.3  ? 
57  O6 ? A DG 4  ? A DG 4  ? 1_555 K ? B K . ? A K 101 ? 1_555 O6 ? A DG 5  ? A DG 5  ? 1_555 75.6  ? 
58  O6 ? A DG 4  ? A DG 4  ? 1_555 K ? B K . ? A K 101 ? 1_555 O6 ? A DG 11 ? A DG 11 ? 1_555 135.5 ? 
59  O6 ? A DG 5  ? A DG 5  ? 1_555 K ? B K . ? A K 101 ? 1_555 O6 ? A DG 11 ? A DG 11 ? 1_555 70.5  ? 
60  O6 ? A DG 4  ? A DG 4  ? 1_555 K ? B K . ? A K 101 ? 1_555 O6 ? A DG 12 ? A DG 12 ? 1_555 80.6  ? 
61  O6 ? A DG 5  ? A DG 5  ? 1_555 K ? B K . ? A K 101 ? 1_555 O6 ? A DG 12 ? A DG 12 ? 1_555 101.1 ? 
62  O6 ? A DG 11 ? A DG 11 ? 1_555 K ? B K . ? A K 101 ? 1_555 O6 ? A DG 12 ? A DG 12 ? 1_555 78.5  ? 
63  O6 ? A DG 4  ? A DG 4  ? 1_555 K ? B K . ? A K 101 ? 1_555 O6 ? A DG 20 ? A DG 20 ? 1_555 107.1 ? 
64  O6 ? A DG 5  ? A DG 5  ? 1_555 K ? B K . ? A K 101 ? 1_555 O6 ? A DG 20 ? A DG 20 ? 1_555 163.2 ? 
65  O6 ? A DG 11 ? A DG 11 ? 1_555 K ? B K . ? A K 101 ? 1_555 O6 ? A DG 20 ? A DG 20 ? 1_555 98.1  ? 
66  O6 ? A DG 12 ? A DG 12 ? 1_555 K ? B K . ? A K 101 ? 1_555 O6 ? A DG 20 ? A DG 20 ? 1_555 63.8  ? 
67  O6 ? A DG 4  ? A DG 4  ? 1_555 K ? B K . ? A K 101 ? 1_555 O6 ? A DG 21 ? A DG 21 ? 1_555 152.5 ? 
68  O6 ? A DG 5  ? A DG 5  ? 1_555 K ? B K . ? A K 101 ? 1_555 O6 ? A DG 21 ? A DG 21 ? 1_555 113.0 ? 
69  O6 ? A DG 11 ? A DG 11 ? 1_555 K ? B K . ? A K 101 ? 1_555 O6 ? A DG 21 ? A DG 21 ? 1_555 69.9  ? 
70  O6 ? A DG 12 ? A DG 12 ? 1_555 K ? B K . ? A K 101 ? 1_555 O6 ? A DG 21 ? A DG 21 ? 1_555 120.7 ? 
71  O6 ? A DG 20 ? A DG 20 ? 1_555 K ? B K . ? A K 101 ? 1_555 O6 ? A DG 21 ? A DG 21 ? 1_555 72.5  ? 
72  O6 ? A DG 4  ? A DG 4  ? 1_555 K ? B K . ? A K 101 ? 1_555 O6 ? A DG 28 ? A DG 28 ? 1_555 67.8  ? 
73  O6 ? A DG 5  ? A DG 5  ? 1_555 K ? B K . ? A K 101 ? 1_555 O6 ? A DG 28 ? A DG 28 ? 1_555 129.4 ? 
74  O6 ? A DG 11 ? A DG 11 ? 1_555 K ? B K . ? A K 101 ? 1_555 O6 ? A DG 28 ? A DG 28 ? 1_555 156.3 ? 
75  O6 ? A DG 12 ? A DG 12 ? 1_555 K ? B K . ? A K 101 ? 1_555 O6 ? A DG 28 ? A DG 28 ? 1_555 105.9 ? 
76  O6 ? A DG 20 ? A DG 20 ? 1_555 K ? B K . ? A K 101 ? 1_555 O6 ? A DG 28 ? A DG 28 ? 1_555 65.1  ? 
77  O6 ? A DG 21 ? A DG 21 ? 1_555 K ? B K . ? A K 101 ? 1_555 O6 ? A DG 28 ? A DG 28 ? 1_555 88.5  ? 
78  O6 ? A DG 4  ? A DG 4  ? 1_555 K ? B K . ? A K 101 ? 1_555 O6 ? A DG 29 ? A DG 29 ? 1_555 91.3  ? 
79  O6 ? A DG 5  ? A DG 5  ? 1_555 K ? B K . ? A K 101 ? 1_555 O6 ? A DG 29 ? A DG 29 ? 1_555 67.9  ? 
80  O6 ? A DG 11 ? A DG 11 ? 1_555 K ? B K . ? A K 101 ? 1_555 O6 ? A DG 29 ? A DG 29 ? 1_555 101.6 ? 
81  O6 ? A DG 12 ? A DG 12 ? 1_555 K ? B K . ? A K 101 ? 1_555 O6 ? A DG 29 ? A DG 29 ? 1_555 167.8 ? 
82  O6 ? A DG 20 ? A DG 20 ? 1_555 K ? B K . ? A K 101 ? 1_555 O6 ? A DG 29 ? A DG 29 ? 1_555 127.8 ? 
83  O6 ? A DG 21 ? A DG 21 ? 1_555 K ? B K . ? A K 101 ? 1_555 O6 ? A DG 29 ? A DG 29 ? 1_555 70.0  ? 
84  O6 ? A DG 28 ? A DG 28 ? 1_555 K ? B K . ? A K 101 ? 1_555 O6 ? A DG 29 ? A DG 29 ? 1_555 78.9  ? 
85  O6 ? A DG 5  ? A DG 5  ? 1_555 K ? C K . ? A K 102 ? 1_555 O6 ? A DG 6  ? A DG 6  ? 1_555 69.1  ? 
86  O6 ? A DG 5  ? A DG 5  ? 1_555 K ? C K . ? A K 102 ? 1_555 O6 ? A DG 10 ? A DG 10 ? 1_555 128.7 ? 
87  O6 ? A DG 6  ? A DG 6  ? 1_555 K ? C K . ? A K 102 ? 1_555 O6 ? A DG 10 ? A DG 10 ? 1_555 75.1  ? 
88  O6 ? A DG 5  ? A DG 5  ? 1_555 K ? C K . ? A K 102 ? 1_555 O6 ? A DG 11 ? A DG 11 ? 1_555 80.9  ? 
89  O6 ? A DG 6  ? A DG 6  ? 1_555 K ? C K . ? A K 102 ? 1_555 O6 ? A DG 11 ? A DG 11 ? 1_555 102.7 ? 
90  O6 ? A DG 10 ? A DG 10 ? 1_555 K ? C K . ? A K 102 ? 1_555 O6 ? A DG 11 ? A DG 11 ? 1_555 72.4  ? 
91  O6 ? A DG 5  ? A DG 5  ? 1_555 K ? C K . ? A K 102 ? 1_555 O6 ? A DG 21 ? A DG 21 ? 1_555 104.0 ? 
92  O6 ? A DG 6  ? A DG 6  ? 1_555 K ? C K . ? A K 102 ? 1_555 O6 ? A DG 21 ? A DG 21 ? 1_555 164.4 ? 
93  O6 ? A DG 10 ? A DG 10 ? 1_555 K ? C K . ? A K 102 ? 1_555 O6 ? A DG 21 ? A DG 21 ? 1_555 100.9 ? 
94  O6 ? A DG 11 ? A DG 11 ? 1_555 K ? C K . ? A K 102 ? 1_555 O6 ? A DG 21 ? A DG 21 ? 1_555 62.0  ? 
95  O6 ? A DG 5  ? A DG 5  ? 1_555 K ? C K . ? A K 102 ? 1_555 O6 ? A DG 22 ? A DG 22 ? 1_555 159.4 ? 
96  O6 ? A DG 6  ? A DG 6  ? 1_555 K ? C K . ? A K 102 ? 1_555 O6 ? A DG 22 ? A DG 22 ? 1_555 119.2 ? 
97  O6 ? A DG 10 ? A DG 10 ? 1_555 K ? C K . ? A K 102 ? 1_555 O6 ? A DG 22 ? A DG 22 ? 1_555 71.5  ? 
98  O6 ? A DG 11 ? A DG 11 ? 1_555 K ? C K . ? A K 102 ? 1_555 O6 ? A DG 22 ? A DG 22 ? 1_555 113.1 ? 
99  O6 ? A DG 21 ? A DG 21 ? 1_555 K ? C K . ? A K 102 ? 1_555 O6 ? A DG 22 ? A DG 22 ? 1_555 72.3  ? 
100 O6 ? A DG 5  ? A DG 5  ? 1_555 K ? C K . ? A K 102 ? 1_555 O6 ? A DG 29 ? A DG 29 ? 1_555 73.7  ? 
101 O6 ? A DG 6  ? A DG 6  ? 1_555 K ? C K . ? A K 102 ? 1_555 O6 ? A DG 29 ? A DG 29 ? 1_555 128.4 ? 
102 O6 ? A DG 10 ? A DG 10 ? 1_555 K ? C K . ? A K 102 ? 1_555 O6 ? A DG 29 ? A DG 29 ? 1_555 155.1 ? 
103 O6 ? A DG 11 ? A DG 11 ? 1_555 K ? C K . ? A K 102 ? 1_555 O6 ? A DG 29 ? A DG 29 ? 1_555 105.5 ? 
104 O6 ? A DG 21 ? A DG 21 ? 1_555 K ? C K . ? A K 102 ? 1_555 O6 ? A DG 29 ? A DG 29 ? 1_555 58.9  ? 
105 O6 ? A DG 22 ? A DG 22 ? 1_555 K ? C K . ? A K 102 ? 1_555 O6 ? A DG 29 ? A DG 29 ? 1_555 87.6  ? 
106 O6 ? A DG 5  ? A DG 5  ? 1_555 K ? C K . ? A K 102 ? 1_555 O6 ? A DG 30 ? A DG 30 ? 1_555 88.3  ? 
107 O6 ? A DG 6  ? A DG 6  ? 1_555 K ? C K . ? A K 102 ? 1_555 O6 ? A DG 30 ? A DG 30 ? 1_555 70.1  ? 
108 O6 ? A DG 10 ? A DG 10 ? 1_555 K ? C K . ? A K 102 ? 1_555 O6 ? A DG 30 ? A DG 30 ? 1_555 112.7 ? 
109 O6 ? A DG 11 ? A DG 11 ? 1_555 K ? C K . ? A K 102 ? 1_555 O6 ? A DG 30 ? A DG 30 ? 1_555 168.7 ? 
110 O6 ? A DG 21 ? A DG 21 ? 1_555 K ? C K . ? A K 102 ? 1_555 O6 ? A DG 30 ? A DG 30 ? 1_555 124.6 ? 
111 O6 ? A DG 22 ? A DG 22 ? 1_555 K ? C K . ? A K 102 ? 1_555 O6 ? A DG 30 ? A DG 30 ? 1_555 78.1  ? 
112 O6 ? A DG 29 ? A DG 29 ? 1_555 K ? C K . ? A K 102 ? 1_555 O6 ? A DG 30 ? A DG 30 ? 1_555 74.3  ? 
# 
_pdbx_entry_details.entry_id                   9MMF 
_pdbx_entry_details.nonpolymer_details         ? 
_pdbx_entry_details.sequence_details           ? 
_pdbx_entry_details.compound_details           ? 
_pdbx_entry_details.source_details             ? 
_pdbx_entry_details.has_ligand_of_interest     N 
_pdbx_entry_details.has_protein_modification   N 
# 
loop_
_pdbx_validate_rmsd_angle.id 
_pdbx_validate_rmsd_angle.PDB_model_num 
_pdbx_validate_rmsd_angle.auth_atom_id_1 
_pdbx_validate_rmsd_angle.auth_asym_id_1 
_pdbx_validate_rmsd_angle.auth_comp_id_1 
_pdbx_validate_rmsd_angle.auth_seq_id_1 
_pdbx_validate_rmsd_angle.PDB_ins_code_1 
_pdbx_validate_rmsd_angle.label_alt_id_1 
_pdbx_validate_rmsd_angle.auth_atom_id_2 
_pdbx_validate_rmsd_angle.auth_asym_id_2 
_pdbx_validate_rmsd_angle.auth_comp_id_2 
_pdbx_validate_rmsd_angle.auth_seq_id_2 
_pdbx_validate_rmsd_angle.PDB_ins_code_2 
_pdbx_validate_rmsd_angle.label_alt_id_2 
_pdbx_validate_rmsd_angle.auth_atom_id_3 
_pdbx_validate_rmsd_angle.auth_asym_id_3 
_pdbx_validate_rmsd_angle.auth_comp_id_3 
_pdbx_validate_rmsd_angle.auth_seq_id_3 
_pdbx_validate_rmsd_angle.PDB_ins_code_3 
_pdbx_validate_rmsd_angle.label_alt_id_3 
_pdbx_validate_rmsd_angle.angle_value 
_pdbx_validate_rmsd_angle.angle_target_value 
_pdbx_validate_rmsd_angle.angle_deviation 
_pdbx_validate_rmsd_angle.angle_standard_deviation 
_pdbx_validate_rmsd_angle.linker_flag 
1 1 "O4'" A DG 11 ? ? "C1'" A DG 11 ? ? N9 A DG 11 ? ? 111.33 108.30 3.03 0.30 N 
2 1 "O4'" A DG 12 ? ? "C1'" A DG 12 ? ? N9 A DG 12 ? ? 111.93 108.30 3.63 0.30 N 
# 
loop_
_space_group_symop.id 
_space_group_symop.operation_xyz 
1 x,y,z          
2 -y,x-y,z+1/3   
3 -x+y,-x,z+2/3  
4 x-y,-y,-z+2/3  
5 -x,-x+y,-z+1/3 
6 y,x,-z         
# 
_pdbx_refine_tls.id               1 
_pdbx_refine_tls.pdbx_refine_id   'X-RAY DIFFRACTION' 
_pdbx_refine_tls.details          ? 
_pdbx_refine_tls.method           refined 
_pdbx_refine_tls.origin_x         0.0569910342 
_pdbx_refine_tls.origin_y         -0.0000275638 
_pdbx_refine_tls.origin_z         -0.0055637529 
_pdbx_refine_tls.T[1][1]          0.404699273161 
_pdbx_refine_tls.T[1][1]_esd      ? 
_pdbx_refine_tls.T[1][2]          -0.138475772079 
_pdbx_refine_tls.T[1][2]_esd      ? 
_pdbx_refine_tls.T[1][3]          -0.017305196495 
_pdbx_refine_tls.T[1][3]_esd      ? 
_pdbx_refine_tls.T[2][2]          0.19233088851 
_pdbx_refine_tls.T[2][2]_esd      ? 
_pdbx_refine_tls.T[2][3]          0.048374097197 
_pdbx_refine_tls.T[2][3]_esd      ? 
_pdbx_refine_tls.T[3][3]          0.369271465664 
_pdbx_refine_tls.T[3][3]_esd      ? 
_pdbx_refine_tls.L[1][1]          3.72571354098 
_pdbx_refine_tls.L[1][1]_esd      ? 
_pdbx_refine_tls.L[1][2]          1.676346365165 
_pdbx_refine_tls.L[1][2]_esd      ? 
_pdbx_refine_tls.L[1][3]          1.181228400101 
_pdbx_refine_tls.L[1][3]_esd      ? 
_pdbx_refine_tls.L[2][2]          2.78510124818 
_pdbx_refine_tls.L[2][2]_esd      ? 
_pdbx_refine_tls.L[2][3]          0.05875964067 
_pdbx_refine_tls.L[2][3]_esd      ? 
_pdbx_refine_tls.L[3][3]          3.35592429840 
_pdbx_refine_tls.L[3][3]_esd      ? 
_pdbx_refine_tls.S[1][1]          0.169442685764 
_pdbx_refine_tls.S[1][1]_esd      ? 
_pdbx_refine_tls.S[1][2]          -0.277773744088 
_pdbx_refine_tls.S[1][2]_esd      ? 
_pdbx_refine_tls.S[1][3]          0.573401110793 
_pdbx_refine_tls.S[1][3]_esd      ? 
_pdbx_refine_tls.S[2][1]          0.01701473999 
_pdbx_refine_tls.S[2][1]_esd      ? 
_pdbx_refine_tls.S[2][2]          -0.208190442260 
_pdbx_refine_tls.S[2][2]_esd      ? 
_pdbx_refine_tls.S[2][3]          0.621245329463 
_pdbx_refine_tls.S[2][3]_esd      ? 
_pdbx_refine_tls.S[3][1]          -0.19012080453 
_pdbx_refine_tls.S[3][1]_esd      ? 
_pdbx_refine_tls.S[3][2]          -0.138324656581 
_pdbx_refine_tls.S[3][2]_esd      ? 
_pdbx_refine_tls.S[3][3]          -0.044289099915 
_pdbx_refine_tls.S[3][3]_esd      ? 
# 
_pdbx_refine_tls_group.id                  1 
_pdbx_refine_tls_group.pdbx_refine_id      'X-RAY DIFFRACTION' 
_pdbx_refine_tls_group.refine_tls_id       1 
_pdbx_refine_tls_group.beg_label_asym_id   A 
_pdbx_refine_tls_group.beg_label_seq_id    ? 
_pdbx_refine_tls_group.beg_auth_asym_id    A 
_pdbx_refine_tls_group.beg_auth_seq_id     1 
_pdbx_refine_tls_group.beg_PDB_ins_code    ? 
_pdbx_refine_tls_group.end_label_asym_id   F 
_pdbx_refine_tls_group.end_label_seq_id    ? 
_pdbx_refine_tls_group.end_auth_asym_id    C 
_pdbx_refine_tls_group.end_auth_seq_id     3 
_pdbx_refine_tls_group.end_PDB_ins_code    ? 
_pdbx_refine_tls_group.selection           ? 
_pdbx_refine_tls_group.selection_details   all 
# 
loop_
_chem_comp_atom.comp_id 
_chem_comp_atom.atom_id 
_chem_comp_atom.type_symbol 
_chem_comp_atom.pdbx_aromatic_flag 
_chem_comp_atom.pdbx_stereo_config 
_chem_comp_atom.pdbx_ordinal 
DG  OP3    O N N 1  
DG  P      P N N 2  
DG  OP1    O N N 3  
DG  OP2    O N N 4  
DG  "O5'"  O N N 5  
DG  "C5'"  C N N 6  
DG  "C4'"  C N R 7  
DG  "O4'"  O N N 8  
DG  "C3'"  C N S 9  
DG  "O3'"  O N N 10 
DG  "C2'"  C N N 11 
DG  "C1'"  C N R 12 
DG  N9     N Y N 13 
DG  C8     C Y N 14 
DG  N7     N Y N 15 
DG  C5     C Y N 16 
DG  C6     C N N 17 
DG  O6     O N N 18 
DG  N1     N N N 19 
DG  C2     C N N 20 
DG  N2     N N N 21 
DG  N3     N N N 22 
DG  C4     C Y N 23 
DG  HOP3   H N N 24 
DG  HOP2   H N N 25 
DG  "H5'"  H N N 26 
DG  "H5''" H N N 27 
DG  "H4'"  H N N 28 
DG  "H3'"  H N N 29 
DG  "HO3'" H N N 30 
DG  "H2'"  H N N 31 
DG  "H2''" H N N 32 
DG  "H1'"  H N N 33 
DG  H8     H N N 34 
DG  H1     H N N 35 
DG  H21    H N N 36 
DG  H22    H N N 37 
DT  OP3    O N N 38 
DT  P      P N N 39 
DT  OP1    O N N 40 
DT  OP2    O N N 41 
DT  "O5'"  O N N 42 
DT  "C5'"  C N N 43 
DT  "C4'"  C N R 44 
DT  "O4'"  O N N 45 
DT  "C3'"  C N S 46 
DT  "O3'"  O N N 47 
DT  "C2'"  C N N 48 
DT  "C1'"  C N R 49 
DT  N1     N N N 50 
DT  C2     C N N 51 
DT  O2     O N N 52 
DT  N3     N N N 53 
DT  C4     C N N 54 
DT  O4     O N N 55 
DT  C5     C N N 56 
DT  C7     C N N 57 
DT  C6     C N N 58 
DT  HOP3   H N N 59 
DT  HOP2   H N N 60 
DT  "H5'"  H N N 61 
DT  "H5''" H N N 62 
DT  "H4'"  H N N 63 
DT  "H3'"  H N N 64 
DT  "HO3'" H N N 65 
DT  "H2'"  H N N 66 
DT  "H2''" H N N 67 
DT  "H1'"  H N N 68 
DT  H3     H N N 69 
DT  H71    H N N 70 
DT  H72    H N N 71 
DT  H73    H N N 72 
DT  H6     H N N 73 
HOH O      O N N 74 
HOH H1     H N N 75 
HOH H2     H N N 76 
K   K      K N N 77 
# 
loop_
_chem_comp_bond.comp_id 
_chem_comp_bond.atom_id_1 
_chem_comp_bond.atom_id_2 
_chem_comp_bond.value_order 
_chem_comp_bond.pdbx_aromatic_flag 
_chem_comp_bond.pdbx_stereo_config 
_chem_comp_bond.pdbx_ordinal 
DG  OP3   P      sing N N 1  
DG  OP3   HOP3   sing N N 2  
DG  P     OP1    doub N N 3  
DG  P     OP2    sing N N 4  
DG  P     "O5'"  sing N N 5  
DG  OP2   HOP2   sing N N 6  
DG  "O5'" "C5'"  sing N N 7  
DG  "C5'" "C4'"  sing N N 8  
DG  "C5'" "H5'"  sing N N 9  
DG  "C5'" "H5''" sing N N 10 
DG  "C4'" "O4'"  sing N N 11 
DG  "C4'" "C3'"  sing N N 12 
DG  "C4'" "H4'"  sing N N 13 
DG  "O4'" "C1'"  sing N N 14 
DG  "C3'" "O3'"  sing N N 15 
DG  "C3'" "C2'"  sing N N 16 
DG  "C3'" "H3'"  sing N N 17 
DG  "O3'" "HO3'" sing N N 18 
DG  "C2'" "C1'"  sing N N 19 
DG  "C2'" "H2'"  sing N N 20 
DG  "C2'" "H2''" sing N N 21 
DG  "C1'" N9     sing N N 22 
DG  "C1'" "H1'"  sing N N 23 
DG  N9    C8     sing Y N 24 
DG  N9    C4     sing Y N 25 
DG  C8    N7     doub Y N 26 
DG  C8    H8     sing N N 27 
DG  N7    C5     sing Y N 28 
DG  C5    C6     sing N N 29 
DG  C5    C4     doub Y N 30 
DG  C6    O6     doub N N 31 
DG  C6    N1     sing N N 32 
DG  N1    C2     sing N N 33 
DG  N1    H1     sing N N 34 
DG  C2    N2     sing N N 35 
DG  C2    N3     doub N N 36 
DG  N2    H21    sing N N 37 
DG  N2    H22    sing N N 38 
DG  N3    C4     sing N N 39 
DT  OP3   P      sing N N 40 
DT  OP3   HOP3   sing N N 41 
DT  P     OP1    doub N N 42 
DT  P     OP2    sing N N 43 
DT  P     "O5'"  sing N N 44 
DT  OP2   HOP2   sing N N 45 
DT  "O5'" "C5'"  sing N N 46 
DT  "C5'" "C4'"  sing N N 47 
DT  "C5'" "H5'"  sing N N 48 
DT  "C5'" "H5''" sing N N 49 
DT  "C4'" "O4'"  sing N N 50 
DT  "C4'" "C3'"  sing N N 51 
DT  "C4'" "H4'"  sing N N 52 
DT  "O4'" "C1'"  sing N N 53 
DT  "C3'" "O3'"  sing N N 54 
DT  "C3'" "C2'"  sing N N 55 
DT  "C3'" "H3'"  sing N N 56 
DT  "O3'" "HO3'" sing N N 57 
DT  "C2'" "C1'"  sing N N 58 
DT  "C2'" "H2'"  sing N N 59 
DT  "C2'" "H2''" sing N N 60 
DT  "C1'" N1     sing N N 61 
DT  "C1'" "H1'"  sing N N 62 
DT  N1    C2     sing N N 63 
DT  N1    C6     sing N N 64 
DT  C2    O2     doub N N 65 
DT  C2    N3     sing N N 66 
DT  N3    C4     sing N N 67 
DT  N3    H3     sing N N 68 
DT  C4    O4     doub N N 69 
DT  C4    C5     sing N N 70 
DT  C5    C7     sing N N 71 
DT  C5    C6     doub N N 72 
DT  C7    H71    sing N N 73 
DT  C7    H72    sing N N 74 
DT  C7    H73    sing N N 75 
DT  C6    H6     sing N N 76 
HOH O     H1     sing N N 77 
HOH O     H2     sing N N 78 
# 
loop_
_ndb_struct_conf_na.entry_id 
_ndb_struct_conf_na.feature 
9MMF 'double helix'        
9MMF 'z-form double helix' 
9MMF 'quadruple helix'     
# 
loop_
_ndb_struct_na_base_pair.model_number 
_ndb_struct_na_base_pair.i_label_asym_id 
_ndb_struct_na_base_pair.i_label_comp_id 
_ndb_struct_na_base_pair.i_label_seq_id 
_ndb_struct_na_base_pair.i_symmetry 
_ndb_struct_na_base_pair.j_label_asym_id 
_ndb_struct_na_base_pair.j_label_comp_id 
_ndb_struct_na_base_pair.j_label_seq_id 
_ndb_struct_na_base_pair.j_symmetry 
_ndb_struct_na_base_pair.shear 
_ndb_struct_na_base_pair.stretch 
_ndb_struct_na_base_pair.stagger 
_ndb_struct_na_base_pair.buckle 
_ndb_struct_na_base_pair.propeller 
_ndb_struct_na_base_pair.opening 
_ndb_struct_na_base_pair.pair_number 
_ndb_struct_na_base_pair.pair_name 
_ndb_struct_na_base_pair.i_auth_asym_id 
_ndb_struct_na_base_pair.i_auth_seq_id 
_ndb_struct_na_base_pair.i_PDB_ins_code 
_ndb_struct_na_base_pair.j_auth_asym_id 
_ndb_struct_na_base_pair.j_auth_seq_id 
_ndb_struct_na_base_pair.j_PDB_ins_code 
_ndb_struct_na_base_pair.hbond_type_28 
_ndb_struct_na_base_pair.hbond_type_12 
1 A DG 10 1_555 A DG 6  1_555 2.011  -3.437 -0.118 -7.083 1.240  -84.504 1 A_DG10:DG6_A  A 10 ? A 6  ? 6 3 
1 A DG 11 1_555 A DG 5  1_555 1.767  -3.796 0.084  -8.639 -0.419 -84.215 2 A_DG11:DG5_A  A 11 ? A 5  ? 6 3 
1 A DG 21 1_555 A DG 29 1_555 -1.347 3.539  0.208  -7.407 0.252  92.587  3 A_DG21:DG29_A A 21 ? A 29 ? 6 3 
1 A DG 12 1_555 A DG 4  1_555 -1.606 -3.895 0.071  4.419  2.713  83.262  4 A_DG12:DG4_A  A 12 ? A 4  ? 6 3 
1 A DG 13 1_555 A DG 19 1_555 1.652  3.459  0.296  -6.391 1.165  -90.755 5 A_DG13:DG19_A A 13 ? A 19 ? 6 3 
1 A DG 14 1_555 A DG 18 1_555 -1.495 -3.447 0.047  2.673  3.213  93.486  6 A_DG14:DG18_A A 14 ? A 18 ? 6 3 
# 
loop_
_ndb_struct_na_base_pair_step.model_number 
_ndb_struct_na_base_pair_step.i_label_asym_id_1 
_ndb_struct_na_base_pair_step.i_label_comp_id_1 
_ndb_struct_na_base_pair_step.i_label_seq_id_1 
_ndb_struct_na_base_pair_step.i_symmetry_1 
_ndb_struct_na_base_pair_step.j_label_asym_id_1 
_ndb_struct_na_base_pair_step.j_label_comp_id_1 
_ndb_struct_na_base_pair_step.j_label_seq_id_1 
_ndb_struct_na_base_pair_step.j_symmetry_1 
_ndb_struct_na_base_pair_step.i_label_asym_id_2 
_ndb_struct_na_base_pair_step.i_label_comp_id_2 
_ndb_struct_na_base_pair_step.i_label_seq_id_2 
_ndb_struct_na_base_pair_step.i_symmetry_2 
_ndb_struct_na_base_pair_step.j_label_asym_id_2 
_ndb_struct_na_base_pair_step.j_label_comp_id_2 
_ndb_struct_na_base_pair_step.j_label_seq_id_2 
_ndb_struct_na_base_pair_step.j_symmetry_2 
_ndb_struct_na_base_pair_step.shift 
_ndb_struct_na_base_pair_step.slide 
_ndb_struct_na_base_pair_step.rise 
_ndb_struct_na_base_pair_step.tilt 
_ndb_struct_na_base_pair_step.roll 
_ndb_struct_na_base_pair_step.twist 
_ndb_struct_na_base_pair_step.x_displacement 
_ndb_struct_na_base_pair_step.y_displacement 
_ndb_struct_na_base_pair_step.helical_rise 
_ndb_struct_na_base_pair_step.inclination 
_ndb_struct_na_base_pair_step.tip 
_ndb_struct_na_base_pair_step.helical_twist 
_ndb_struct_na_base_pair_step.step_number 
_ndb_struct_na_base_pair_step.step_name 
_ndb_struct_na_base_pair_step.i_auth_asym_id_1 
_ndb_struct_na_base_pair_step.i_auth_seq_id_1 
_ndb_struct_na_base_pair_step.i_PDB_ins_code_1 
_ndb_struct_na_base_pair_step.j_auth_asym_id_1 
_ndb_struct_na_base_pair_step.j_auth_seq_id_1 
_ndb_struct_na_base_pair_step.j_PDB_ins_code_1 
_ndb_struct_na_base_pair_step.i_auth_asym_id_2 
_ndb_struct_na_base_pair_step.i_auth_seq_id_2 
_ndb_struct_na_base_pair_step.i_PDB_ins_code_2 
_ndb_struct_na_base_pair_step.j_auth_asym_id_2 
_ndb_struct_na_base_pair_step.j_auth_seq_id_2 
_ndb_struct_na_base_pair_step.j_PDB_ins_code_2 
1 A DG 10 1_555 A DG 6  1_555 A DG 11 1_555 A DG 5  1_555 0.007  0.380  3.152  4.281   -0.735  27.186   0.973  0.995 3.105  -1.550 
-9.034  27.524   1 AA_DG10DG11:DG5DG6_AA   A 10 ? A 6  ? A 11 ? A 5  ? 
1 A DG 11 1_555 A DG 5  1_555 A DG 21 1_555 A DG 29 1_555 1.477  -3.485 0.542  7.262   2.802   -179.311 1.743  0.738 0.542  -1.401 
3.631   -179.312 2 AA_DG11DG21:DG29DG5_AA  A 11 ? A 5  ? A 21 ? A 29 ? 
1 A DG 12 1_555 A DG 4  1_555 A DG 13 1_555 A DG 19 1_555 -0.535 -1.195 -3.563 2.235   0.881   61.113   -1.129 0.410 -3.594 0.866 
-2.198  61.155   3 AA_DG12DG13:DG19DG4_AA  A 12 ? A 4  ? A 13 ? A 19 ? 
1 A DG 13 1_555 A DG 19 1_555 A DG 14 1_555 A DG 18 1_555 1.703  3.642  0.388  -80.020 153.730 -173.767 -1.829 0.848 0.255  
-76.869 -40.012 -179.636 4 AA_DG13DG14:DG18DG19_AA A 13 ? A 19 ? A 14 ? A 18 ? 
# 
_pdbx_audit_support.funding_organization   'National Institutes of Health/National Cancer Institute (NIH/NCI)' 
_pdbx_audit_support.country                'United States' 
_pdbx_audit_support.grant_number           1R15CA253134 
_pdbx_audit_support.ordinal                1 
# 
_pdbx_initial_refinement_model.id               1 
_pdbx_initial_refinement_model.entity_id_list   ? 
_pdbx_initial_refinement_model.type             'experimental model' 
_pdbx_initial_refinement_model.source_name      PDB 
_pdbx_initial_refinement_model.accession_code   6XT7 
_pdbx_initial_refinement_model.details          'Molecule B' 
# 
_space_group.name_H-M_alt     'P 31 2 1' 
_space_group.name_Hall        
;P 31 2"
;
_space_group.IT_number        152 
_space_group.crystal_system   trigonal 
_space_group.id               1 
# 
_atom_sites.entry_id                    9MMF 
_atom_sites.Cartn_transf_matrix[1][1]   ? 
_atom_sites.Cartn_transf_matrix[1][2]   ? 
_atom_sites.Cartn_transf_matrix[1][3]   ? 
_atom_sites.Cartn_transf_matrix[2][1]   ? 
_atom_sites.Cartn_transf_matrix[2][2]   ? 
_atom_sites.Cartn_transf_matrix[2][3]   ? 
_atom_sites.Cartn_transf_matrix[3][1]   ? 
_atom_sites.Cartn_transf_matrix[3][2]   ? 
_atom_sites.Cartn_transf_matrix[3][3]   ? 
_atom_sites.Cartn_transf_vector[1]      ? 
_atom_sites.Cartn_transf_vector[2]      ? 
_atom_sites.Cartn_transf_vector[3]      ? 
_atom_sites.Cartn_transform_axes        ? 
_atom_sites.fract_transf_matrix[1][1]   -0.01738045 
_atom_sites.fract_transf_matrix[1][2]   0.01765599 
_atom_sites.fract_transf_matrix[1][3]   0.00009131 
_atom_sites.fract_transf_matrix[2][1]   -0.02233273 
_atom_sites.fract_transf_matrix[2][2]   -0.00465058 
_atom_sites.fract_transf_matrix[2][3]   0.00966806 
_atom_sites.fract_transf_matrix[3][1]   0.00367714 
_atom_sites.fract_transf_matrix[3][2]   0.00356696 
_atom_sites.fract_transf_matrix[3][3]   0.01020982 
_atom_sites.fract_transf_vector[1]      -0.376299 
_atom_sites.fract_transf_vector[2]      0.375410 
_atom_sites.fract_transf_vector[3]      0.085241 
_atom_sites.solution_primary            ? 
_atom_sites.solution_secondary          ? 
_atom_sites.solution_hydrogens          ? 
_atom_sites.special_details             ? 
# 
loop_
_atom_type.symbol 
_atom_type.scat_dispersion_real 
_atom_type.scat_dispersion_imag 
_atom_type.scat_Cromer_Mann_a1 
_atom_type.scat_Cromer_Mann_a2 
_atom_type.scat_Cromer_Mann_a3 
_atom_type.scat_Cromer_Mann_a4 
_atom_type.scat_Cromer_Mann_b1 
_atom_type.scat_Cromer_Mann_b2 
_atom_type.scat_Cromer_Mann_b3 
_atom_type.scat_Cromer_Mann_b4 
_atom_type.scat_Cromer_Mann_c 
_atom_type.scat_source 
_atom_type.scat_dispersion_source 
C ? ? 3.54356  2.42580 ? ? 25.62398 1.50364  ? ? 0.0 
;2-Gaussian fit: Grosse-Kunstleve RW, Sauter NK, Adams PD: Newsletter of the IUCr Commission on Crystallographic Computing 2004, 3, 22-31.
;
? 
K ? ? 16.37977 2.54835 ? ? 4.54127  84.28225 ? ? 0.0 
;2-Gaussian fit: Grosse-Kunstleve RW, Sauter NK, Adams PD: Newsletter of the IUCr Commission on Crystallographic Computing 2004, 3, 22-31.
;
? 
N ? ? 4.01032  2.96436 ? ? 19.97189 1.75589  ? ? 0.0 
;2-Gaussian fit: Grosse-Kunstleve RW, Sauter NK, Adams PD: Newsletter of the IUCr Commission on Crystallographic Computing 2004, 3, 22-31.
;
? 
O ? ? 4.49882  3.47563 ? ? 15.80542 1.70748  ? ? 0.0 
;2-Gaussian fit: Grosse-Kunstleve RW, Sauter NK, Adams PD: Newsletter of the IUCr Commission on Crystallographic Computing 2004, 3, 22-31.
;
? 
P ? ? 9.51135  5.44231 ? ? 1.42069  35.72801 ? ? 0.0 
;2-Gaussian fit: Grosse-Kunstleve RW, Sauter NK, Adams PD: Newsletter of the IUCr Commission on Crystallographic Computing 2004, 3, 22-31.
;
? 
# 
loop_
_atom_site.group_PDB 
_atom_site.id 
_atom_site.type_symbol 
_atom_site.label_atom_id 
_atom_site.label_alt_id 
_atom_site.label_comp_id 
_atom_site.label_asym_id 
_atom_site.label_entity_id 
_atom_site.label_seq_id 
_atom_site.pdbx_PDB_ins_code 
_atom_site.Cartn_x 
_atom_site.Cartn_y 
_atom_site.Cartn_z 
_atom_site.occupancy 
_atom_site.B_iso_or_equiv 
_atom_site.pdbx_formal_charge 
_atom_site.auth_seq_id 
_atom_site.auth_comp_id 
_atom_site.auth_asym_id 
_atom_site.auth_atom_id 
_atom_site.pdbx_PDB_model_num 
ATOM   1   O "O5'" . DT  A 1 1  ? -8.91705  -8.44153  2.06385   1.000 56.00189  ? 1   DT  A "O5'" 1 
ATOM   2   C "C5'" . DT  A 1 1  ? -9.16337  -7.30902  2.90024   1.000 71.81543  ? 1   DT  A "C5'" 1 
ATOM   3   C "C4'" . DT  A 1 1  ? -9.36909  -7.73445  4.34577   1.000 76.86623  ? 1   DT  A "C4'" 1 
ATOM   4   O "O4'" . DT  A 1 1  ? -8.16920  -8.38738  4.83502   1.000 71.34465  ? 1   DT  A "O4'" 1 
ATOM   5   C "C3'" . DT  A 1 1  ? -9.61873  -6.59611  5.32323   1.000 87.76514  ? 1   DT  A "C3'" 1 
ATOM   6   O "O3'" . DT  A 1 1  ? -11.00520 -6.29447  5.38336   1.000 87.32541  ? 1   DT  A "O3'" 1 
ATOM   7   C "C2'" . DT  A 1 1  ? -9.11582  -7.18870  6.63386   1.000 88.19918  ? 1   DT  A "C2'" 1 
ATOM   8   C "C1'" . DT  A 1 1  ? -7.89326  -7.96186  6.16105   1.000 74.51144  ? 1   DT  A "C1'" 1 
ATOM   9   P P     . DG  A 1 2  ? -11.53966 -5.12073  6.34590   1.000 94.25889  ? 2   DG  A P     1 
ATOM   10  O OP1   . DG  A 1 2  ? -11.55648 -5.63268  7.73744   1.000 76.69652  ? 2   DG  A OP1   1 
ATOM   11  O OP2   . DG  A 1 2  ? -12.78992 -4.61119  5.73743   1.000 67.98238  ? 2   DG  A OP2   1 
ATOM   12  O "O5'" . DG  A 1 2  ? -10.42399 -3.96831  6.23186   1.000 81.25688  ? 2   DG  A "O5'" 1 
ATOM   13  C "C5'" . DG  A 1 2  ? -10.45779 -3.03180  5.14720   1.000 66.60410  ? 2   DG  A "C5'" 1 
ATOM   14  C "C4'" . DG  A 1 2  ? -10.49203 -1.60590  5.66922   1.000 52.38238  ? 2   DG  A "C4'" 1 
ATOM   15  O "O4'" . DG  A 1 2  ? -9.34803  -1.38178  6.53282   1.000 55.59898  ? 2   DG  A "O4'" 1 
ATOM   16  C "C3'" . DG  A 1 2  ? -10.42386 -0.51376  4.60156   1.000 58.20706  ? 2   DG  A "C3'" 1 
ATOM   17  O "O3'" . DG  A 1 2  ? -11.15888 0.63315   5.03824   1.000 61.65999  ? 2   DG  A "O3'" 1 
ATOM   18  C "C2'" . DG  A 1 2  ? -8.92882  -0.22209  4.52938   1.000 57.88296  ? 2   DG  A "C2'" 1 
ATOM   19  C "C1'" . DG  A 1 2  ? -8.54208  -0.34631  5.99820   1.000 59.46386  ? 2   DG  A "C1'" 1 
ATOM   20  N N9    . DG  A 1 2  ? -7.13857  -0.69079  6.23159   1.000 55.07248  ? 2   DG  A N9    1 
ATOM   21  C C8    . DG  A 1 2  ? -6.27884  -0.07606  7.11227   1.000 48.81073  ? 2   DG  A C8    1 
ATOM   22  N N7    . DG  A 1 2  ? -5.08623  -0.59990  7.12657   1.000 48.67151  ? 2   DG  A N7    1 
ATOM   23  C C5    . DG  A 1 2  ? -5.15687  -1.63543  6.20253   1.000 45.00348  ? 2   DG  A C5    1 
ATOM   24  C C6    . DG  A 1 2  ? -4.16639  -2.55612  5.79469   1.000 42.80607  ? 2   DG  A C6    1 
ATOM   25  O O6    . DG  A 1 2  ? -2.99569  -2.64228  6.18428   1.000 42.31442  ? 2   DG  A O6    1 
ATOM   26  N N1    . DG  A 1 2  ? -4.64800  -3.44082  4.83372   1.000 39.41222  ? 2   DG  A N1    1 
ATOM   27  C C2    . DG  A 1 2  ? -5.92607  -3.43541  4.33035   1.000 39.36056  ? 2   DG  A C2    1 
ATOM   28  N N2    . DG  A 1 2  ? -6.20593  -4.37023  3.40889   1.000 39.02848  ? 2   DG  A N2    1 
ATOM   29  N N3    . DG  A 1 2  ? -6.86705  -2.58062  4.70722   1.000 35.69365  ? 2   DG  A N3    1 
ATOM   30  C C4    . DG  A 1 2  ? -6.41349  -1.70956  5.64314   1.000 47.22789  ? 2   DG  A C4    1 
ATOM   31  P P     . DG  A 1 3  ? -11.29827 1.92736   4.09241   1.000 64.17103  ? 3   DG  A P     1 
ATOM   32  O OP1   . DG  A 1 3  ? -12.46704 2.69822   4.57757   1.000 56.23730  ? 3   DG  A OP1   1 
ATOM   33  O OP2   . DG  A 1 3  ? -11.23236 1.47157   2.68285   1.000 58.11245  ? 3   DG  A OP2   1 
ATOM   34  O "O5'" . DG  A 1 3  ? -9.99930  2.79473   4.43395   1.000 60.42021  ? 3   DG  A "O5'" 1 
ATOM   35  C "C5'" . DG  A 1 3  ? -9.77625  3.21595   5.76829   1.000 60.55886  ? 3   DG  A "C5'" 1 
ATOM   36  C "C4'" . DG  A 1 3  ? -8.37029  3.75842   5.94994   1.000 51.15782  ? 3   DG  A "C4'" 1 
ATOM   37  O "O4'" . DG  A 1 3  ? -7.40105  2.70031   5.79227   1.000 54.67913  ? 3   DG  A "O4'" 1 
ATOM   38  C "C3'" . DG  A 1 3  ? -7.95749  4.87049   4.97656   1.000 47.37739  ? 3   DG  A "C3'" 1 
ATOM   39  O "O3'" . DG  A 1 3  ? -7.73519  6.07184   5.72383   1.000 64.68851  ? 3   DG  A "O3'" 1 
ATOM   40  C "C2'" . DG  A 1 3  ? -6.66885  4.33761   4.31580   1.000 49.72046  ? 3   DG  A "C2'" 1 
ATOM   41  C "C1'" . DG  A 1 3  ? -6.21559  3.26624   5.29956   1.000 56.40037  ? 3   DG  A "C1'" 1 
ATOM   42  N N9    . DG  A 1 3  ? -5.40095  2.20323   4.70456   1.000 47.85105  ? 3   DG  A N9    1 
ATOM   43  C C8    . DG  A 1 3  ? -5.78653  1.31135   3.73394   1.000 39.91285  ? 3   DG  A C8    1 
ATOM   44  N N7    . DG  A 1 3  ? -4.85102  0.46243   3.40596   1.000 38.46818  ? 3   DG  A N7    1 
ATOM   45  C C5    . DG  A 1 3  ? -3.77397  0.80683   4.21511   1.000 42.39180  ? 3   DG  A C5    1 
ATOM   46  C C6    . DG  A 1 3  ? -2.47490  0.23865   4.30435   1.000 37.38138  ? 3   DG  A C6    1 
ATOM   47  O O6    . DG  A 1 3  ? -2.00599  -0.71317  3.66644   1.000 35.15315  ? 3   DG  A O6    1 
ATOM   48  N N1    . DG  A 1 3  ? -1.68896  0.89019   5.24997   1.000 35.67978  ? 3   DG  A N1    1 
ATOM   49  C C2    . DG  A 1 3  ? -2.09789  1.95548   6.01300   1.000 40.75650  ? 3   DG  A C2    1 
ATOM   50  N N2    . DG  A 1 3  ? -1.19235  2.45190   6.86927   1.000 33.00010  ? 3   DG  A N2    1 
ATOM   51  N N3    . DG  A 1 3  ? -3.31139  2.49952   5.94243   1.000 50.46190  ? 3   DG  A N3    1 
ATOM   52  C C4    . DG  A 1 3  ? -4.09499  1.87504   5.02323   1.000 48.78843  ? 3   DG  A C4    1 
ATOM   53  P P     . DG  A 1 4  ? -6.99686  7.34797   5.08397   1.000 64.94247  ? 4   DG  A P     1 
ATOM   54  O OP1   . DG  A 1 4  ? -7.46803  8.52940   5.84579   1.000 64.13912  ? 4   DG  A OP1   1 
ATOM   55  O OP2   . DG  A 1 4  ? -7.14796  7.31428   3.61144   1.000 68.84026  ? 4   DG  A OP2   1 
ATOM   56  O "O5'" . DG  A 1 4  ? -5.45999  7.10859   5.45168   1.000 59.03699  ? 4   DG  A "O5'" 1 
ATOM   57  C "C5'" . DG  A 1 4  ? -5.12352  6.52550   6.70635   1.000 50.40434  ? 4   DG  A "C5'" 1 
ATOM   58  C "C4'" . DG  A 1 4  ? -3.67718  6.80584   7.07990   1.000 48.53481  ? 4   DG  A "C4'" 1 
ATOM   59  O "O4'" . DG  A 1 4  ? -2.82940  5.71321   6.64927   1.000 43.25720  ? 4   DG  A "O4'" 1 
ATOM   60  C "C3'" . DG  A 1 4  ? -3.06762  8.06344   6.47940   1.000 43.29463  ? 4   DG  A "C3'" 1 
ATOM   61  O "O3'" . DG  A 1 4  ? -2.13034  8.59215   7.39390   1.000 55.04335  ? 4   DG  A "O3'" 1 
ATOM   62  C "C2'" . DG  A 1 4  ? -2.38236  7.53721   5.22128   1.000 40.28647  ? 4   DG  A "C2'" 1 
ATOM   63  C "C1'" . DG  A 1 4  ? -1.89608  6.17021   5.68581   1.000 43.46062  ? 4   DG  A "C1'" 1 
ATOM   64  N N9    . DG  A 1 4  ? -1.82703  5.16068   4.63001   1.000 42.99180  ? 4   DG  A N9    1 
ATOM   65  C C8    . DG  A 1 4  ? -2.85133  4.74088   3.81687   1.000 40.88265  ? 4   DG  A C8    1 
ATOM   66  N N7    . DG  A 1 4  ? -2.50077  3.79852   2.98724   1.000 36.30102  ? 4   DG  A N7    1 
ATOM   67  C C5    . DG  A 1 4  ? -1.16251  3.57061   3.27531   1.000 34.91294  ? 4   DG  A C5    1 
ATOM   68  C C6    . DG  A 1 4  ? -0.24872  2.65808   2.69763   1.000 39.99540  ? 4   DG  A C6    1 
ATOM   69  O O6    . DG  A 1 4  ? -0.45109  1.84285   1.78391   1.000 36.75295  ? 4   DG  A O6    1 
ATOM   70  N N1    . DG  A 1 4  ? 1.01284   2.75196   3.28406   1.000 34.50326  ? 4   DG  A N1    1 
ATOM   71  C C2    . DG  A 1 4  ? 1.34413   3.61959   4.29966   1.000 35.43200  ? 4   DG  A C2    1 
ATOM   72  N N2    . DG  A 1 4  ? 2.60950   3.56740   4.74242   1.000 29.16896  ? 4   DG  A N2    1 
ATOM   73  N N3    . DG  A 1 4  ? 0.49605   4.47552   4.84655   1.000 37.72572  ? 4   DG  A N3    1 
ATOM   74  C C4    . DG  A 1 4  ? -0.73413  4.39644   4.28726   1.000 37.18694  ? 4   DG  A C4    1 
ATOM   75  P P     . DG  A 1 5  ? -1.54715  10.07408  7.20723   1.000 63.44509  ? 5   DG  A P     1 
ATOM   76  O OP1   . DG  A 1 5  ? -1.43153  10.65368  8.56693   1.000 60.27371  ? 5   DG  A OP1   1 
ATOM   77  O OP2   . DG  A 1 5  ? -2.34688  10.77101  6.16961   1.000 70.87274  ? 5   DG  A OP2   1 
ATOM   78  O "O5'" . DG  A 1 5  ? -0.08175  9.81710   6.62055   1.000 52.71033  ? 5   DG  A "O5'" 1 
ATOM   79  C "C5'" . DG  A 1 5  ? 0.80922   8.94814   7.30973   1.000 40.70943  ? 5   DG  A "C5'" 1 
ATOM   80  C "C4'" . DG  A 1 5  ? 2.08953   8.73871   6.51885   1.000 38.94443  ? 5   DG  A "C4'" 1 
ATOM   81  O "O4'" . DG  A 1 5  ? 1.90050   7.70705   5.51666   1.000 38.14740  ? 5   DG  A "O4'" 1 
ATOM   82  C "C3'" . DG  A 1 5  ? 2.61179   9.96574   5.77018   1.000 39.37590  ? 5   DG  A "C3'" 1 
ATOM   83  O "O3'" . DG  A 1 5  ? 3.98234   10.14378  6.09962   1.000 38.42540  ? 5   DG  A "O3'" 1 
ATOM   84  C "C2'" . DG  A 1 5  ? 2.41062   9.59803   4.28311   1.000 41.63445  ? 5   DG  A "C2'" 1 
ATOM   85  C "C1'" . DG  A 1 5  ? 2.56176   8.09012   4.33658   1.000 34.76026  ? 5   DG  A "C1'" 1 
ATOM   86  N N9    . DG  A 1 5  ? 1.95148   7.34386   3.23859   1.000 41.10644  ? 5   DG  A N9    1 
ATOM   87  C C8    . DG  A 1 5  ? 0.64096   7.38454   2.83072   1.000 44.16956  ? 5   DG  A C8    1 
ATOM   88  N N7    . DG  A 1 5  ? 0.37552   6.55399   1.85737   1.000 37.87019  ? 5   DG  A N7    1 
ATOM   89  C C5    . DG  A 1 5  ? 1.58243   5.90726   1.62418   1.000 30.88873  ? 5   DG  A C5    1 
ATOM   90  C C6    . DG  A 1 5  ? 1.91364   4.90341   0.68792   1.000 34.07114  ? 5   DG  A C6    1 
ATOM   91  O O6    . DG  A 1 5  ? 1.18699   4.36445   -0.15074  1.000 40.66658  ? 5   DG  A O6    1 
ATOM   92  N N1    . DG  A 1 5  ? 3.24151   4.52775   0.78415   1.000 33.71845  ? 5   DG  A N1    1 
ATOM   93  C C2    . DG  A 1 5  ? 4.13970   5.05167   1.66835   1.000 28.30398  ? 5   DG  A C2    1 
ATOM   94  N N2    . DG  A 1 5  ? 5.37959   4.55694   1.60974   1.000 27.65386  ? 5   DG  A N2    1 
ATOM   95  N N3    . DG  A 1 5  ? 3.84857   5.99164   2.54914   1.000 32.30773  ? 5   DG  A N3    1 
ATOM   96  C C4    . DG  A 1 5  ? 2.55494   6.37130   2.47092   1.000 32.50749  ? 5   DG  A C4    1 
ATOM   97  P P     . DG  A 1 6  ? 4.72528   11.53727  5.80888   1.000 47.82297  ? 6   DG  A P     1 
ATOM   98  O OP1   . DG  A 1 6  ? 5.41118   11.97412  7.04696   1.000 42.85342  ? 6   DG  A OP1   1 
ATOM   99  O OP2   . DG  A 1 6  ? 3.75397   12.42220  5.12431   1.000 55.56397  ? 6   DG  A OP2   1 
ATOM   100 O "O5'" . DG  A 1 6  ? 5.83327   11.13681  4.73793   1.000 45.80876  ? 6   DG  A "O5'" 1 
ATOM   101 C "C5'" . DG  A 1 6  ? 6.57202   9.93612   4.90202   1.000 38.57507  ? 6   DG  A "C5'" 1 
ATOM   102 C "C4'" . DG  A 1 6  ? 7.30488   9.61890   3.62566   1.000 34.22735  ? 6   DG  A "C4'" 1 
ATOM   103 O "O4'" . DG  A 1 6  ? 6.47402   8.78139   2.78490   1.000 43.24191  ? 6   DG  A "O4'" 1 
ATOM   104 C "C3'" . DG  A 1 6  ? 7.64425   10.85030  2.78363   1.000 35.78618  ? 6   DG  A "C3'" 1 
ATOM   105 O "O3'" . DG  A 1 6  ? 8.99687   10.79736  2.39362   1.000 38.88285  ? 6   DG  A "O3'" 1 
ATOM   106 C "C2'" . DG  A 1 6  ? 6.70549   10.73761  1.58122   1.000 35.47323  ? 6   DG  A "C2'" 1 
ATOM   107 C "C1'" . DG  A 1 6  ? 6.58461   9.23779   1.46357   1.000 35.67247  ? 6   DG  A "C1'" 1 
ATOM   108 N N9    . DG  A 1 6  ? 5.42570   8.78867   0.70829   1.000 32.52816  ? 6   DG  A N9    1 
ATOM   109 C C8    . DG  A 1 6  ? 4.15320   9.30094   0.74451   1.000 37.12520  ? 6   DG  A C8    1 
ATOM   110 N N7    . DG  A 1 6  ? 3.32520   8.68182   -0.05083  1.000 37.27946  ? 6   DG  A N7    1 
ATOM   111 C C5    . DG  A 1 6  ? 4.10482   7.69893   -0.64839  1.000 34.85579  ? 6   DG  A C5    1 
ATOM   112 C C6    . DG  A 1 6  ? 3.76319   6.71508   -1.59918  1.000 29.94655  ? 6   DG  A C6    1 
ATOM   113 O O6    . DG  A 1 6  ? 2.66950   6.50694   -2.12545  1.000 31.45357  ? 6   DG  A O6    1 
ATOM   114 N N1    . DG  A 1 6  ? 4.85301   5.92406   -1.93746  1.000 29.36306  ? 6   DG  A N1    1 
ATOM   115 C C2    . DG  A 1 6  ? 6.11106   6.06346   -1.42059  1.000 28.25753  ? 6   DG  A C2    1 
ATOM   116 N N2    . DG  A 1 6  ? 7.03439   5.20566   -1.86761  1.000 30.43241  ? 6   DG  A N2    1 
ATOM   117 N N3    . DG  A 1 6  ? 6.44473   6.97555   -0.52531  1.000 35.58122  ? 6   DG  A N3    1 
ATOM   118 C C4    . DG  A 1 6  ? 5.39578   7.75650   -0.18971  1.000 33.58992  ? 6   DG  A C4    1 
ATOM   119 P P     . DT  A 1 7  ? 9.66253   12.04635  1.63960   1.000 50.52873  ? 7   DT  A P     1 
ATOM   120 O OP1   . DT  A 1 7  ? 11.06382  12.15054  2.10419   1.000 47.99825  ? 7   DT  A OP1   1 
ATOM   121 O OP2   . DT  A 1 7  ? 8.75332   13.21118  1.76016   1.000 47.06570  ? 7   DT  A OP2   1 
ATOM   122 O "O5'" . DT  A 1 7  ? 9.62946   11.60570  0.11014   1.000 43.30389  ? 7   DT  A "O5'" 1 
ATOM   123 C "C5'" . DT  A 1 7  ? 10.50793  12.20151  -0.81779  1.000 37.60639  ? 7   DT  A "C5'" 1 
ATOM   124 C "C4'" . DT  A 1 7  ? 10.94292  11.17794  -1.83902  1.000 38.54609  ? 7   DT  A "C4'" 1 
ATOM   125 O "O4'" . DT  A 1 7  ? 11.94619  10.30789  -1.25240  1.000 41.96740  ? 7   DT  A "O4'" 1 
ATOM   126 C "C3'" . DT  A 1 7  ? 9.82525   10.26378  -2.32651  1.000 36.50229  ? 7   DT  A "C3'" 1 
ATOM   127 O "O3'" . DT  A 1 7  ? 9.98262   10.02242  -3.70303  1.000 40.17287  ? 7   DT  A "O3'" 1 
ATOM   128 C "C2'" . DT  A 1 7  ? 10.03260  8.99124   -1.50632  1.000 37.95323  ? 7   DT  A "C2'" 1 
ATOM   129 C "C1'" . DT  A 1 7  ? 11.54627  8.96406   -1.38728  1.000 38.86521  ? 7   DT  A "C1'" 1 
ATOM   130 N N1    . DT  A 1 7  ? 12.05711  8.18721   -0.20992  1.000 32.62611  ? 7   DT  A N1    1 
ATOM   131 C C2    . DT  A 1 7  ? 12.93062  7.15126   -0.42936  1.000 32.94432  ? 7   DT  A C2    1 
ATOM   132 O O2    . DT  A 1 7  ? 13.31388  6.82944   -1.53833  1.000 38.60484  ? 7   DT  A O2    1 
ATOM   133 N N3    . DT  A 1 7  ? 13.34377  6.49849   0.69761   1.000 29.52216  ? 7   DT  A N3    1 
ATOM   134 C C4    . DT  A 1 7  ? 12.97781  6.76754   1.99736   1.000 29.88111  ? 7   DT  A C4    1 
ATOM   135 O O4    . DT  A 1 7  ? 13.41058  6.12081   2.94515   1.000 36.49409  ? 7   DT  A O4    1 
ATOM   136 C C5    . DT  A 1 7  ? 12.05523  7.86668   2.16449   1.000 32.40129  ? 7   DT  A C5    1 
ATOM   137 C C7    . DT  A 1 7  ? 11.58410  8.25204   3.53784   1.000 31.84183  ? 7   DT  A C7    1 
ATOM   138 C C6    . DT  A 1 7  ? 11.64431  8.51956   1.06272   1.000 31.50604  ? 7   DT  A C6    1 
ATOM   139 P P     . DT  A 1 8  ? 8.84101   10.48269  -4.73085  1.000 35.93597  ? 8   DT  A P     1 
ATOM   140 O OP1   . DT  A 1 8  ? 9.30640   10.13487  -6.09526  1.000 35.02237  ? 8   DT  A OP1   1 
ATOM   141 O OP2   . DT  A 1 8  ? 8.45868   11.87314  -4.40256  1.000 45.19418  ? 8   DT  A OP2   1 
ATOM   142 O "O5'" . DT  A 1 8  ? 7.59818   9.56691   -4.33710  1.000 36.87792  ? 8   DT  A "O5'" 1 
ATOM   143 C "C5'" . DT  A 1 8  ? 7.71222   8.16421   -4.41653  1.000 31.30108  ? 8   DT  A "C5'" 1 
ATOM   144 C "C4'" . DT  A 1 8  ? 6.41026   7.57258   -4.89047  1.000 30.93574  ? 8   DT  A "C4'" 1 
ATOM   145 O "O4'" . DT  A 1 8  ? 5.37365   7.90661   -3.93839  1.000 38.63866  ? 8   DT  A "O4'" 1 
ATOM   146 C "C3'" . DT  A 1 8  ? 5.93791   8.09981   -6.24067  1.000 38.63516  ? 8   DT  A "C3'" 1 
ATOM   147 O "O3'" . DT  A 1 8  ? 5.46486   7.03416   -7.04408  1.000 45.13357  ? 8   DT  A "O3'" 1 
ATOM   148 C "C2'" . DT  A 1 8  ? 4.82103   9.07314   -5.87661  1.000 41.59943  ? 8   DT  A "C2'" 1 
ATOM   149 C "C1'" . DT  A 1 8  ? 4.26917   8.44805   -4.61139  1.000 35.93726  ? 8   DT  A "C1'" 1 
ATOM   150 N N1    . DT  A 1 8  ? 3.62440   9.42360   -3.71662  1.000 34.31529  ? 8   DT  A N1    1 
ATOM   151 C C2    . DT  A 1 8  ? 2.25529   9.48319   -3.67347  1.000 44.57307  ? 8   DT  A C2    1 
ATOM   152 O O2    . DT  A 1 8  ? 1.53229   8.75932   -4.34422  1.000 40.57438  ? 8   DT  A O2    1 
ATOM   153 N N3    . DT  A 1 8  ? 1.75343   10.42384  -2.81460  1.000 47.02331  ? 8   DT  A N3    1 
ATOM   154 C C4    . DT  A 1 8  ? 2.47353   11.29330  -2.01522  1.000 49.43413  ? 8   DT  A C4    1 
ATOM   155 O O4    . DT  A 1 8  ? 1.93100   12.10887  -1.27231  1.000 65.03115  ? 8   DT  A O4    1 
ATOM   156 C C5    . DT  A 1 8  ? 3.90788   11.17612  -2.11401  1.000 43.35138  ? 8   DT  A C5    1 
ATOM   157 C C7    . DT  A 1 8  ? 4.79227   12.06852  -1.29664  1.000 38.97442  ? 8   DT  A C7    1 
ATOM   158 C C6    . DT  A 1 8  ? 4.40828   10.25660  -2.95110  1.000 35.22182  ? 8   DT  A C6    1 
ATOM   159 P P     . DT  A 1 9  ? 5.75099   7.03774   -8.62302  1.000 42.25743  ? 9   DT  A P     1 
ATOM   160 O OP1   . DT  A 1 9  ? 7.17088   7.40542   -8.82740  1.000 44.53735  ? 9   DT  A OP1   1 
ATOM   161 O OP2   . DT  A 1 9  ? 4.68363   7.84779   -9.26125  1.000 34.12760  ? 9   DT  A OP2   1 
ATOM   162 O "O5'" . DT  A 1 9  ? 5.56144   5.50631   -9.04323  1.000 38.98174  ? 9   DT  A "O5'" 1 
ATOM   163 C "C5'" . DT  A 1 9  ? 6.43653   4.50630   -8.52216  1.000 31.31054  ? 9   DT  A "C5'" 1 
ATOM   164 C "C4'" . DT  A 1 9  ? 5.96869   3.10640   -8.90734  1.000 28.47915  ? 9   DT  A "C4'" 1 
ATOM   165 O "O4'" . DT  A 1 9  ? 4.64750   2.87472   -8.37053  1.000 30.93278  ? 9   DT  A "O4'" 1 
ATOM   166 C "C3'" . DT  A 1 9  ? 5.84542   2.83676   -10.39666 1.000 29.03682  ? 9   DT  A "C3'" 1 
ATOM   167 O "O3'" . DT  A 1 9  ? 6.01152   1.45530   -10.64707 1.000 35.55514  ? 9   DT  A "O3'" 1 
ATOM   168 C "C2'" . DT  A 1 9  ? 4.41189   3.25757   -10.68319 1.000 29.80612  ? 9   DT  A "C2'" 1 
ATOM   169 C "C1'" . DT  A 1 9  ? 3.69970   2.80682   -9.41534  1.000 28.43238  ? 9   DT  A "C1'" 1 
ATOM   170 N N1    . DT  A 1 9  ? 2.56146   3.66974   -9.04534  1.000 29.36240  ? 9   DT  A N1    1 
ATOM   171 C C2    . DT  A 1 9  ? 1.40498   3.59606   -9.77055  1.000 30.32251  ? 9   DT  A C2    1 
ATOM   172 O O2    . DT  A 1 9  ? 1.26414   2.84954   -10.71780 1.000 34.89851  ? 9   DT  A O2    1 
ATOM   173 N N3    . DT  A 1 9  ? 0.40826   4.43620   -9.35028  1.000 31.50895  ? 9   DT  A N3    1 
ATOM   174 C C4    . DT  A 1 9  ? 0.45774   5.32288   -8.28950  1.000 33.80662  ? 9   DT  A C4    1 
ATOM   175 O O4    . DT  A 1 9  ? -0.49257  6.03860   -7.98600  1.000 40.19087  ? 9   DT  A O4    1 
ATOM   176 C C5    . DT  A 1 9  ? 1.70555   5.34845   -7.56521  1.000 30.76420  ? 9   DT  A C5    1 
ATOM   177 C C7    . DT  A 1 9  ? 1.88027   6.27275   -6.39750  1.000 31.62370  ? 9   DT  A C7    1 
ATOM   178 C C6    . DT  A 1 9  ? 2.68649   4.53081   -7.97408  1.000 29.54833  ? 9   DT  A C6    1 
ATOM   179 P P     . DG  A 1 10 ? 7.45624   0.85532   -11.00843 1.000 41.43974  ? 10  DG  A P     1 
ATOM   180 O OP1   . DG  A 1 10 ? 8.18768   1.81044   -11.86812 1.000 37.16670  ? 10  DG  A OP1   1 
ATOM   181 O OP2   . DG  A 1 10 ? 7.25126   -0.55211  -11.42706 1.000 31.84232  ? 10  DG  A OP2   1 
ATOM   182 O "O5'" . DG  A 1 10 ? 8.21510   0.85702   -9.61735  1.000 33.09496  ? 10  DG  A "O5'" 1 
ATOM   183 C "C5'" . DG  A 1 10 ? 8.11537   -0.25714  -8.77287  1.000 31.36377  ? 10  DG  A "C5'" 1 
ATOM   184 C "C4'" . DG  A 1 10 ? 9.27414   -0.27888  -7.81597  1.000 25.49126  ? 10  DG  A "C4'" 1 
ATOM   185 O "O4'" . DG  A 1 10 ? 9.23280   0.92469   -7.01141  1.000 33.62449  ? 10  DG  A "O4'" 1 
ATOM   186 C "C3'" . DG  A 1 10 ? 9.26030   -1.42643  -6.82557  1.000 24.96628  ? 10  DG  A "C3'" 1 
ATOM   187 O "O3'" . DG  A 1 10 ? 10.57890  -1.68304  -6.39862  1.000 39.07617  ? 10  DG  A "O3'" 1 
ATOM   188 C "C2'" . DG  A 1 10 ? 8.42134   -0.85215  -5.69740  1.000 30.54948  ? 10  DG  A "C2'" 1 
ATOM   189 C "C1'" . DG  A 1 10 ? 8.92330   0.58769   -5.67534  1.000 28.43928  ? 10  DG  A "C1'" 1 
ATOM   190 N N9    . DG  A 1 10 ? 7.95839   1.55428   -5.14788  1.000 30.84325  ? 10  DG  A N9    1 
ATOM   191 C C8    . DG  A 1 10 ? 8.23966   2.61398   -4.32076  1.000 34.48357  ? 10  DG  A C8    1 
ATOM   192 N N7    . DG  A 1 10 ? 7.19047   3.31063   -3.99078  1.000 32.00771  ? 10  DG  A N7    1 
ATOM   193 C C5    . DG  A 1 10 ? 6.14229   2.67639   -4.63560  1.000 25.26553  ? 10  DG  A C5    1 
ATOM   194 C C6    . DG  A 1 10 ? 4.76843   2.98496   -4.63686  1.000 25.75058  ? 10  DG  A C6    1 
ATOM   195 O O6    . DG  A 1 10 ? 4.19060   3.91082   -4.05013  1.000 26.65604  ? 10  DG  A O6    1 
ATOM   196 N N1    . DG  A 1 10 ? 4.04488   2.09460   -5.42060  1.000 25.40990  ? 10  DG  A N1    1 
ATOM   197 C C2    . DG  A 1 10 ? 4.58299   1.03273   -6.10024  1.000 24.75839  ? 10  DG  A C2    1 
ATOM   198 N N2    . DG  A 1 10 ? 3.72412   0.28231   -6.79595  1.000 24.75124  ? 10  DG  A N2    1 
ATOM   199 N N3    . DG  A 1 10 ? 5.87134   0.73126   -6.10762  1.000 24.43545  ? 10  DG  A N3    1 
ATOM   200 C C4    . DG  A 1 10 ? 6.59117   1.59002   -5.35303  1.000 24.66835  ? 10  DG  A C4    1 
ATOM   201 P P     . DG  A 1 11 ? 10.86246  -2.75530  -5.23780  1.000 41.81393  ? 11  DG  A P     1 
ATOM   202 O OP1   . DG  A 1 11 ? 12.29911  -3.11257  -5.32983  1.000 39.05392  ? 11  DG  A OP1   1 
ATOM   203 O OP2   . DG  A 1 11 ? 9.80933   -3.79378  -5.31895  1.000 37.32023  ? 11  DG  A OP2   1 
ATOM   204 O "O5'" . DG  A 1 11 ? 10.63075  -1.93715  -3.88664  1.000 38.25802  ? 11  DG  A "O5'" 1 
ATOM   205 C "C5'" . DG  A 1 11 ? 11.41050  -0.78925  -3.61542  1.000 32.89396  ? 11  DG  A "C5'" 1 
ATOM   206 C "C4'" . DG  A 1 11 ? 11.10443  -0.23602  -2.23699  1.000 27.96036  ? 11  DG  A "C4'" 1 
ATOM   207 O "O4'" . DG  A 1 11 ? 9.91900   0.60088   -2.26544  1.000 36.07946  ? 11  DG  A "O4'" 1 
ATOM   208 C "C3'" . DG  A 1 11 ? 10.83840  -1.28231  -1.13840  1.000 31.70400  ? 11  DG  A "C3'" 1 
ATOM   209 O "O3'" . DG  A 1 11 ? 11.82607  -1.15707  -0.11306  1.000 40.89771  ? 11  DG  A "O3'" 1 
ATOM   210 C "C2'" . DG  A 1 11 ? 9.44407   -0.90303  -0.61519  1.000 30.34625  ? 11  DG  A "C2'" 1 
ATOM   211 C "C1'" . DG  A 1 11 ? 9.40746   0.56858   -0.96682  1.000 29.92640  ? 11  DG  A "C1'" 1 
ATOM   212 N N9    . DG  A 1 11 ? 8.07903   1.18059   -0.90242  1.000 27.15015  ? 11  DG  A N9    1 
ATOM   213 C C8    . DG  A 1 11 ? 7.72215   2.27539   -0.14686  1.000 24.38077  ? 11  DG  A C8    1 
ATOM   214 N N7    . DG  A 1 11 ? 6.46492   2.59739   -0.25567  1.000 24.70627  ? 11  DG  A N7    1 
ATOM   215 C C5    . DG  A 1 11 ? 5.94651   1.64963   -1.12590  1.000 24.32792  ? 11  DG  A C5    1 
ATOM   216 C C6    . DG  A 1 11 ? 4.62778   1.49221   -1.61449  1.000 28.96459  ? 11  DG  A C6    1 
ATOM   217 O O6    . DG  A 1 11 ? 3.62713   2.17992   -1.36069  1.000 27.38804  ? 11  DG  A O6    1 
ATOM   218 N N1    . DG  A 1 11 ? 4.52658   0.40630   -2.48269  1.000 29.06232  ? 11  DG  A N1    1 
ATOM   219 C C2    . DG  A 1 11 ? 5.56842   -0.42272  -2.82931  1.000 24.35817  ? 11  DG  A C2    1 
ATOM   220 N N2    . DG  A 1 11 ? 5.27399   -1.42233  -3.67479  1.000 23.76501  ? 11  DG  A N2    1 
ATOM   221 N N3    . DG  A 1 11 ? 6.81140   -0.28629  -2.37441  1.000 23.53794  ? 11  DG  A N3    1 
ATOM   222 C C4    . DG  A 1 11 ? 6.92636   0.76544   -1.53124  1.000 23.29858  ? 11  DG  A C4    1 
ATOM   223 P P     . DG  A 1 12 ? 11.69971  -1.99166  1.25610   1.000 39.47025  ? 12  DG  A P     1 
ATOM   224 O OP1   . DG  A 1 12 ? 13.06281  -2.10709  1.82899   1.000 36.92886  ? 12  DG  A OP1   1 
ATOM   225 O OP2   . DG  A 1 12 ? 10.89748  -3.20319  0.94667   1.000 37.45773  ? 12  DG  A OP2   1 
ATOM   226 O "O5'" . DG  A 1 12 ? 10.84802  -1.03600  2.23410   1.000 33.08170  ? 12  DG  A "O5'" 1 
ATOM   227 C "C5'" . DG  A 1 12 ? 11.23300  0.31046   2.40674   1.000 24.35846  ? 12  DG  A "C5'" 1 
ATOM   228 C "C4'" . DG  A 1 12 ? 10.38131  1.01234   3.45192   1.000 32.36785  ? 12  DG  A "C4'" 1 
ATOM   229 O "O4'" . DG  A 1 12 ? 9.07218   1.36458   2.90717   1.000 29.60636  ? 12  DG  A "O4'" 1 
ATOM   230 C "C3'" . DG  A 1 12 ? 10.09170  0.22334   4.75332   1.000 40.71102  ? 12  DG  A "C3'" 1 
ATOM   231 O "O3'" . DG  A 1 12 ? 10.37863  1.05328   5.88600   1.000 33.35216  ? 12  DG  A "O3'" 1 
ATOM   232 C "C2'" . DG  A 1 12 ? 8.59036   -0.03059  4.65423   1.000 36.14459  ? 12  DG  A "C2'" 1 
ATOM   233 C "C1'" . DG  A 1 12 ? 8.18320   1.26451   3.98623   1.000 30.85404  ? 12  DG  A "C1'" 1 
ATOM   234 N N9    . DG  A 1 12 ? 6.79275   1.32280   3.55319   1.000 27.69301  ? 12  DG  A N9    1 
ATOM   235 C C8    . DG  A 1 12 ? 5.83993   2.19957   4.01338   1.000 31.84576  ? 12  DG  A C8    1 
ATOM   236 N N7    . DG  A 1 12 ? 4.67076   2.02230   3.48436   1.000 33.15859  ? 12  DG  A N7    1 
ATOM   237 C C5    . DG  A 1 12 ? 4.84924   0.95120   2.62309   1.000 27.51463  ? 12  DG  A C5    1 
ATOM   238 C C6    . DG  A 1 12 ? 3.92522   0.31288   1.78500   1.000 25.56307  ? 12  DG  A C6    1 
ATOM   239 O O6    . DG  A 1 12 ? 2.72757   0.57792   1.63192   1.000 43.32289  ? 12  DG  A O6    1 
ATOM   240 N N1    . DG  A 1 12 ? 4.50689   -0.73461  1.07724   1.000 30.18822  ? 12  DG  A N1    1 
ATOM   241 C C2    . DG  A 1 12 ? 5.82386   -1.11055  1.17416   1.000 26.51024  ? 12  DG  A C2    1 
ATOM   242 N N2    . DG  A 1 12 ? 6.20441   -2.14279  0.40972   1.000 31.38921  ? 12  DG  A N2    1 
ATOM   243 N N3    . DG  A 1 12 ? 6.70436   -0.52315  1.97027   1.000 25.78896  ? 12  DG  A N3    1 
ATOM   244 C C4    . DG  A 1 12 ? 6.14877   0.49849   2.66110   1.000 26.92594  ? 12  DG  A C4    1 
ATOM   245 P P     . DG  A 1 13 ? 10.13117  0.53414   7.39098   1.000 35.07829  ? 13  DG  A P     1 
ATOM   246 O OP1   . DG  A 1 13 ? 11.10475  1.24998   8.23936   1.000 39.02080  ? 13  DG  A OP1   1 
ATOM   247 O OP2   . DG  A 1 13 ? 10.11724  -0.94739  7.36541   1.000 38.56340  ? 13  DG  A OP2   1 
ATOM   248 O "O5'" . DG  A 1 13 ? 8.65667   1.04516   7.76914   1.000 35.66340  ? 13  DG  A "O5'" 1 
ATOM   249 C "C5'" . DG  A 1 13 ? 8.41490   2.42590   7.96587   1.000 28.72545  ? 13  DG  A "C5'" 1 
ATOM   250 C "C4'" . DG  A 1 13 ? 7.15384   2.66451   8.78674   1.000 31.29819  ? 13  DG  A "C4'" 1 
ATOM   251 O "O4'" . DG  A 1 13 ? 5.96548   2.54983   7.96345   1.000 32.69231  ? 13  DG  A "O4'" 1 
ATOM   252 C "C3'" . DG  A 1 13 ? 6.92265   1.71968   9.98128   1.000 42.86134  ? 13  DG  A "C3'" 1 
ATOM   253 O "O3'" . DG  A 1 13 ? 6.80740   2.50817   11.16629  1.000 45.81089  ? 13  DG  A "O3'" 1 
ATOM   254 C "C2'" . DG  A 1 13 ? 5.59121   1.02111   9.63504   1.000 34.13649  ? 13  DG  A "C2'" 1 
ATOM   255 C "C1'" . DG  A 1 13 ? 4.93329   2.10576   8.80668   1.000 33.63427  ? 13  DG  A "C1'" 1 
ATOM   256 N N9    . DG  A 1 13 ? 3.77496   1.68957   8.00626   1.000 45.42084  ? 13  DG  A N9    1 
ATOM   257 C C8    . DG  A 1 13 ? 2.50970   2.23381   8.05331   1.000 43.80569  ? 13  DG  A C8    1 
ATOM   258 N N7    . DG  A 1 13 ? 1.67162   1.68252   7.21836   1.000 34.20567  ? 13  DG  A N7    1 
ATOM   259 C C5    . DG  A 1 13 ? 2.42590   0.71481   6.56843   1.000 35.41931  ? 13  DG  A C5    1 
ATOM   260 C C6    . DG  A 1 13 ? 2.05474   -0.20079  5.55717   1.000 32.20519  ? 13  DG  A C6    1 
ATOM   261 O O6    . DG  A 1 13 ? 0.94863   -0.34488  5.01412   1.000 32.90954  ? 13  DG  A O6    1 
ATOM   262 N N1    . DG  A 1 13 ? 3.12084   -1.00749  5.18059   1.000 29.23028  ? 13  DG  A N1    1 
ATOM   263 C C2    . DG  A 1 13 ? 4.38353   -0.93905  5.70729   1.000 25.62283  ? 13  DG  A C2    1 
ATOM   264 N N2    . DG  A 1 13 ? 5.27771   -1.80273  5.21291   1.000 28.96824  ? 13  DG  A N2    1 
ATOM   265 N N3    . DG  A 1 13 ? 4.74713   -0.09092  6.65425   1.000 29.84472  ? 13  DG  A N3    1 
ATOM   266 C C4    . DG  A 1 13 ? 3.72293   0.70494   7.03815   1.000 34.59163  ? 13  DG  A C4    1 
ATOM   267 P P     . DG  A 1 14 ? 6.49814   1.83895   12.59512  1.000 43.15978  ? 14  DG  A P     1 
ATOM   268 O OP1   . DG  A 1 14 ? 7.08771   2.76821   13.58346  1.000 53.79830  ? 14  DG  A OP1   1 
ATOM   269 O OP2   . DG  A 1 14 ? 6.89688   0.40648   12.58974  1.000 40.27190  ? 14  DG  A OP2   1 
ATOM   270 O "O5'" . DG  A 1 14 ? 4.89573   1.88931   12.70084  1.000 46.94331  ? 14  DG  A "O5'" 1 
ATOM   271 C "C5'" . DG  A 1 14 ? 4.20084   3.12602   12.48295  1.000 43.74834  ? 14  DG  A "C5'" 1 
ATOM   272 C "C4'" . DG  A 1 14 ? 2.68782   2.94283   12.57654  1.000 47.31075  ? 14  DG  A "C4'" 1 
ATOM   273 O "O4'" . DG  A 1 14 ? 2.19761   2.25673   11.39546  1.000 45.14976  ? 14  DG  A "O4'" 1 
ATOM   274 C "C3'" . DG  A 1 14 ? 2.19243   2.13056   13.77847  1.000 54.22473  ? 14  DG  A "C3'" 1 
ATOM   275 O "O3'" . DG  A 1 14 ? 1.10646   2.81215   14.41265  1.000 62.39643  ? 14  DG  A "O3'" 1 
ATOM   276 C "C2'" . DG  A 1 14 ? 1.73662   0.81217   13.14880  1.000 39.26227  ? 14  DG  A "C2'" 1 
ATOM   277 C "C1'" . DG  A 1 14 ? 1.27194   1.27699   11.78331  1.000 37.26938  ? 14  DG  A "C1'" 1 
ATOM   278 N N9    . DG  A 1 14 ? 1.26328   0.22278   10.77045  1.000 40.60366  ? 14  DG  A N9    1 
ATOM   279 C C8    . DG  A 1 14 ? 2.28229   -0.65083  10.47179  1.000 38.67974  ? 14  DG  A C8    1 
ATOM   280 N N7    . DG  A 1 14 ? 1.98708   -1.48586  9.51227   1.000 33.94604  ? 14  DG  A N7    1 
ATOM   281 C C5    . DG  A 1 14 ? 0.68969   -1.13896  9.14529   1.000 39.83944  ? 14  DG  A C5    1 
ATOM   282 C C6    . DG  A 1 14 ? -0.16468  -1.69286  8.15290   1.000 41.51876  ? 14  DG  A C6    1 
ATOM   283 O O6    . DG  A 1 14 ? 0.06525   -2.63147  7.37330   1.000 33.22139  ? 14  DG  A O6    1 
ATOM   284 N N1    . DG  A 1 14 ? -1.40101  -1.04457  8.11503   1.000 42.45964  ? 14  DG  A N1    1 
ATOM   285 C C2    . DG  A 1 14 ? -1.76313  0.00396   8.92939   1.000 38.25683  ? 14  DG  A C2    1 
ATOM   286 N N2    . DG  A 1 14 ? -2.99523  0.50280   8.74702   1.000 35.30006  ? 14  DG  A N2    1 
ATOM   287 N N3    . DG  A 1 14 ? -0.97384  0.52803   9.85890   1.000 39.07977  ? 14  DG  A N3    1 
ATOM   288 C C4    . DG  A 1 14 ? 0.23099   -0.09108  9.91257   1.000 37.39076  ? 14  DG  A C4    1 
ATOM   289 P P     . DT  A 1 15 ? 0.96177   2.81319   16.01579  1.000 60.73739  ? 15  DT  A P     1 
ATOM   290 O OP1   . DT  A 1 15 ? 1.01407   4.22083   16.45759  1.000 51.99774  ? 15  DT  A OP1   1 
ATOM   291 O OP2   . DT  A 1 15 ? 1.92401   1.84633   16.59047  1.000 68.51326  ? 15  DT  A OP2   1 
ATOM   292 O "O5'" . DT  A 1 15 ? -0.51056  2.24529   16.26073  1.000 72.66670  ? 15  DT  A "O5'" 1 
ATOM   293 C "C5'" . DT  A 1 15 ? -0.86126  1.67633   17.51833  1.000 77.70428  ? 15  DT  A "C5'" 1 
ATOM   294 C "C4'" . DT  A 1 15 ? -2.11424  0.82866   17.38631  1.000 78.03188  ? 15  DT  A "C4'" 1 
ATOM   295 O "O4'" . DT  A 1 15 ? -3.23111  1.67066   16.98653  1.000 92.59242  ? 15  DT  A "O4'" 1 
ATOM   296 C "C3'" . DT  A 1 15 ? -2.03693  -0.27710  16.33266  1.000 88.40304  ? 15  DT  A "C3'" 1 
ATOM   297 O "O3'" . DT  A 1 15 ? -2.77952  -1.40933  16.77007  1.000 104.71644 ? 15  DT  A "O3'" 1 
ATOM   298 C "C2'" . DT  A 1 15 ? -2.68628  0.37586   15.11515  1.000 68.54479  ? 15  DT  A "C2'" 1 
ATOM   299 C "C1'" . DT  A 1 15 ? -3.79060  1.17591   15.78190  1.000 91.04937  ? 15  DT  A "C1'" 1 
ATOM   300 N N1    . DT  A 1 15 ? -4.26634  2.32577   14.96713  1.000 97.38494  ? 15  DT  A N1    1 
ATOM   301 C C2    . DT  A 1 15 ? -5.61824  2.48370   14.74327  1.000 92.11796  ? 15  DT  A C2    1 
ATOM   302 O O2    . DT  A 1 15 ? -6.46535  1.72398   15.18270  1.000 76.45927  ? 15  DT  A O2    1 
ATOM   303 N N3    . DT  A 1 15 ? -5.94586  3.57435   13.98317  1.000 95.50319  ? 15  DT  A N3    1 
ATOM   304 C C4    . DT  A 1 15 ? -5.07666  4.50162   13.43417  1.000 92.84023  ? 15  DT  A C4    1 
ATOM   305 O O4    . DT  A 1 15 ? -5.46855  5.44969   12.76383  1.000 97.47490  ? 15  DT  A O4    1 
ATOM   306 C C5    . DT  A 1 15 ? -3.67587  4.27527   13.70597  1.000 85.59181  ? 15  DT  A C5    1 
ATOM   307 C C7    . DT  A 1 15 ? -2.64057  5.21430   13.16468  1.000 74.97350  ? 15  DT  A C7    1 
ATOM   308 C C6    . DT  A 1 15 ? -3.34284  3.21081   14.44869  1.000 88.52622  ? 15  DT  A C6    1 
ATOM   309 P P     . DT  A 1 16 ? -2.59348  -2.83315  16.04739  1.000 86.82087  ? 16  DT  A P     1 
ATOM   310 O OP1   . DT  A 1 16 ? -2.78492  -2.64873  14.59350  1.000 55.81139  ? 16  DT  A OP1   1 
ATOM   311 O OP2   . DT  A 1 16 ? -3.45267  -3.80393  16.76110  1.000 73.29724  ? 16  DT  A OP2   1 
ATOM   312 O "O5'" . DT  A 1 16 ? -1.05293  -3.19652  16.30802  1.000 86.03627  ? 16  DT  A "O5'" 1 
ATOM   313 C "C5'" . DT  A 1 16 ? -0.56385  -3.43599  17.63699  1.000 54.90768  ? 16  DT  A "C5'" 1 
ATOM   314 C "C4'" . DT  A 1 16 ? 0.56363   -4.45700  17.59979  1.000 67.76617  ? 16  DT  A "C4'" 1 
ATOM   315 O "O4'" . DT  A 1 16 ? -0.00252  -5.79093  17.46706  1.000 59.73663  ? 16  DT  A "O4'" 1 
ATOM   316 C "C3'" . DT  A 1 16 ? 1.54412   -4.28878  16.42884  1.000 61.98440  ? 16  DT  A "C3'" 1 
ATOM   317 O "O3'" . DT  A 1 16 ? 2.89737   -4.40185  16.87733  1.000 65.62083  ? 16  DT  A "O3'" 1 
ATOM   318 C "C2'" . DT  A 1 16 ? 1.17028   -5.42352  15.47563  1.000 49.45663  ? 16  DT  A "C2'" 1 
ATOM   319 C "C1'" . DT  A 1 16 ? 0.64653   -6.48593  16.42837  1.000 41.44451  ? 16  DT  A "C1'" 1 
ATOM   320 N N1    . DT  A 1 16 ? -0.33287  -7.39607  15.78396  1.000 46.68532  ? 16  DT  A N1    1 
ATOM   321 C C2    . DT  A 1 16 ? 0.02470   -8.70105  15.51747  1.000 40.56087  ? 16  DT  A C2    1 
ATOM   322 O O2    . DT  A 1 16 ? 1.11285   -9.17194  15.80365  1.000 49.22281  ? 16  DT  A O2    1 
ATOM   323 N N3    . DT  A 1 16 ? -0.94578  -9.44360  14.90845  1.000 40.43133  ? 16  DT  A N3    1 
ATOM   324 C C4    . DT  A 1 16 ? -2.20805  -9.02471  14.54104  1.000 40.74222  ? 16  DT  A C4    1 
ATOM   325 O O4    . DT  A 1 16 ? -3.00843  -9.77011  13.99199  1.000 40.78300  ? 16  DT  A O4    1 
ATOM   326 C C5    . DT  A 1 16 ? -2.51772  -7.64842  14.84354  1.000 41.34430  ? 16  DT  A C5    1 
ATOM   327 C C7    . DT  A 1 16 ? -3.86043  -7.08005  14.48881  1.000 43.75661  ? 16  DT  A C7    1 
ATOM   328 C C6    . DT  A 1 16 ? -1.57374  -6.90839  15.43814  1.000 42.89728  ? 16  DT  A C6    1 
ATOM   329 P P     . DT  A 1 17 ? 4.06876   -3.62310  16.09870  1.000 61.90685  ? 17  DT  A P     1 
ATOM   330 O OP1   . DT  A 1 17 ? 5.31514   -3.79086  16.88309  1.000 63.95817  ? 17  DT  A OP1   1 
ATOM   331 O OP2   . DT  A 1 17 ? 3.56956   -2.26659  15.78826  1.000 70.49571  ? 17  DT  A OP2   1 
ATOM   332 O "O5'" . DT  A 1 17 ? 4.19747   -4.39546  14.70290  1.000 52.28694  ? 17  DT  A "O5'" 1 
ATOM   333 C "C5'" . DT  A 1 17 ? 4.83954   -5.65713  14.65107  1.000 46.11148  ? 17  DT  A "C5'" 1 
ATOM   334 C "C4'" . DT  A 1 17 ? 4.80373   -6.22097  13.24540  1.000 43.75484  ? 17  DT  A "C4'" 1 
ATOM   335 O "O4'" . DT  A 1 17 ? 3.44774   -6.17712  12.74088  1.000 47.53765  ? 17  DT  A "O4'" 1 
ATOM   336 C "C3'" . DT  A 1 17 ? 5.65644   -5.47588  12.21649  1.000 51.15160  ? 17  DT  A "C3'" 1 
ATOM   337 O "O3'" . DT  A 1 17 ? 6.33085   -6.41190  11.39240  1.000 54.18882  ? 17  DT  A "O3'" 1 
ATOM   338 C "C2'" . DT  A 1 17 ? 4.62267   -4.69750  11.41268  1.000 49.56960  ? 17  DT  A "C2'" 1 
ATOM   339 C "C1'" . DT  A 1 17 ? 3.46464   -5.67279  11.42874  1.000 42.63584  ? 17  DT  A "C1'" 1 
ATOM   340 N N1    . DT  A 1 17 ? 2.16360   -5.03352  11.16579  1.000 41.71276  ? 17  DT  A N1    1 
ATOM   341 C C2    . DT  A 1 17 ? 1.40988   -5.44343  10.08644  1.000 41.50840  ? 17  DT  A C2    1 
ATOM   342 O O2    . DT  A 1 17 ? 1.75876   -6.32755  9.31460   1.000 36.33649  ? 17  DT  A O2    1 
ATOM   343 N N3    . DT  A 1 17 ? 0.22030   -4.77915  9.93942   1.000 39.01471  ? 17  DT  A N3    1 
ATOM   344 C C4    . DT  A 1 17 ? -0.27745  -3.77016  10.74694  1.000 41.64153  ? 17  DT  A C4    1 
ATOM   345 O O4    . DT  A 1 17 ? -1.36147  -3.23450  10.53086  1.000 57.57568  ? 17  DT  A O4    1 
ATOM   346 C C5    . DT  A 1 17 ? 0.56526   -3.39047  11.86084  1.000 41.07006  ? 17  DT  A C5    1 
ATOM   347 C C7    . DT  A 1 17 ? 0.12944   -2.31283  12.80671  1.000 44.50523  ? 17  DT  A C7    1 
ATOM   348 C C6    . DT  A 1 17 ? 1.72946   -4.03256  12.01467  1.000 43.93201  ? 17  DT  A C6    1 
ATOM   349 P P     . DG  A 1 18 ? 7.87924   -6.19666  11.03754  1.000 56.68857  ? 18  DG  A P     1 
ATOM   350 O OP1   . DG  A 1 18 ? 8.62921   -7.30687  11.67500  1.000 56.84833  ? 18  DG  A OP1   1 
ATOM   351 O OP2   . DG  A 1 18 ? 8.21283   -4.77715  11.31234  1.000 49.36549  ? 18  DG  A OP2   1 
ATOM   352 O "O5'" . DG  A 1 18 ? 7.94205   -6.41666  9.46678   1.000 42.42876  ? 18  DG  A "O5'" 1 
ATOM   353 C "C5'" . DG  A 1 18 ? 6.81787   -6.91172  8.78413   1.000 45.41671  ? 18  DG  A "C5'" 1 
ATOM   354 C "C4'" . DG  A 1 18 ? 7.25383   -7.73331  7.59257   1.000 39.93108  ? 18  DG  A "C4'" 1 
ATOM   355 O "O4'" . DG  A 1 18 ? 6.08881   -8.16504  6.85166   1.000 41.46560  ? 18  DG  A "O4'" 1 
ATOM   356 C "C3'" . DG  A 1 18 ? 8.11973   -6.99400  6.58558   1.000 40.08890  ? 18  DG  A "C3'" 1 
ATOM   357 O "O3'" . DG  A 1 18 ? 8.94862   -7.93287  5.90177   1.000 47.58513  ? 18  DG  A "O3'" 1 
ATOM   358 C "C2'" . DG  A 1 18 ? 7.07273   -6.38427  5.65762   1.000 32.68630  ? 18  DG  A "C2'" 1 
ATOM   359 C "C1'" . DG  A 1 18 ? 6.05787   -7.51783  5.59088   1.000 39.64422  ? 18  DG  A "C1'" 1 
ATOM   360 N N9    . DG  A 1 18 ? 4.68731   -7.09384  5.34438   1.000 28.26209  ? 18  DG  A N9    1 
ATOM   361 C C8    . DG  A 1 18 ? 3.80752   -7.67051  4.47006   1.000 30.74290  ? 18  DG  A C8    1 
ATOM   362 N N7    . DG  A 1 18 ? 2.64042   -7.10175  4.45940   1.000 29.37132  ? 18  DG  A N7    1 
ATOM   363 C C5    . DG  A 1 18 ? 2.73999   -6.09366  5.39972   1.000 24.93285  ? 18  DG  A C5    1 
ATOM   364 C C6    . DG  A 1 18 ? 1.78066   -5.14853  5.80765   1.000 25.68437  ? 18  DG  A C6    1 
ATOM   365 O O6    . DG  A 1 18 ? 0.61306   -5.02393  5.40869   1.000 26.00843  ? 18  DG  A O6    1 
ATOM   366 N N1    . DG  A 1 18 ? 2.28552   -4.28543  6.77162   1.000 26.38908  ? 18  DG  A N1    1 
ATOM   367 C C2    . DG  A 1 18 ? 3.56071   -4.33548  7.28176   1.000 26.31766  ? 18  DG  A C2    1 
ATOM   368 N N2    . DG  A 1 18 ? 3.85943   -3.42209  8.21225   1.000 27.29009  ? 18  DG  A N2    1 
ATOM   369 N N3    . DG  A 1 18 ? 4.47894   -5.21896  6.90336   1.000 25.63301  ? 18  DG  A N3    1 
ATOM   370 C C4    . DG  A 1 18 ? 3.99542   -6.06820  5.95899   1.000 24.98548  ? 18  DG  A C4    1 
ATOM   371 P P     . DG  A 1 19 ? 9.90052   -7.45681  4.70084   1.000 43.79984  ? 19  DG  A P     1 
ATOM   372 O OP1   . DG  A 1 19 ? 10.92183  -8.50396  4.48707   1.000 47.49484  ? 19  DG  A OP1   1 
ATOM   373 O OP2   . DG  A 1 19 ? 10.29831  -6.05275  4.97184   1.000 37.92889  ? 19  DG  A OP2   1 
ATOM   374 O "O5'" . DG  A 1 19 ? 8.94910   -7.49622  3.43007   1.000 41.98904  ? 19  DG  A "O5'" 1 
ATOM   375 C "C5'" . DG  A 1 19 ? 8.52714   -8.73664  2.92725   1.000 39.46549  ? 19  DG  A "C5'" 1 
ATOM   376 C "C4'" . DG  A 1 19 ? 7.57083   -8.54417  1.77771   1.000 36.50684  ? 19  DG  A "C4'" 1 
ATOM   377 O "O4'" . DG  A 1 19 ? 6.39566   -7.81964  2.23446   1.000 45.98122  ? 19  DG  A "O4'" 1 
ATOM   378 C "C3'" . DG  A 1 19 ? 8.12162   -7.73462  0.59731   1.000 39.80084  ? 19  DG  A "C3'" 1 
ATOM   379 O "O3'" . DG  A 1 19 ? 7.63389   -8.29331  -0.60498  1.000 46.01719  ? 19  DG  A "O3'" 1 
ATOM   380 C "C2'" . DG  A 1 19 ? 7.50685   -6.36309  0.83244   1.000 32.64867  ? 19  DG  A "C2'" 1 
ATOM   381 C "C1'" . DG  A 1 19 ? 6.13606   -6.78850  1.31097   1.000 33.77753  ? 19  DG  A "C1'" 1 
ATOM   382 N N9    . DG  A 1 19 ? 5.37444   -5.73291  1.96188   1.000 22.90714  ? 19  DG  A N9    1 
ATOM   383 C C8    . DG  A 1 19 ? 5.84127   -4.78790  2.83234   1.000 22.62129  ? 19  DG  A C8    1 
ATOM   384 N N7    . DG  A 1 19 ? 4.91845   -3.97047  3.25152   1.000 22.98019  ? 19  DG  A N7    1 
ATOM   385 C C5    . DG  A 1 19 ? 3.76761   -4.40603  2.62109   1.000 22.86947  ? 19  DG  A C5    1 
ATOM   386 C C6    . DG  A 1 19 ? 2.44448   -3.90783  2.68500   1.000 25.12274  ? 19  DG  A C6    1 
ATOM   387 O O6    . DG  A 1 19 ? 2.01840   -2.94624  3.33447   1.000 27.54015  ? 19  DG  A O6    1 
ATOM   388 N N1    . DG  A 1 19 ? 1.57650   -4.64466  1.88046   1.000 23.29238  ? 19  DG  A N1    1 
ATOM   389 C C2    . DG  A 1 19 ? 1.94532   -5.72390  1.11886   1.000 22.97175  ? 19  DG  A C2    1 
ATOM   390 N N2    . DG  A 1 19 ? 0.97694   -6.30861  0.40755   1.000 22.93825  ? 19  DG  A N2    1 
ATOM   391 N N3    . DG  A 1 19 ? 3.18017   -6.19822  1.05435   1.000 24.78773  ? 19  DG  A N3    1 
ATOM   392 C C4    . DG  A 1 19 ? 4.03371   -5.49148  1.82357   1.000 23.04075  ? 19  DG  A C4    1 
ATOM   393 P P     . DG  A 1 20 ? 8.51895   -8.27481  -1.94330  1.000 50.88389  ? 20  DG  A P     1 
ATOM   394 O OP1   . DG  A 1 20 ? 9.27635   -9.54697  -1.98038  1.000 49.90894  ? 20  DG  A OP1   1 
ATOM   395 O OP2   . DG  A 1 20 ? 9.24351   -6.97966  -2.00210  1.000 42.53925  ? 20  DG  A OP2   1 
ATOM   396 O "O5'" . DG  A 1 20 ? 7.42164   -8.30806  -3.10793  1.000 39.01721  ? 20  DG  A "O5'" 1 
ATOM   397 C "C5'" . DG  A 1 20 ? 6.80327   -7.10337  -3.53424  1.000 38.43587  ? 20  DG  A "C5'" 1 
ATOM   398 C "C4'" . DG  A 1 20 ? 5.34786   -7.33517  -3.89952  1.000 32.74229  ? 20  DG  A "C4'" 1 
ATOM   399 O "O4'" . DG  A 1 20 ? 4.53646   -7.15459  -2.72012  1.000 36.15930  ? 20  DG  A "O4'" 1 
ATOM   400 C "C3'" . DG  A 1 20 ? 4.79422   -6.35989  -4.92291  1.000 27.86141  ? 20  DG  A "C3'" 1 
ATOM   401 O "O3'" . DG  A 1 20 ? 4.94542   -6.89635  -6.21715  1.000 30.79891  ? 20  DG  A "O3'" 1 
ATOM   402 C "C2'" . DG  A 1 20 ? 3.32100   -6.24954  -4.54902  1.000 25.17118  ? 20  DG  A "C2'" 1 
ATOM   403 C "C1'" . DG  A 1 20 ? 3.32455   -6.49944  -3.05142  1.000 21.91697  ? 20  DG  A "C1'" 1 
ATOM   404 N N9    . DG  A 1 20 ? 3.21914   -5.29270  -2.23755  1.000 22.28880  ? 20  DG  A N9    1 
ATOM   405 C C8    . DG  A 1 20 ? 4.18264   -4.77531  -1.41415  1.000 22.24562  ? 20  DG  A C8    1 
ATOM   406 N N7    . DG  A 1 20 ? 3.80300   -3.69726  -0.78423  1.000 22.67311  ? 20  DG  A N7    1 
ATOM   407 C C5    . DG  A 1 20 ? 2.50064   -3.49010  -1.21702  1.000 22.29417  ? 20  DG  A C5    1 
ATOM   408 C C6    . DG  A 1 20 ? 1.57938   -2.47326  -0.87643  1.000 23.02433  ? 20  DG  A C6    1 
ATOM   409 O O6    . DG  A 1 20 ? 1.73665   -1.51838  -0.09933  1.000 24.82457  ? 20  DG  A O6    1 
ATOM   410 N N1    . DG  A 1 20 ? 0.37044   -2.63605  -1.53528  1.000 23.60803  ? 20  DG  A N1    1 
ATOM   411 C C2    . DG  A 1 20 ? 0.08353   -3.64675  -2.41557  1.000 23.25668  ? 20  DG  A C2    1 
ATOM   412 N N2    . DG  A 1 20 ? -1.14554  -3.63263  -2.95269  1.000 24.00415  ? 20  DG  A N2    1 
ATOM   413 N N3    . DG  A 1 20 ? 0.93837   -4.60789  -2.74531  1.000 23.28858  ? 20  DG  A N3    1 
ATOM   414 C C4    . DG  A 1 20 ? 2.12356   -4.46612  -2.10728  1.000 22.18286  ? 20  DG  A C4    1 
ATOM   415 P P     . DG  A 1 21 ? 5.05167   -5.92244  -7.48662  1.000 38.21492  ? 21  DG  A P     1 
ATOM   416 O OP1   . DG  A 1 21 ? 5.40466   -6.76507  -8.64934  1.000 39.40092  ? 21  DG  A OP1   1 
ATOM   417 O OP2   . DG  A 1 21 ? 5.92249   -4.78090  -7.11879  1.000 40.13877  ? 21  DG  A OP2   1 
ATOM   418 O "O5'" . DG  A 1 21 ? 3.55816   -5.36712  -7.67277  1.000 33.60320  ? 21  DG  A "O5'" 1 
ATOM   419 C "C5'" . DG  A 1 21 ? 2.47439   -6.27526  -7.88722  1.000 30.53443  ? 21  DG  A "C5'" 1 
ATOM   420 C "C4'" . DG  A 1 21 ? 1.18064   -5.51950  -8.13344  1.000 24.11272  ? 21  DG  A "C4'" 1 
ATOM   421 O "O4'" . DG  A 1 21 ? 0.79508   -4.81535  -6.92382  1.000 33.98782  ? 21  DG  A "O4'" 1 
ATOM   422 C "C3'" . DG  A 1 21 ? 1.26895   -4.46260  -9.22872  1.000 30.73574  ? 21  DG  A "C3'" 1 
ATOM   423 O "O3'" . DG  A 1 21 ? 0.08533   -4.44995  -10.00563 1.000 39.52161  ? 21  DG  A "O3'" 1 
ATOM   424 C "C2'" . DG  A 1 21 ? 1.44287   -3.16369  -8.45248  1.000 32.69266  ? 21  DG  A "C2'" 1 
ATOM   425 C "C1'" . DG  A 1 21 ? 0.62902   -3.44228  -7.20267  1.000 33.59655  ? 21  DG  A "C1'" 1 
ATOM   426 N N9    . DG  A 1 21 ? 1.08692   -2.66502  -6.05625  1.000 26.08529  ? 21  DG  A N9    1 
ATOM   427 C C8    . DG  A 1 21 ? 2.30656   -2.74740  -5.43871  1.000 23.06585  ? 21  DG  A C8    1 
ATOM   428 N N7    . DG  A 1 21 ? 2.44653   -1.90534  -4.46008  1.000 23.88336  ? 21  DG  A N7    1 
ATOM   429 C C5    . DG  A 1 21 ? 1.24536   -1.21412  -4.43291  1.000 23.86194  ? 21  DG  A C5    1 
ATOM   430 C C6    . DG  A 1 21 ? 0.81390   -0.17337  -3.58104  1.000 27.37808  ? 21  DG  A C6    1 
ATOM   431 O O6    . DG  A 1 21 ? 1.43291   0.35969   -2.64744  1.000 28.17028  ? 21  DG  A O6    1 
ATOM   432 N N1    . DG  A 1 21 ? -0.47768  0.24836   -3.89492  1.000 26.77462  ? 21  DG  A N1    1 
ATOM   433 C C2    . DG  A 1 21 ? -1.24578  -0.26997  -4.90641  1.000 26.03439  ? 21  DG  A C2    1 
ATOM   434 N N2    . DG  A 1 21 ? -2.46042  0.26632   -5.06652  1.000 27.43603  ? 21  DG  A N2    1 
ATOM   435 N N3    . DG  A 1 21 ? -0.84829  -1.24153  -5.70889  1.000 25.54574  ? 21  DG  A N3    1 
ATOM   436 C C4    . DG  A 1 21 ? 0.40169   -1.66553  -5.41241  1.000 24.29057  ? 21  DG  A C4    1 
ATOM   437 P P     . DG  A 1 22 ? 0.10360   -3.78009  -11.46592 1.000 41.01629  ? 22  DG  A P     1 
ATOM   438 O OP1   . DG  A 1 22 ? -0.63686  -4.68276  -12.38960 1.000 32.00437  ? 22  DG  A OP1   1 
ATOM   439 O OP2   . DG  A 1 22 ? 1.50782   -3.39003  -11.74661 1.000 27.23114  ? 22  DG  A OP2   1 
ATOM   440 O "O5'" . DG  A 1 22 ? -0.70553  -2.41562  -11.26617 1.000 33.81064  ? 22  DG  A "O5'" 1 
ATOM   441 C "C5'" . DG  A 1 22 ? -2.07794  -2.44893  -10.92050 1.000 33.39869  ? 22  DG  A "C5'" 1 
ATOM   442 C "C4'" . DG  A 1 22 ? -2.64185  -1.04707  -10.89284 1.000 29.59732  ? 22  DG  A "C4'" 1 
ATOM   443 O "O4'" . DG  A 1 22 ? -2.27927  -0.40446  -9.64604  1.000 28.84148  ? 22  DG  A "O4'" 1 
ATOM   444 C "C3'" . DG  A 1 22 ? -2.12952  -0.13661  -12.00549 1.000 30.85865  ? 22  DG  A "C3'" 1 
ATOM   445 O "O3'" . DG  A 1 22 ? -3.20252  0.63461   -12.51788 1.000 38.73906  ? 22  DG  A "O3'" 1 
ATOM   446 C "C2'" . DG  A 1 22 ? -1.09747  0.73568   -11.29405 1.000 30.22842  ? 22  DG  A "C2'" 1 
ATOM   447 C "C1'" . DG  A 1 22 ? -1.71134  0.85570   -9.91276  1.000 29.61904  ? 22  DG  A "C1'" 1 
ATOM   448 N N9    . DG  A 1 22 ? -0.73846  1.16239   -8.86086  1.000 28.50658  ? 22  DG  A N9    1 
ATOM   449 C C8    . DG  A 1 22 ? 0.51620   0.62595   -8.71819  1.000 27.25939  ? 22  DG  A C8    1 
ATOM   450 N N7    . DG  A 1 22 ? 1.16121   1.08066   -7.68073  1.000 26.67852  ? 22  DG  A N7    1 
ATOM   451 C C5    . DG  A 1 22 ? 0.27807   1.97412   -7.09255  1.000 27.64284  ? 22  DG  A C5    1 
ATOM   452 C C6    . DG  A 1 22 ? 0.42805   2.77353   -5.93550  1.000 29.17689  ? 22  DG  A C6    1 
ATOM   453 O O6    . DG  A 1 22 ? 1.40126   2.84925   -5.17788  1.000 29.18182  ? 22  DG  A O6    1 
ATOM   454 N N1    . DG  A 1 22 ? -0.70440  3.53910   -5.68589  1.000 31.46574  ? 22  DG  A N1    1 
ATOM   455 C C2    . DG  A 1 22 ? -1.83991  3.53140   -6.45332  1.000 30.51186  ? 22  DG  A C2    1 
ATOM   456 N N2    . DG  A 1 22 ? -2.83104  4.33740   -6.04868  1.000 32.26918  ? 22  DG  A N2    1 
ATOM   457 N N3    . DG  A 1 22 ? -1.99466  2.78967   -7.54454  1.000 30.27545  ? 22  DG  A N3    1 
ATOM   458 C C4    . DG  A 1 22 ? -0.89761  2.03722   -7.80361  1.000 28.79631  ? 22  DG  A C4    1 
ATOM   459 P P     . DT  A 1 23 ? -3.45058  0.74358   -14.10089 1.000 49.02096  ? 23  DT  A P     1 
ATOM   460 O OP1   . DT  A 1 23 ? -2.34876  0.06300   -14.82730 1.000 42.33165  ? 23  DT  A OP1   1 
ATOM   461 O OP2   . DT  A 1 23 ? -3.75993  2.16925   -14.35137 1.000 51.37053  ? 23  DT  A OP2   1 
ATOM   462 O "O5'" . DT  A 1 23 ? -4.78860  -0.09883  -14.35431 1.000 43.67972  ? 23  DT  A "O5'" 1 
ATOM   463 C "C5'" . DT  A 1 23 ? -5.02952  -1.28849  -13.63276 1.000 33.94305  ? 23  DT  A "C5'" 1 
ATOM   464 C "C4'" . DT  A 1 23 ? -5.73680  -2.31435  -14.49321 1.000 42.71459  ? 23  DT  A "C4'" 1 
ATOM   465 O "O4'" . DT  A 1 23 ? -6.19766  -1.70569  -15.73461 1.000 46.07508  ? 23  DT  A "O4'" 1 
ATOM   466 C "C3'" . DT  A 1 23 ? -4.87499  -3.50161  -14.90054 1.000 44.58118  ? 23  DT  A "C3'" 1 
ATOM   467 O "O3'" . DT  A 1 23 ? -5.63014  -4.67018  -14.80842 1.000 47.94528  ? 23  DT  A "O3'" 1 
ATOM   468 C "C2'" . DT  A 1 23 ? -4.51526  -3.19537  -16.34929 1.000 39.86818  ? 23  DT  A "C2'" 1 
ATOM   469 C "C1'" . DT  A 1 23 ? -5.76947  -2.49110  -16.82528 1.000 37.70047  ? 23  DT  A "C1'" 1 
ATOM   470 N N1    . DT  A 1 23 ? -5.52200  -1.60387  -17.97770 1.000 39.70469  ? 23  DT  A N1    1 
ATOM   471 C C2    . DT  A 1 23 ? -5.81028  -2.05208  -19.23548 1.000 41.61774  ? 23  DT  A C2    1 
ATOM   472 O O2    . DT  A 1 23 ? -6.27598  -3.15527  -19.45816 1.000 42.54192  ? 23  DT  A O2    1 
ATOM   473 N N3    . DT  A 1 23 ? -5.53796  -1.15976  -20.23733 1.000 43.68688  ? 23  DT  A N3    1 
ATOM   474 C C4    . DT  A 1 23 ? -5.00894  0.10837   -20.10544 1.000 44.04065  ? 23  DT  A C4    1 
ATOM   475 O O4    . DT  A 1 23 ? -4.80082  0.83405   -21.06838 1.000 51.88288  ? 23  DT  A O4    1 
ATOM   476 C C5    . DT  A 1 23 ? -4.72177  0.51878   -18.75726 1.000 42.41102  ? 23  DT  A C5    1 
ATOM   477 C C7    . DT  A 1 23 ? -4.15102  1.87700   -18.48925 1.000 42.35650  ? 23  DT  A C7    1 
ATOM   478 C C6    . DT  A 1 23 ? -4.98630  -0.34859  -17.76646 1.000 53.81520  ? 23  DT  A C6    1 
ATOM   479 P P     . DT  A 1 24 ? -5.21470  -5.80062  -13.75725 1.000 40.30906  ? 24  DT  A P     1 
ATOM   480 O OP1   . DT  A 1 24 ? -4.59834  -5.11126  -12.60436 1.000 47.32559  ? 24  DT  A OP1   1 
ATOM   481 O OP2   . DT  A 1 24 ? -4.46061  -6.84238  -14.49739 1.000 44.95211  ? 24  DT  A OP2   1 
ATOM   482 O "O5'" . DT  A 1 24 ? -6.61505  -6.42952  -13.32386 1.000 40.22301  ? 24  DT  A "O5'" 1 
ATOM   483 C "C5'" . DT  A 1 24 ? -7.45453  -5.72886  -12.42937 1.000 34.70347  ? 24  DT  A "C5'" 1 
ATOM   484 C "C4'" . DT  A 1 24 ? -8.73233  -6.50273  -12.18947 1.000 37.42955  ? 24  DT  A "C4'" 1 
ATOM   485 O "O4'" . DT  A 1 24 ? -9.47195  -6.56953  -13.42583 1.000 38.47665  ? 24  DT  A "O4'" 1 
ATOM   486 C "C3'" . DT  A 1 24 ? -8.54187  -7.95414  -11.73887 1.000 44.88899  ? 24  DT  A "C3'" 1 
ATOM   487 O "O3'" . DT  A 1 24 ? -9.59400  -8.33670  -10.87451 1.000 48.59065  ? 24  DT  A "O3'" 1 
ATOM   488 C "C2'" . DT  A 1 24 ? -8.61899  -8.72024  -13.04755 1.000 37.61545  ? 24  DT  A "C2'" 1 
ATOM   489 C "C1'" . DT  A 1 24 ? -9.66570  -7.91594  -13.79969 1.000 38.98007  ? 24  DT  A "C1'" 1 
ATOM   490 N N1    . DT  A 1 24 ? -9.52067  -8.00752  -15.26311 1.000 37.73046  ? 24  DT  A N1    1 
ATOM   491 C C2    . DT  A 1 24 ? -10.28199 -8.90966  -15.95511 1.000 40.34999  ? 24  DT  A C2    1 
ATOM   492 O O2    . DT  A 1 24 ? -11.09194 -9.64857  -15.42317 1.000 48.06312  ? 24  DT  A O2    1 
ATOM   493 N N3    . DT  A 1 24 ? -10.06883 -8.91497  -17.30578 1.000 42.51618  ? 24  DT  A N3    1 
ATOM   494 C C4    . DT  A 1 24 ? -9.18308  -8.12613  -18.01408 1.000 40.87597  ? 24  DT  A C4    1 
ATOM   495 O O4    . DT  A 1 24 ? -9.06025  -8.21265  -19.22609 1.000 45.13015  ? 24  DT  A O4    1 
ATOM   496 C C5    . DT  A 1 24 ? -8.41229  -7.20124  -17.22508 1.000 39.06220  ? 24  DT  A C5    1 
ATOM   497 C C7    . DT  A 1 24 ? -7.41790  -6.29330  -17.88217 1.000 39.17181  ? 24  DT  A C7    1 
ATOM   498 C C6    . DT  A 1 24 ? -8.61694  -7.18523  -15.90286 1.000 37.57215  ? 24  DT  A C6    1 
ATOM   499 P P     . DT  A 1 25 ? -9.35924  -8.40345  -9.28758  1.000 48.32306  ? 25  DT  A P     1 
ATOM   500 O OP1   . DT  A 1 25 ? -10.70092 -8.47348  -8.67533  1.000 54.81792  ? 25  DT  A OP1   1 
ATOM   501 O OP2   . DT  A 1 25 ? -8.40961  -7.33809  -8.88471  1.000 49.19640  ? 25  DT  A OP2   1 
ATOM   502 O "O5'" . DT  A 1 25 ? -8.59498  -9.78323  -9.06544  1.000 48.39372  ? 25  DT  A "O5'" 1 
ATOM   503 C "C5'" . DT  A 1 25 ? -9.12742  -10.97677 -9.57714  1.000 37.49919  ? 25  DT  A "C5'" 1 
ATOM   504 C "C4'" . DT  A 1 25 ? -8.01050  -11.93516 -9.91713  1.000 36.83581  ? 25  DT  A "C4'" 1 
ATOM   505 O "O4'" . DT  A 1 25 ? -8.53420  -13.28227 -9.98478  1.000 38.72228  ? 25  DT  A "O4'" 1 
ATOM   506 C "C3'" . DT  A 1 25 ? -7.35270  -11.68165 -11.26074 1.000 35.44454  ? 25  DT  A "C3'" 1 
ATOM   507 O "O3'" . DT  A 1 25 ? -6.00208  -12.08958 -11.21163 1.000 31.42302  ? 25  DT  A "O3'" 1 
ATOM   508 C "C2'" . DT  A 1 25 ? -8.17687  -12.55761 -12.19892 1.000 37.46867  ? 25  DT  A "C2'" 1 
ATOM   509 C "C1'" . DT  A 1 25 ? -8.47954  -13.75752 -11.31171 1.000 34.55158  ? 25  DT  A "C1'" 1 
ATOM   510 N N1    . DT  A 1 25 ? -9.77372  -14.42297 -11.61138 1.000 44.19380  ? 25  DT  A N1    1 
ATOM   511 C C2    . DT  A 1 25 ? -9.80387  -15.42623 -12.54425 1.000 39.45605  ? 25  DT  A C2    1 
ATOM   512 O O2    . DT  A 1 25 ? -8.81706  -15.79007 -13.16052 1.000 44.47079  ? 25  DT  A O2    1 
ATOM   513 N N3    . DT  A 1 25 ? -11.03882 -15.98887 -12.74003 1.000 39.91463  ? 25  DT  A N3    1 
ATOM   514 C C4    . DT  A 1 25 ? -12.22209 -15.65359 -12.09927 1.000 40.55728  ? 25  DT  A C4    1 
ATOM   515 O O4    . DT  A 1 25 ? -13.28117 -16.21679 -12.33964 1.000 46.66363  ? 25  DT  A O4    1 
ATOM   516 C C5    . DT  A 1 25 ? -12.12253 -14.59561 -11.12785 1.000 53.73905  ? 25  DT  A C5    1 
ATOM   517 C C7    . DT  A 1 25 ? -13.34673 -14.14895 -10.37601 1.000 54.58073  ? 25  DT  A C7    1 
ATOM   518 C C6    . DT  A 1 25 ? -10.91453 -14.03809 -10.92656 1.000 47.77728  ? 25  DT  A C6    1 
ATOM   519 P P     . DG  A 1 26 ? -4.85670  -11.00368 -10.93485 1.000 37.55641  ? 26  DG  A P     1 
ATOM   520 O OP1   . DG  A 1 26 ? -5.20455  -9.78988  -11.71155 1.000 53.86055  ? 26  DG  A OP1   1 
ATOM   521 O OP2   . DG  A 1 26 ? -3.55672  -11.67966 -11.15418 1.000 44.97747  ? 26  DG  A OP2   1 
ATOM   522 O "O5'" . DG  A 1 26 ? -5.02964  -10.63963 -9.38262  1.000 40.36506  ? 26  DG  A "O5'" 1 
ATOM   523 C "C5'" . DG  A 1 26 ? -4.45416  -11.47691 -8.37928  1.000 36.99081  ? 26  DG  A "C5'" 1 
ATOM   524 C "C4'" . DG  A 1 26 ? -4.93276  -11.07516 -6.99809  1.000 32.50140  ? 26  DG  A "C4'" 1 
ATOM   525 O "O4'" . DG  A 1 26 ? -6.31977  -11.46845 -6.82271  1.000 32.80144  ? 26  DG  A "O4'" 1 
ATOM   526 C "C3'" . DG  A 1 26 ? -4.19570  -11.73056 -5.85057  1.000 38.01764  ? 26  DG  A "C3'" 1 
ATOM   527 O "O3'" . DG  A 1 26 ? -4.30033  -10.90679 -4.69665  1.000 50.50747  ? 26  DG  A "O3'" 1 
ATOM   528 C "C2'" . DG  A 1 26 ? -4.98698  -13.02847 -5.67728  1.000 32.37231  ? 26  DG  A "C2'" 1 
ATOM   529 C "C1'" . DG  A 1 26 ? -6.41123  -12.52455 -5.87769  1.000 30.23170  ? 26  DG  A "C1'" 1 
ATOM   530 N N9    . DG  A 1 26 ? -7.35411  -13.51034 -6.41113  1.000 34.21404  ? 26  DG  A N9    1 
ATOM   531 C C8    . DG  A 1 26 ? -8.65555  -13.70896 -6.01142  1.000 35.84504  ? 26  DG  A C8    1 
ATOM   532 N N7    . DG  A 1 26 ? -9.28085  -14.62747 -6.70286  1.000 35.00138  ? 26  DG  A N7    1 
ATOM   533 C C5    . DG  A 1 26 ? -8.33773  -15.05646 -7.62663  1.000 33.47710  ? 26  DG  A C5    1 
ATOM   534 C C6    . DG  A 1 26 ? -8.43216  -16.04046 -8.64301  1.000 37.43128  ? 26  DG  A C6    1 
ATOM   535 O O6    . DG  A 1 26 ? -9.40403  -16.75181 -8.94295  1.000 38.31781  ? 26  DG  A O6    1 
ATOM   536 N N1    . DG  A 1 26 ? -7.24183  -16.15836 -9.35591  1.000 34.06377  ? 26  DG  A N1    1 
ATOM   537 C C2    . DG  A 1 26 ? -6.10977  -15.42367 -9.11909  1.000 32.40869  ? 26  DG  A C2    1 
ATOM   538 N N2    . DG  A 1 26 ? -5.06296  -15.67512 -9.90814  1.000 32.42337  ? 26  DG  A N2    1 
ATOM   539 N N3    . DG  A 1 26 ? -6.00672  -14.50307 -8.17724  1.000 32.94273  ? 26  DG  A N3    1 
ATOM   540 C C4    . DG  A 1 26 ? -7.15135  -14.37190 -7.46800  1.000 33.64514  ? 26  DG  A C4    1 
ATOM   541 P P     . DG  A 1 27 ? -3.33006  -9.63701  -4.48453  1.000 52.18363  ? 27  DG  A P     1 
ATOM   542 O OP1   . DG  A 1 27 ? -3.52483  -8.64278  -5.56233  1.000 40.27610  ? 27  DG  A OP1   1 
ATOM   543 O OP2   . DG  A 1 27 ? -1.98040  -10.17701 -4.18788  1.000 35.77950  ? 27  DG  A OP2   1 
ATOM   544 O "O5'" . DG  A 1 27 ? -3.92067  -8.96361  -3.17041  1.000 42.97974  ? 27  DG  A "O5'" 1 
ATOM   545 C "C5'" . DG  A 1 27 ? -5.29403  -9.12921  -2.86989  1.000 33.43081  ? 27  DG  A "C5'" 1 
ATOM   546 C "C4'" . DG  A 1 27 ? -5.96428  -7.79144  -2.65364  1.000 35.95231  ? 27  DG  A "C4'" 1 
ATOM   547 O "O4'" . DG  A 1 27 ? -5.39854  -7.15478  -1.47544  1.000 38.85479  ? 27  DG  A "O4'" 1 
ATOM   548 C "C3'" . DG  A 1 27 ? -5.79980  -6.78798  -3.79420  1.000 28.10980  ? 27  DG  A "C3'" 1 
ATOM   549 O "O3'" . DG  A 1 27 ? -7.00905  -6.05627  -3.95467  1.000 33.14228  ? 27  DG  A "O3'" 1 
ATOM   550 C "C2'" . DG  A 1 27 ? -4.67833  -5.89077  -3.28626  1.000 33.55020  ? 27  DG  A "C2'" 1 
ATOM   551 C "C1'" . DG  A 1 27 ? -4.99983  -5.84632  -1.80622  1.000 31.71508  ? 27  DG  A "C1'" 1 
ATOM   552 N N9    . DG  A 1 27 ? -3.85994  -5.48862  -0.97837  1.000 39.06632  ? 27  DG  A N9    1 
ATOM   553 C C8    . DG  A 1 27 ? -2.66152  -6.15031  -0.89704  1.000 34.67979  ? 27  DG  A C8    1 
ATOM   554 N N7    . DG  A 1 27 ? -1.82205  -5.60032  -0.07081  1.000 31.00470  ? 27  DG  A N7    1 
ATOM   555 C C5    . DG  A 1 27 ? -2.50596  -4.50470  0.43090   1.000 32.66080  ? 27  DG  A C5    1 
ATOM   556 C C6    . DG  A 1 27 ? -2.09618  -3.53465  1.36850   1.000 29.02248  ? 27  DG  A C6    1 
ATOM   557 O O6    . DG  A 1 27 ? -1.01112  -3.45264  1.95840   1.000 27.01755  ? 27  DG  A O6    1 
ATOM   558 N N1    . DG  A 1 27 ? -3.09587  -2.59121  1.60423   1.000 36.10918  ? 27  DG  A N1    1 
ATOM   559 C C2    . DG  A 1 27 ? -4.33562  -2.59435  1.00498   1.000 36.46703  ? 27  DG  A C2    1 
ATOM   560 N N2    . DG  A 1 27 ? -5.16632  -1.60332  1.35415   1.000 34.26510  ? 27  DG  A N2    1 
ATOM   561 N N3    . DG  A 1 27 ? -4.72890  -3.49950  0.11761   1.000 34.05396  ? 27  DG  A N3    1 
ATOM   562 C C4    . DG  A 1 27 ? -3.76523  -4.42186  -0.11700  1.000 34.48259  ? 27  DG  A C4    1 
ATOM   563 P P     . DG  A 1 28 ? -7.13140  -4.88997  -5.05595  1.000 43.81740  ? 28  DG  A P     1 
ATOM   564 O OP1   . DG  A 1 28 ? -8.46546  -5.06429  -5.66332  1.000 50.63158  ? 28  DG  A OP1   1 
ATOM   565 O OP2   . DG  A 1 28 ? -5.92280  -4.88074  -5.91801  1.000 51.29523  ? 28  DG  A OP2   1 
ATOM   566 O "O5'" . DG  A 1 28 ? -7.14460  -3.53376  -4.19957  1.000 35.73141  ? 28  DG  A "O5'" 1 
ATOM   567 C "C5'" . DG  A 1 28 ? -8.20578  -3.29707  -3.28263  1.000 32.60557  ? 28  DG  A "C5'" 1 
ATOM   568 C "C4'" . DG  A 1 28 ? -8.40260  -1.81156  -3.01204  1.000 46.35981  ? 28  DG  A "C4'" 1 
ATOM   569 O "O4'" . DG  A 1 28 ? -7.44092  -1.34657  -2.02652  1.000 57.07829  ? 28  DG  A "O4'" 1 
ATOM   570 C "C3'" . DG  A 1 28 ? -8.25484  -0.88686  -4.21190  1.000 44.26506  ? 28  DG  A "C3'" 1 
ATOM   571 O "O3'" . DG  A 1 28 ? -9.17018  0.19629   -4.06886  1.000 54.52505  ? 28  DG  A "O3'" 1 
ATOM   572 C "C2'" . DG  A 1 28 ? -6.80282  -0.42059  -4.09903  1.000 43.89355  ? 28  DG  A "C2'" 1 
ATOM   573 C "C1'" . DG  A 1 28 ? -6.61123  -0.34420  -2.58650  1.000 43.88643  ? 28  DG  A "C1'" 1 
ATOM   574 N N9    . DG  A 1 28 ? -5.24010  -0.61130  -2.15870  1.000 37.43292  ? 28  DG  A N9    1 
ATOM   575 C C8    . DG  A 1 28 ? -4.42186  -1.62253  -2.60358  1.000 34.97390  ? 28  DG  A C8    1 
ATOM   576 N N7    . DG  A 1 28 ? -3.25236  -1.63416  -2.03604  1.000 33.99071  ? 28  DG  A N7    1 
ATOM   577 C C5    . DG  A 1 28 ? -3.29404  -0.56258  -1.15183  1.000 38.66226  ? 28  DG  A C5    1 
ATOM   578 C C6    . DG  A 1 28 ? -2.30963  -0.08188  -0.25920  1.000 33.70191  ? 28  DG  A C6    1 
ATOM   579 O O6    . DG  A 1 28 ? -1.16364  -0.52208  -0.06864  1.000 33.92777  ? 28  DG  A O6    1 
ATOM   580 N N1    . DG  A 1 28 ? -2.75983  1.02565   0.45717   1.000 37.27079  ? 28  DG  A N1    1 
ATOM   581 C C2    . DG  A 1 28 ? -4.00127  1.59274   0.32970   1.000 35.39156  ? 28  DG  A C2    1 
ATOM   582 N N2    . DG  A 1 28 ? -4.24847  2.65756   1.10609   1.000 33.38119  ? 28  DG  A N2    1 
ATOM   583 N N3    . DG  A 1 28 ? -4.93572  1.15181   -0.50418  1.000 41.30819  ? 28  DG  A N3    1 
ATOM   584 C C4    . DG  A 1 28 ? -4.51397  0.07384   -1.21007  1.000 40.63731  ? 28  DG  A C4    1 
ATOM   585 P P     . DG  A 1 29 ? -9.28575  1.34244   -5.18857  1.000 54.96516  ? 29  DG  A P     1 
ATOM   586 O OP1   . DG  A 1 29 ? -10.73233 1.56187   -5.40008  1.000 60.20087  ? 29  DG  A OP1   1 
ATOM   587 O OP2   . DG  A 1 29 ? -8.42650  0.97791   -6.33951  1.000 50.29698  ? 29  DG  A OP2   1 
ATOM   588 O "O5'" . DG  A 1 29 ? -8.68163  2.63951   -4.46588  1.000 52.19465  ? 29  DG  A "O5'" 1 
ATOM   589 C "C5'" . DG  A 1 29 ? -9.13420  2.98446   -3.15792  1.000 56.95756  ? 29  DG  A "C5'" 1 
ATOM   590 C "C4'" . DG  A 1 29 ? -8.48533  4.26535   -2.65882  1.000 50.12800  ? 29  DG  A "C4'" 1 
ATOM   591 O "O4'" . DG  A 1 29 ? -7.18412  3.97877   -2.07860  1.000 49.78353  ? 29  DG  A "O4'" 1 
ATOM   592 C "C3'" . DG  A 1 29 ? -8.24667  5.33585   -3.71647  1.000 55.73175  ? 29  DG  A "C3'" 1 
ATOM   593 O "O3'" . DG  A 1 29 ? -8.47336  6.61015   -3.14004  1.000 71.70935  ? 29  DG  A "O3'" 1 
ATOM   594 C "C2'" . DG  A 1 29 ? -6.77374  5.13914   -4.06560  1.000 52.35312  ? 29  DG  A "C2'" 1 
ATOM   595 C "C1'" . DG  A 1 29 ? -6.20230  4.77986   -2.70341  1.000 47.88157  ? 29  DG  A "C1'" 1 
ATOM   596 N N9    . DG  A 1 29 ? -4.96213  4.01358   -2.76248  1.000 45.61675  ? 29  DG  A N9    1 
ATOM   597 C C8    . DG  A 1 29 ? -4.70839  2.90399   -3.53678  1.000 41.54758  ? 29  DG  A C8    1 
ATOM   598 N N7    . DG  A 1 29 ? -3.50916  2.41715   -3.36825  1.000 41.52986  ? 29  DG  A N7    1 
ATOM   599 C C5    . DG  A 1 29 ? -2.93141  3.25360   -2.41652  1.000 38.96119  ? 29  DG  A C5    1 
ATOM   600 C C6    . DG  A 1 29 ? -1.63733  3.22487   -1.83547  1.000 35.86843  ? 29  DG  A C6    1 
ATOM   601 O O6    . DG  A 1 29 ? -0.71236  2.42761   -2.04826  1.000 28.30798  ? 29  DG  A O6    1 
ATOM   602 N N1    . DG  A 1 29 ? -1.46347  4.25495   -0.91645  1.000 41.03937  ? 29  DG  A N1    1 
ATOM   603 C C2    . DG  A 1 29 ? -2.41080  5.19625   -0.59514  1.000 41.89891  ? 29  DG  A C2    1 
ATOM   604 N N2    . DG  A 1 29 ? -2.04746  6.11644   0.31842   1.000 34.70527  ? 29  DG  A N2    1 
ATOM   605 N N3    . DG  A 1 29 ? -3.62643  5.23818   -1.13265  1.000 39.12468  ? 29  DG  A N3    1 
ATOM   606 C C4    . DG  A 1 29 ? -3.81544  4.23923   -2.03220  1.000 40.83954  ? 29  DG  A C4    1 
ATOM   607 P P     . DG  A 1 30 ? -8.88640  7.85799   -4.06109  1.000 80.43409  ? 30  DG  A P     1 
ATOM   608 O OP1   . DG  A 1 30 ? -10.23607 8.28812   -3.62468  1.000 72.93757  ? 30  DG  A OP1   1 
ATOM   609 O OP2   . DG  A 1 30 ? -8.63387  7.48740   -5.47467  1.000 58.52950  ? 30  DG  A OP2   1 
ATOM   610 O "O5'" . DG  A 1 30 ? -7.84156  8.98945   -3.64275  1.000 63.98957  ? 30  DG  A "O5'" 1 
ATOM   611 C "C5'" . DG  A 1 30 ? -7.76381  9.39746   -2.28690  1.000 70.74737  ? 30  DG  A "C5'" 1 
ATOM   612 C "C4'" . DG  A 1 30 ? -6.45868  10.11543  -2.01344  1.000 75.84057  ? 30  DG  A "C4'" 1 
ATOM   613 O "O4'" . DG  A 1 30 ? -5.37732  9.15051   -1.91655  1.000 61.14996  ? 30  DG  A "O4'" 1 
ATOM   614 C "C3'" . DG  A 1 30 ? -6.03250  11.12176  -3.08763  1.000 79.78238  ? 30  DG  A "C3'" 1 
ATOM   615 O "O3'" . DG  A 1 30 ? -5.53143  12.29160  -2.46327  1.000 101.32605 ? 30  DG  A "O3'" 1 
ATOM   616 C "C2'" . DG  A 1 30 ? -4.92524  10.37709  -3.82989  1.000 61.22280  ? 30  DG  A "C2'" 1 
ATOM   617 C "C1'" . DG  A 1 30 ? -4.29273  9.61616   -2.68040  1.000 61.43839  ? 30  DG  A "C1'" 1 
ATOM   618 N N9    . DG  A 1 30 ? -3.48341  8.47650   -3.09013  1.000 46.56447  ? 30  DG  A N9    1 
ATOM   619 C C8    . DG  A 1 30 ? -3.81556  7.50821   -4.00395  1.000 49.29749  ? 30  DG  A C8    1 
ATOM   620 N N7    . DG  A 1 30 ? -2.88834  6.60528   -4.16183  1.000 43.17572  ? 30  DG  A N7    1 
ATOM   621 C C5    . DG  A 1 30 ? -1.87831  7.00193   -3.29560  1.000 45.20777  ? 30  DG  A C5    1 
ATOM   622 C C6    . DG  A 1 30 ? -0.62099  6.41264   -3.03112  1.000 42.93869  ? 30  DG  A C6    1 
ATOM   623 O O6    . DG  A 1 30 ? -0.13481  5.38578   -3.52848  1.000 33.87962  ? 30  DG  A O6    1 
ATOM   624 N N1    . DG  A 1 30 ? 0.09533   7.13515   -2.07643  1.000 34.42331  ? 30  DG  A N1    1 
ATOM   625 C C2    . DG  A 1 30 ? -0.34367  8.28193   -1.46239  1.000 39.45927  ? 30  DG  A C2    1 
ATOM   626 N N2    . DG  A 1 30 ? 0.49248   8.84130   -0.56881  1.000 35.54724  ? 30  DG  A N2    1 
ATOM   627 N N3    . DG  A 1 30 ? -1.51962  8.84393   -1.70490  1.000 51.22150  ? 30  DG  A N3    1 
ATOM   628 C C4    . DG  A 1 30 ? -2.23121  8.15085   -2.62773  1.000 44.09008  ? 30  DG  A C4    1 
ATOM   629 P P     . DT  A 1 31 ? -6.05483  13.74359  -2.90589  1.000 105.60320 ? 31  DT  A P     1 
ATOM   630 O OP1   . DT  A 1 31 ? -7.53536  13.71078  -2.90061  1.000 104.10676 ? 31  DT  A OP1   1 
ATOM   631 O OP2   . DT  A 1 31 ? -5.33360  14.10048  -4.14997  1.000 80.11428  ? 31  DT  A OP2   1 
ATOM   632 O "O5'" . DT  A 1 31 ? -5.54496  14.71104  -1.72856  1.000 118.50072 ? 31  DT  A "O5'" 1 
ATOM   633 C "C5'" . DT  A 1 31 ? -6.33385  14.89628  -0.54421  1.000 124.06704 ? 31  DT  A "C5'" 1 
ATOM   634 C "C4'" . DT  A 1 31 ? -6.40655  13.61725  0.27348   1.000 124.36993 ? 31  DT  A "C4'" 1 
ATOM   635 O "O4'" . DT  A 1 31 ? -5.37355  13.62531  1.29097   1.000 137.62110 ? 31  DT  A "O4'" 1 
ATOM   636 C "C3'" . DT  A 1 31 ? -7.73402  13.39483  1.01343   1.000 130.91628 ? 31  DT  A "C3'" 1 
ATOM   637 O "O3'" . DT  A 1 31 ? -8.30600  12.15054  0.62696   1.000 105.84881 ? 31  DT  A "O3'" 1 
ATOM   638 C "C2'" . DT  A 1 31 ? -7.34385  13.39841  2.49719   1.000 149.89510 ? 31  DT  A "C2'" 1 
ATOM   639 C "C1'" . DT  A 1 31 ? -5.87919  12.99725  2.43995   1.000 150.36046 ? 31  DT  A "C1'" 1 
ATOM   640 N N1    . DT  A 1 31 ? -5.08685  13.44086  3.63329   1.000 153.21798 ? 31  DT  A N1    1 
ATOM   641 C C2    . DT  A 1 31 ? -5.07287  12.64941  4.76188   1.000 148.70466 ? 31  DT  A C2    1 
ATOM   642 O O2    . DT  A 1 31 ? -5.67485  11.59128  4.84538   1.000 127.06761 ? 31  DT  A O2    1 
ATOM   643 N N3    . DT  A 1 31 ? -4.32290  13.14292  5.79863   1.000 152.48622 ? 31  DT  A N3    1 
ATOM   644 C C4    . DT  A 1 31 ? -3.59963  14.32363  5.82214   1.000 151.83003 ? 31  DT  A C4    1 
ATOM   645 O O4    . DT  A 1 31 ? -2.95510  14.68088  6.80554   1.000 138.14122 ? 31  DT  A O4    1 
ATOM   646 C C5    . DT  A 1 31 ? -3.65589  15.10677  4.60889   1.000 153.07601 ? 31  DT  A C5    1 
ATOM   647 C C7    . DT  A 1 31 ? -2.90903  16.40621  4.51691   1.000 134.28239 ? 31  DT  A C7    1 
ATOM   648 C C6    . DT  A 1 31 ? -4.38851  14.63321  3.58430   1.000 153.50230 ? 31  DT  A C6    1 
HETATM 649 K K     . K   B 2 .  ? 1.08321   1.23676   -0.31070  1.000 27.63326  ? 101 K   A K     1 
HETATM 650 K K     . K   C 2 .  ? 1.77128   3.63849   -2.66682  1.000 31.30599  ? 102 K   A K     1 
HETATM 651 K K     . K   D 2 .  ? -0.78556  -2.89055  4.83093   1.000 36.35395  ? 103 K   A K     1 
HETATM 652 K K     . K   E 2 .  ? 0.35504   -0.92614  2.20546   1.000 29.74618  ? 104 K   A K     1 
HETATM 653 O O     . HOH F 3 .  ? -5.01251  -6.71912  -8.29286  1.000 37.41725  ? 201 HOH A O     1 
HETATM 654 O O     . HOH F 3 .  ? 9.90333   -0.62783  12.02759  1.000 38.19515  ? 202 HOH A O     1 
# 
loop_
_atom_site_anisotrop.id 
_atom_site_anisotrop.type_symbol 
_atom_site_anisotrop.pdbx_label_atom_id 
_atom_site_anisotrop.pdbx_label_alt_id 
_atom_site_anisotrop.pdbx_label_comp_id 
_atom_site_anisotrop.pdbx_label_asym_id 
_atom_site_anisotrop.pdbx_label_seq_id 
_atom_site_anisotrop.pdbx_PDB_ins_code 
_atom_site_anisotrop.U[1][1] 
_atom_site_anisotrop.U[2][2] 
_atom_site_anisotrop.U[3][3] 
_atom_site_anisotrop.U[1][2] 
_atom_site_anisotrop.U[1][3] 
_atom_site_anisotrop.U[2][3] 
_atom_site_anisotrop.pdbx_auth_seq_id 
_atom_site_anisotrop.pdbx_auth_comp_id 
_atom_site_anisotrop.pdbx_auth_asym_id 
_atom_site_anisotrop.pdbx_auth_atom_id 
1   O "O5'" . DT  A 1  ? 0.72656 0.64237 0.75889 -0.22363 -0.02939 0.06602  1   DT  A "O5'" 
2   C "C5'" . DT  A 1  ? 0.90758 0.85268 0.96840 -0.22692 -0.00657 0.04986  1   DT  A "C5'" 
3   C "C4'" . DT  A 1  ? 0.96759 0.93857 1.01441 -0.25142 0.01214  0.04455  1   DT  A "C4'" 
4   O "O4'" . DT  A 1  ? 0.92382 0.86873 0.91822 -0.24692 0.00681  0.05186  1   DT  A "O4'" 
5   C "C3'" . DT  A 1  ? 1.08573 1.09114 1.15779 -0.25214 0.04023  0.02118  1   DT  A "C3'" 
6   O "O3'" . DT  A 1  ? 1.04786 1.09700 1.17311 -0.25388 0.05131  0.00982  1   DT  A "O3'" 
7   C "C2'" . DT  A 1  ? 1.10431 1.11481 1.13203 -0.27221 0.05065  0.02232  1   DT  A "C2'" 
8   C "C1'" . DT  A 1  ? 0.96142 0.92615 0.94351 -0.25869 0.02716  0.04060  1   DT  A "C1'" 
9   P P     . DG  A 2  ? 1.10850 1.20063 1.27227 -0.25137 0.08283  -0.02046 2   DG  A P     
10  O OP1   . DG  A 2  ? 0.88747 1.00621 1.02044 -0.28199 0.10336  -0.02618 2   DG  A OP1   
11  O OP2   . DG  A 2  ? 0.74247 0.86600 0.97455 -0.23662 0.08290  -0.02888 2   DG  A OP2   
12  O "O5'" . DG  A 2  ? 0.95808 1.01752 1.11179 -0.22968 0.08458  -0.03092 2   DG  A "O5'" 
13  C "C5'" . DG  A 2  ? 0.76650 0.80755 0.95661 -0.20080 0.07230  -0.03229 2   DG  A "C5'" 
14  C "C4'" . DG  A 2  ? 0.57235 0.62316 0.79478 -0.18666 0.09233  -0.06025 2   DG  A "C4'" 
15  O "O4'" . DG  A 2  ? 0.63458 0.66839 0.80953 -0.19658 0.10373  -0.06781 2   DG  A "O4'" 
16  C "C3'" . DG  A 2  ? 0.64289 0.66765 0.90105 -0.15757 0.07751  -0.05987 2   DG  A "C3'" 
17  O "O3'" . DG  A 2  ? 0.66000 0.70832 0.97449 -0.14355 0.09546  -0.08798 2   DG  A "O3'" 
18  C "C2'" . DG  A 2  ? 0.66987 0.65121 0.87820 -0.15642 0.07114  -0.05309 2   DG  A "C2'" 
19  C "C1'" . DG  A 2  ? 0.69487 0.69309 0.87139 -0.17697 0.09584  -0.07018 2   DG  A "C1'" 
20  N N9    . DG  A 2  ? 0.66893 0.63837 0.78520 -0.18745 0.08994  -0.05846 2   DG  A N9    
21  C C8    . DG  A 2  ? 0.60073 0.56290 0.69095 -0.19458 0.10334  -0.07299 2   DG  A C8    
22  N N7    . DG  A 2  ? 0.62277 0.56281 0.66372 -0.20315 0.09242  -0.05634 2   DG  A N7    
23  C C5    . DG  A 2  ? 0.58219 0.51219 0.61555 -0.20024 0.07184  -0.03129 2   DG  A C5    
24  C C6    . DG  A 2  ? 0.57584 0.48300 0.56760 -0.20363 0.05389  -0.00856 2   DG  A C6    
25  O O6    . DG  A 2  ? 0.58601 0.48036 0.54139 -0.20982 0.05178  -0.00392 2   DG  A O6    
26  N N1    . DG  A 2  ? 0.53308 0.43385 0.53055 -0.19859 0.03668  0.00856  2   DG  A N1    
27  C C2    . DG  A 2  ? 0.51369 0.43029 0.55154 -0.19308 0.03528  0.00654  2   DG  A C2    
28  N N2    . DG  A 2  ? 0.51438 0.42040 0.54811 -0.19131 0.01611  0.02421  2   DG  A N2    
29  N N3    . DG  A 2  ? 0.44426 0.38646 0.52548 -0.18924 0.05113  -0.01275 2   DG  A N3    
30  C C4    . DG  A 2  ? 0.59044 0.53703 0.66698 -0.19215 0.06966  -0.03204 2   DG  A C4    
31  P P     . DG  A 3  ? 0.68368 0.70728 1.04725 -0.11290 0.08084  -0.09034 3   DG  A P     
32  O OP1   . DG  A 3  ? 0.54696 0.60899 0.98081 -0.09973 0.09892  -0.11896 3   DG  A OP1   
33  O OP2   . DG  A 3  ? 0.61696 0.61646 0.97459 -0.10633 0.04863  -0.05859 3   DG  A OP2   
34  O "O5'" . DG  A 3  ? 0.66147 0.64474 0.98948 -0.11065 0.08559  -0.09884 3   DG  A "O5'" 
35  C "C5'" . DG  A 3  ? 0.66233 0.65937 0.97925 -0.12062 0.11410  -0.12824 3   DG  A "C5'" 
36  C "C4'" . DG  A 3  ? 0.57258 0.52827 0.84291 -0.12436 0.11200  -0.12776 3   DG  A "C4'" 
37  O "O4'" . DG  A 3  ? 0.64235 0.58440 0.85081 -0.14139 0.10025  -0.10177 3   DG  A "O4'" 
38  C "C3'" . DG  A 3  ? 0.53247 0.44462 0.82303 -0.10307 0.09257  -0.12067 3   DG  A "C3'" 
39  O "O3'" . DG  A 3  ? 0.75155 0.65124 1.05508 -0.09815 0.10864  -0.15051 3   DG  A "O3'" 
40  C "C2'" . DG  A 3  ? 0.59215 0.47242 0.82459 -0.11225 0.07303  -0.09058 3   DG  A "C2'" 
41  C "C1'" . DG  A 3  ? 0.68652 0.58755 0.86889 -0.13651 0.08691  -0.09134 3   DG  A "C1'" 
42  N N9    . DG  A 3  ? 0.59817 0.48580 0.73415 -0.14506 0.06924  -0.06202 3   DG  A N9    
43  C C8    . DG  A 3  ? 0.49677 0.38520 0.63452 -0.14150 0.05120  -0.03953 3   DG  A C8    
44  N N7    . DG  A 3  ? 0.49871 0.37230 0.59059 -0.14917 0.03939  -0.01998 3   DG  A N7    
45  C C5    . DG  A 3  ? 0.56178 0.42729 0.62163 -0.15860 0.04922  -0.02777 3   DG  A C5    
46  C C6    . DG  A 3  ? 0.51861 0.37146 0.53025 -0.16779 0.04269  -0.01456 3   DG  A C6    
47  O O6    . DG  A 3  ? 0.50121 0.34561 0.48884 -0.16763 0.02790  0.00501  3   DG  A O6    
48  N N1    . DG  A 3  ? 0.50361 0.35486 0.49720 -0.17730 0.05486  -0.02798 3   DG  A N1    
49  C C2    . DG  A 3  ? 0.55862 0.41582 0.57413 -0.17820 0.07223  -0.05350 3   DG  A C2    
50  N N2    . DG  A 3  ? 0.47065 0.32343 0.45978 -0.19039 0.08092  -0.06431 3   DG  A N2    
51  N N3    . DG  A 3  ? 0.66252 0.53015 0.72465 -0.16740 0.08008  -0.06878 3   DG  A N3    
52  C C4    . DG  A 3  ? 0.63242 0.50533 0.71599 -0.15779 0.06732  -0.05344 3   DG  A C4    
53  P P     . DG  A 4  ? 0.77022 0.61719 1.08011 -0.08426 0.09227  -0.14690 4   DG  A P     
54  O OP1   . DG  A 4  ? 0.74681 0.59184 1.09834 -0.07282 0.11058  -0.18514 4   DG  A OP1   
55  O OP2   . DG  A 4  ? 0.82053 0.64732 1.14776 -0.07050 0.06191  -0.11489 4   DG  A OP2   
56  O "O5'" . DG  A 4  ? 0.72618 0.55228 0.96468 -0.10590 0.09235  -0.13739 4   DG  A "O5'" 
57  C "C5'" . DG  A 4  ? 0.62172 0.47289 0.82051 -0.12794 0.11418  -0.15248 4   DG  A "C5'" 
58  C "C4'" . DG  A 4  ? 0.62390 0.44946 0.77074 -0.14351 0.11252  -0.14960 4   DG  A "C4'" 
59  O "O4'" . DG  A 4  ? 0.57228 0.39808 0.67323 -0.15497 0.09805  -0.11810 4   DG  A "O4'" 
60  C "C3'" . DG  A 4  ? 0.56879 0.34946 0.72677 -0.13327 0.09902  -0.14819 4   DG  A "C3'" 
61  O "O3'" . DG  A 4  ? 0.73295 0.50159 0.85686 -0.14986 0.10958  -0.16492 4   DG  A "O3'" 
62  C "C2'" . DG  A 4  ? 0.54312 0.30778 0.67980 -0.13195 0.07325  -0.10896 4   DG  A "C2'" 
63  C "C1'" . DG  A 4  ? 0.58990 0.38158 0.67982 -0.14976 0.07782  -0.09748 4   DG  A "C1'" 
64  N N9    . DG  A 4  ? 0.58666 0.38111 0.66573 -0.14581 0.05958  -0.06669 4   DG  A N9    
65  C C8    . DG  A 4  ? 0.54683 0.34971 0.65681 -0.13278 0.05023  -0.05640 4   DG  A C8    
66  N N7    . DG  A 4  ? 0.49699 0.29878 0.58350 -0.13386 0.03476  -0.03103 4   DG  A N7    
67  C C5    . DG  A 4  ? 0.49688 0.29152 0.53814 -0.14632 0.03457  -0.02428 4   DG  A C5    
68  C C6    . DG  A 4  ? 0.57419 0.36647 0.57899 -0.15042 0.02229  -0.00236 4   DG  A C6    
69  O O6    . DG  A 4  ? 0.53421 0.32692 0.53531 -0.14462 0.00928  0.01454  4   DG  A O6    
70  N N1    . DG  A 4  ? 0.51637 0.30658 0.48802 -0.16233 0.02604  -0.00289 4   DG  A N1    
71  C C2    . DG  A 4  ? 0.52958 0.31788 0.49879 -0.17187 0.03903  -0.02175 4   DG  A C2    
72  N N2    . DG  A 4  ? 0.46060 0.25084 0.39684 -0.18357 0.03840  -0.01776 4   DG  A N2    
73  N N3    . DG  A 4  ? 0.54917 0.33611 0.54813 -0.16896 0.05137  -0.04440 4   DG  A N3    
74  C C4    . DG  A 4  ? 0.52858 0.31974 0.56461 -0.15481 0.04880  -0.04454 4   DG  A C4    
75  P P     . DG  A 5  ? 0.85147 0.57326 0.98590 -0.14529 0.10208  -0.17465 5   DG  A P     
76  O OP1   . DG  A 5  ? 0.81434 0.53890 0.93689 -0.15800 0.12512  -0.21277 5   DG  A OP1   
77  O OP2   . DG  A 5  ? 0.93481 0.63351 1.12451 -0.11995 0.08689  -0.16846 5   DG  A OP2   
78  O "O5'" . DG  A 5  ? 0.73704 0.44178 0.82392 -0.15971 0.08331  -0.14219 5   DG  A "O5'" 
79  C "C5'" . DG  A 5  ? 0.59465 0.32210 0.63002 -0.18151 0.08907  -0.13611 5   DG  A "C5'" 
80  C "C4'" . DG  A 5  ? 0.58616 0.30287 0.59068 -0.18797 0.06915  -0.10385 5   DG  A "C4'" 
81  O "O4'" . DG  A 5  ? 0.57210 0.30033 0.57700 -0.17938 0.05695  -0.07634 5   DG  A "O4'" 
82  C "C3'" . DG  A 5  ? 0.59850 0.28234 0.61527 -0.18057 0.05216  -0.09429 5   DG  A "C3'" 
83  O "O3'" . DG  A 5  ? 0.59621 0.28557 0.57820 -0.19484 0.04701  -0.08601 5   DG  A "O3'" 
84  C "C2'" . DG  A 5  ? 0.62489 0.30169 0.65534 -0.16800 0.03335  -0.06393 5   DG  A "C2'" 
85  C "C1'" . DG  A 5  ? 0.53574 0.24514 0.53985 -0.17351 0.03694  -0.05154 5   DG  A "C1'" 
86  N N9    . DG  A 5  ? 0.61080 0.32383 0.62723 -0.16154 0.02613  -0.03159 5   DG  A N9    
87  C C8    . DG  A 5  ? 0.63639 0.34946 0.69239 -0.14500 0.02419  -0.03503 5   DG  A C8    
88  N N7    . DG  A 5  ? 0.55428 0.27567 0.60895 -0.13802 0.01167  -0.01344 5   DG  A N7    
89  C C5    . DG  A 5  ? 0.47801 0.20513 0.49049 -0.14885 0.00685  0.00306  5   DG  A C5    
90  C C6    . DG  A 5  ? 0.52015 0.26027 0.51412 -0.14451 -0.00435 0.02485  5   DG  A C6    
91  O O6    . DG  A 5  ? 0.59975 0.34148 0.60392 -0.13553 -0.01374 0.03554  5   DG  A O6    
92  N N1    . DG  A 5  ? 0.52042 0.27747 0.48326 -0.14895 -0.00384 0.03170  5   DG  A N1    
93  C C2    . DG  A 5  ? 0.45537 0.21520 0.40485 -0.15955 0.00336  0.02269  5   DG  A C2    
94  N N2    . DG  A 5  ? 0.45012 0.22783 0.37276 -0.16286 0.00075  0.03211  5   DG  A N2    
95  N N3    . DG  A 5  ? 0.50668 0.25253 0.46834 -0.16665 0.01227  0.00383  5   DG  A N3    
96  C C4    . DG  A 5  ? 0.50492 0.23273 0.49749 -0.16090 0.01483  -0.00665 5   DG  A C4    
97  P P     . DG  A 6  ? 0.72322 0.38294 0.71090 -0.19676 0.03382  -0.08321 6   DG  A P     
98  O OP1   . DG  A 6  ? 0.66681 0.33125 0.63017 -0.21300 0.04394  -0.10299 6   DG  A OP1   
99  O OP2   . DG  A 6  ? 0.81973 0.44415 0.84730 -0.18039 0.02509  -0.08676 6   DG  A OP2   
100 O "O5'" . DG  A 6  ? 0.69811 0.37144 0.67098 -0.19873 0.01792  -0.04827 6   DG  A "O5'" 
101 C "C5'" . DG  A 6  ? 0.60516 0.31397 0.54654 -0.20520 0.02096  -0.03601 6   DG  A "C5'" 
102 C "C4'" . DG  A 6  ? 0.54806 0.26740 0.48502 -0.20020 0.00814  -0.00736 6   DG  A "C4'" 
103 O "O4'" . DG  A 6  ? 0.65710 0.38079 0.60511 -0.18634 0.00498  0.00355  6   DG  A "O4'" 
104 C "C3'" . DG  A 6  ? 0.57007 0.26645 0.52318 -0.19982 -0.00237 0.00223  6   DG  A "C3'" 
105 O "O3'" . DG  A 6  ? 0.61059 0.32616 0.54062 -0.20893 -0.00732 0.01839  6   DG  A "O3'" 
106 C "C2'" . DG  A 6  ? 0.56216 0.24729 0.53836 -0.18411 -0.00927 0.01490  6   DG  A "C2'" 
107 C "C1'" . DG  A 6  ? 0.56075 0.27467 0.51997 -0.17911 -0.00642 0.02194  6   DG  A "C1'" 
108 N N9    . DG  A 6  ? 0.51679 0.22457 0.49457 -0.16520 -0.01010 0.02757  6   DG  A N9    
109 C C8    . DG  A 6  ? 0.57250 0.25521 0.58287 -0.15715 -0.00973 0.01684  6   DG  A C8    
110 N N7    . DG  A 6  ? 0.57093 0.25632 0.58920 -0.14608 -0.01506 0.02691  6   DG  A N7    
111 C C5    . DG  A 6  ? 0.54081 0.25327 0.53028 -0.14670 -0.01901 0.04359  6   DG  A C5    
112 C C6    . DG  A 6  ? 0.47665 0.20271 0.45848 -0.13812 -0.02639 0.05752  6   DG  A C6    
113 O O6    . DG  A 6  ? 0.49204 0.21199 0.49105 -0.12879 -0.03260 0.06072  6   DG  A O6    
114 N N1    . DG  A 6  ? 0.47171 0.22075 0.42320 -0.14145 -0.02755 0.06716  6   DG  A N1    
115 C C2    . DG  A 6  ? 0.46025 0.22053 0.39286 -0.15166 -0.02301 0.06561  6   DG  A C2    
116 N N2    . DG  A 6  ? 0.48858 0.27067 0.39704 -0.15273 -0.02522 0.07450  6   DG  A N2    
117 N N3    . DG  A 6  ? 0.55448 0.30507 0.49237 -0.16075 -0.01735 0.05485  6   DG  A N3    
118 C C4    . DG  A 6  ? 0.52820 0.25394 0.49412 -0.15769 -0.01545 0.04357  6   DG  A C4    
119 P P     . DT  A 7  ? 0.76189 0.46031 0.69765 -0.21552 -0.01677 0.02999  7   DT  A P     
120 O OP1   . DT  A 7  ? 0.73159 0.44970 0.64244 -0.23234 -0.01687 0.03252  7   DT  A OP1   
121 O OP2   . DT  A 7  ? 0.72109 0.37921 0.68798 -0.21116 -0.01820 0.01729  7   DT  A OP2   
122 O "O5'" . DT  A 7  ? 0.66783 0.37609 0.60142 -0.20633 -0.02497 0.05365  7   DT  A "O5'" 
123 C "C5'" . DT  A 7  ? 0.59816 0.30900 0.52171 -0.21474 -0.03366 0.07121  7   DT  A "C5'" 
124 C "C4'" . DT  A 7  ? 0.60580 0.34754 0.51124 -0.21126 -0.03697 0.08783  7   DT  A "C4'" 
125 O "O4'" . DT  A 7  ? 0.64452 0.41967 0.53039 -0.21798 -0.03131 0.08514  7   DT  A "O4'" 
126 C "C3'" . DT  A 7  ? 0.57727 0.31943 0.49022 -0.19438 -0.03708 0.08897  7   DT  A "C3'" 
127 O "O3'" . DT  A 7  ? 0.62364 0.37640 0.52635 -0.19260 -0.04548 0.10647  7   DT  A "O3'" 
128 C "C2'" . DT  A 7  ? 0.59135 0.35835 0.49236 -0.19228 -0.02847 0.07993  7   DT  A "C2'" 
129 C "C1'" . DT  A 7  ? 0.60105 0.39356 0.48209 -0.20618 -0.02824 0.08499  7   DT  A "C1'" 
130 N N1    . DT  A 7  ? 0.51910 0.33171 0.38884 -0.21039 -0.02136 0.07474  7   DT  A N1    
131 C C2    . DT  A 7  ? 0.51702 0.36212 0.37260 -0.21104 -0.02159 0.08145  7   DT  A C2    
132 O O2    . DT  A 7  ? 0.58526 0.44481 0.43673 -0.20875 -0.02509 0.09315  7   DT  A O2    
133 N N3    . DT  A 7  ? 0.47129 0.33220 0.31822 -0.21527 -0.01780 0.07362  7   DT  A N3    
134 C C4    . DT  A 7  ? 0.48010 0.32938 0.32587 -0.22076 -0.01297 0.05939  7   DT  A C4    
135 O O4    . DT  A 7  ? 0.56211 0.42841 0.39609 -0.22639 -0.01144 0.05492  7   DT  A O4    
136 C C5    . DT  A 7  ? 0.51823 0.33450 0.37838 -0.22036 -0.01045 0.04993  7   DT  A C5    
137 C C7    . DT  A 7  ? 0.51578 0.31876 0.37531 -0.22749 -0.00294 0.03053  7   DT  A C7    
138 C C6    . DT  A 7  ? 0.50807 0.30687 0.38214 -0.21431 -0.01536 0.05838  7   DT  A C6    
139 P P     . DT  A 8  ? 0.57289 0.30227 0.49025 -0.18303 -0.05617 0.11591  8   DT  A P     
140 O OP1   . DT  A 8  ? 0.56161 0.30983 0.45924 -0.18693 -0.06443 0.13320  8   DT  A OP1   
141 O OP2   . DT  A 8  ? 0.69498 0.38967 0.63252 -0.18550 -0.05968 0.11224  8   DT  A OP2   
142 O "O5'" . DT  A 8  ? 0.58089 0.30781 0.51249 -0.16723 -0.05166 0.10547  8   DT  A "O5'" 
143 C "C5'" . DT  A 8  ? 0.50680 0.25920 0.42329 -0.16257 -0.04783 0.10507  8   DT  A "C5'" 
144 C "C4'" . DT  A 8  ? 0.50029 0.24641 0.42872 -0.14921 -0.05262 0.10609  8   DT  A "C4'" 
145 O "O4'" . DT  A 8  ? 0.59537 0.32206 0.55066 -0.14332 -0.04732 0.09204  8   DT  A "O4'" 
146 C "C3'" . DT  A 8  ? 0.60013 0.33647 0.53136 -0.14707 -0.06735 0.12154  8   DT  A "C3'" 
147 O "O3'" . DT  A 8  ? 0.68127 0.43048 0.60313 -0.14065 -0.07278 0.12697  8   DT  A "O3'" 
148 C "C2'" . DT  A 8  ? 0.63680 0.34352 0.60026 -0.14011 -0.07099 0.11639  8   DT  A "C2'" 
149 C "C1'" . DT  A 8  ? 0.56038 0.26805 0.53702 -0.13472 -0.05775 0.09758  8   DT  A "C1'" 
150 N N1    . DT  A 8  ? 0.53926 0.22022 0.54435 -0.13275 -0.05310 0.08297  8   DT  A N1    
151 C C2    . DT  A 8  ? 0.66382 0.33156 0.69820 -0.12103 -0.05714 0.07739  8   DT  A C2    
152 O O2    . DT  A 8  ? 0.60816 0.28674 0.64674 -0.11312 -0.06543 0.08586  8   DT  A O2    
153 N N3    . DT  A 8  ? 0.69468 0.33691 0.75508 -0.11888 -0.05223 0.06008  8   DT  A N3    
154 C C4    . DT  A 8  ? 0.73212 0.35802 0.78813 -0.12889 -0.04332 0.04746  8   DT  A C4    
155 O O4    . DT  A 8  ? 0.93081 0.53135 1.00872 -0.12572 -0.03956 0.02861  8   DT  A O4    
156 C C5    . DT  A 8  ? 0.65942 0.30234 0.68538 -0.14252 -0.04049 0.05655  8   DT  A C5    
157 C C7    . DT  A 8  ? 0.60915 0.24021 0.63150 -0.15548 -0.03350 0.04523  8   DT  A C7    
158 C C6    . DT  A 8  ? 0.55492 0.22534 0.55801 -0.14298 -0.04578 0.07386  8   DT  A C6    
159 P P     . DT  A 9  ? 0.64866 0.40632 0.55061 -0.14657 -0.08570 0.14412  9   DT  A P     
160 O OP1   . DT  A 9  ? 0.67996 0.45099 0.56127 -0.16063 -0.08197 0.14927  9   DT  A OP1   
161 O OP2   . DT  A 9  ? 0.54591 0.28355 0.46723 -0.14251 -0.10084 0.15334  9   DT  A OP2   
162 O "O5'" . DT  A 9  ? 0.60682 0.38194 0.49238 -0.14128 -0.08460 0.14179  9   DT  A "O5'" 
163 C "C5'" . DT  A 9  ? 0.50932 0.30256 0.37778 -0.14234 -0.07281 0.13363  9   DT  A "C5'" 
164 C "C4'" . DT  A 9  ? 0.47506 0.27483 0.33218 -0.13528 -0.07441 0.13077  9   DT  A "C4'" 
165 O "O4'" . DT  A 9  ? 0.50288 0.29002 0.38240 -0.12554 -0.07702 0.12498  9   DT  A "O4'" 
166 C "C3'" . DT  A 9  ? 0.48695 0.29077 0.32555 -0.13899 -0.08475 0.14079  9   DT  A "C3'" 
167 O "O3'" . DT  A 9  ? 0.57344 0.38584 0.39165 -0.13559 -0.08172 0.13557  9   DT  A "O3'" 
168 C "C2'" . DT  A 9  ? 0.49488 0.28224 0.35538 -0.13335 -0.09782 0.14528  9   DT  A "C2'" 
169 C "C1'" . DT  A 9  ? 0.47219 0.25367 0.35444 -0.12317 -0.09080 0.13300  9   DT  A "C1'" 
170 N N1    . DT  A 9  ? 0.47774 0.24405 0.39383 -0.11755 -0.09633 0.13345  9   DT  A N1    
171 C C2    . DT  A 9  ? 0.48729 0.24875 0.41608 -0.11364 -0.11089 0.14024  9   DT  A C2    
172 O O2    . DT  A 9  ? 0.54934 0.31712 0.45952 -0.11611 -0.11957 0.14551  9   DT  A O2    
173 N N3    . DT  A 9  ? 0.49453 0.24285 0.45982 -0.10737 -0.11572 0.14005  9   DT  A N3    
174 C C4    . DT  A 9  ? 0.52019 0.25662 0.50768 -0.10504 -0.10604 0.13156  9   DT  A C4    
175 O O4    . DT  A 9  ? 0.59365 0.31684 0.61658 -0.09830 -0.11119 0.12979  9   DT  A O4    
176 C C5    . DT  A 9  ? 0.48670 0.22742 0.45478 -0.11151 -0.09050 0.12397  9   DT  A C5    
177 C C7    . DT  A 9  ? 0.49620 0.22306 0.48230 -0.11265 -0.07948 0.11273  9   DT  A C7    
178 C C6    . DT  A 9  ? 0.47685 0.23386 0.41199 -0.11708 -0.08726 0.12635  9   DT  A C6    
179 P P     . DG  A 10 ? 0.65037 0.48439 0.43975 -0.14124 -0.07175 0.13458  10  DG  A P     
180 O OP1   . DG  A 10 ? 0.59531 0.44152 0.37535 -0.15420 -0.07252 0.14473  10  DG  A OP1   
181 O OP2   . DG  A 10 ? 0.53580 0.36937 0.30469 -0.13461 -0.07261 0.12903  10  DG  A OP2   
182 O "O5'" . DG  A 10 ? 0.53904 0.37977 0.33863 -0.13970 -0.06024 0.12703  10  DG  A "O5'" 
183 C "C5'" . DG  A 10 ? 0.51822 0.35642 0.31704 -0.13099 -0.05615 0.11793  10  DG  A "C5'" 
184 C "C4'" . DG  A 10 ? 0.43860 0.29264 0.23731 -0.13404 -0.04616 0.11446  10  DG  A "C4'" 
185 O "O4'" . DG  A 10 ? 0.53656 0.38582 0.35520 -0.14003 -0.04444 0.11379  10  DG  A "O4'" 
186 C "C3'" . DG  A 10 ? 0.43355 0.28441 0.23066 -0.12629 -0.04380 0.10703  10  DG  A "C3'" 
187 O "O3'" . DG  A 10 ? 0.60766 0.48064 0.39643 -0.12899 -0.03704 0.10732  10  DG  A "O3'" 
188 C "C2'" . DG  A 10 ? 0.50090 0.33851 0.32134 -0.12683 -0.04340 0.10160  10  DG  A "C2'" 
189 C "C1'" . DG  A 10 ? 0.46942 0.31241 0.29874 -0.13642 -0.04073 0.10498  10  DG  A "C1'" 
190 N N9    . DG  A 10 ? 0.49845 0.32432 0.34913 -0.13641 -0.04171 0.10158  10  DG  A N9    
191 C C8    . DG  A 10 ? 0.54202 0.36473 0.40346 -0.14348 -0.03713 0.09793  10  DG  A C8    
192 N N7    . DG  A 10 ? 0.51009 0.31445 0.39160 -0.14070 -0.03773 0.09388  10  DG  A N7    
193 C C5    . DG  A 10 ? 0.42519 0.22360 0.31118 -0.13160 -0.04387 0.09626  10  DG  A C5    
194 C C6    . DG  A 10 ? 0.42872 0.21187 0.33782 -0.12547 -0.04739 0.09432  10  DG  A C6    
195 O O6    . DG  A 10 ? 0.43733 0.20642 0.36907 -0.12597 -0.04454 0.08867  10  DG  A O6    
196 N N1    . DG  A 10 ? 0.42507 0.20956 0.33083 -0.11891 -0.05532 0.09862  10  DG  A N1    
197 C C2    . DG  A 10 ? 0.42158 0.21631 0.30281 -0.11822 -0.05852 0.10224  10  DG  A C2    
198 N N2    . DG  A 10 ? 0.42305 0.21447 0.30291 -0.11324 -0.06714 0.10464  10  DG  A N2    
199 N N3    . DG  A 10 ? 0.42036 0.22719 0.28087 -0.12277 -0.05390 0.10300  10  DG  A N3    
200 C C4    . DG  A 10 ? 0.42062 0.23071 0.28595 -0.12941 -0.04694 0.10065  10  DG  A C4    
201 P P     . DG  A 11 ? 0.64007 0.51632 0.43235 -0.12020 -0.03638 0.09974  11  DG  A P     
202 O OP1   . DG  A 11 ? 0.59435 0.50440 0.38512 -0.11584 -0.03149 0.09749  11  DG  A OP1   
203 O OP2   . DG  A 11 ? 0.59150 0.44530 0.38119 -0.10959 -0.04330 0.09506  11  DG  A OP2   
204 O "O5'" . DG  A 11 ? 0.59258 0.46187 0.39919 -0.13104 -0.03387 0.09885  11  DG  A "O5'" 
205 C "C5'" . DG  A 11 ? 0.51725 0.40152 0.33104 -0.14237 -0.02915 0.10018  11  DG  A "C5'" 
206 C "C4'" . DG  A 11 ? 0.45338 0.33035 0.27862 -0.14880 -0.02690 0.09286  11  DG  A "C4'" 
207 O "O4'" . DG  A 11 ? 0.55898 0.41466 0.39722 -0.14790 -0.02702 0.08837  11  DG  A "O4'" 
208 C "C3'" . DG  A 11 ? 0.50297 0.37679 0.32485 -0.14589 -0.02809 0.08867  11  DG  A "C3'" 
209 O "O3'" . DG  A 11 ? 0.61439 0.50571 0.43383 -0.15563 -0.02669 0.08855  11  DG  A "O3'" 
210 C "C2'" . DG  A 11 ? 0.48855 0.34278 0.32167 -0.14541 -0.02607 0.08024  11  DG  A "C2'" 
211 C "C1'" . DG  A 11 ? 0.48134 0.33082 0.32490 -0.15058 -0.02329 0.07932  11  DG  A "C1'" 
212 N N9    . DG  A 11 ? 0.44706 0.27757 0.30695 -0.14760 -0.02172 0.07368  11  DG  A N9    
213 C C8    . DG  A 11 ? 0.41116 0.23176 0.28343 -0.15417 -0.01601 0.06522  11  DG  A C8    
214 N N7    . DG  A 11 ? 0.41426 0.21921 0.30525 -0.14920 -0.01535 0.06117  11  DG  A N7    
215 C C5    . DG  A 11 ? 0.40975 0.21586 0.29875 -0.13945 -0.02198 0.06831  11  DG  A C5    
216 C C6    . DG  A 11 ? 0.46640 0.26209 0.37203 -0.13200 -0.02587 0.06890  11  DG  A C6    
217 O O6    . DG  A 11 ? 0.44266 0.22586 0.37209 -0.13183 -0.02366 0.06316  11  DG  A O6    
218 N N1    . DG  A 11 ? 0.47003 0.27022 0.36398 -0.12503 -0.03374 0.07614  11  DG  A N1    
219 C C2    . DG  A 11 ? 0.41478 0.22513 0.28558 -0.12448 -0.03629 0.08066  11  DG  A C2    
220 N N2    . DG  A 11 ? 0.41105 0.21945 0.27247 -0.11799 -0.04385 0.08470  11  DG  A N2    
221 N N3    . DG  A 11 ? 0.40476 0.22592 0.26366 -0.13064 -0.03216 0.08069  11  DG  A N3    
222 C C4    . DG  A 11 ? 0.39906 0.21873 0.26746 -0.13832 -0.02566 0.07498  11  DG  A C4    
223 P P     . DG  A 12 ? 0.59823 0.48922 0.41225 -0.15827 -0.02950 0.08596  12  DG  A P     
224 O OP1   . DG  A 12 ? 0.55920 0.47539 0.36855 -0.16590 -0.03256 0.09211  12  DG  A OP1   
225 O OP2   . DG  A 12 ? 0.57919 0.45469 0.38935 -0.14630 -0.03473 0.08763  12  DG  A OP2   
226 O "O5'" . DG  A 12 ? 0.51931 0.39915 0.33848 -0.16797 -0.02284 0.07397  12  DG  A "O5'" 
227 C "C5'" . DG  A 12 ? 0.40672 0.28871 0.23008 -0.17791 -0.01809 0.06919  12  DG  A "C5'" 
228 C "C4'" . DG  A 12 ? 0.51182 0.38112 0.33688 -0.18584 -0.01064 0.05596  12  DG  A "C4'" 
229 O "O4'" . DG  A 12 ? 0.47834 0.32798 0.31859 -0.17740 -0.00677 0.05144  12  DG  A "O4'" 
230 C "C3'" . DG  A 12 ? 0.62004 0.49443 0.43237 -0.19294 -0.00969 0.05136  12  DG  A "C3'" 
231 O "O3'" . DG  A 12 ? 0.52877 0.40646 0.33201 -0.20912 -0.00407 0.04106  12  DG  A "O3'" 
232 C "C2'" . DG  A 12 ? 0.56400 0.42352 0.38582 -0.18613 -0.00445 0.04562  12  DG  A "C2'" 
233 C "C1'" . DG  A 12 ? 0.49577 0.34096 0.33558 -0.18322 0.00054  0.04020  12  DG  A "C1'" 
234 N N9    . DG  A 12 ? 0.45431 0.28519 0.31271 -0.17532 0.00379  0.03623  12  DG  A N9    
235 C C8    . DG  A 12 ? 0.50550 0.32417 0.38032 -0.17979 0.01329  0.02218  12  DG  A C8    
236 N N7    . DG  A 12 ? 0.51868 0.32857 0.41262 -0.17193 0.01312  0.02200  12  DG  A N7    
237 C C5    . DG  A 12 ? 0.44789 0.26359 0.33395 -0.16183 0.00268  0.03679  12  DG  A C5    
238 C C6    . DG  A 12 ? 0.42109 0.23203 0.31817 -0.15197 -0.00340 0.04304  12  DG  A C6    
239 O O6    . DG  A 12 ? 0.64142 0.44387 0.56078 -0.15048 -0.00152 0.03860  12  DG  A O6    
240 N N1    . DG  A 12 ? 0.48317 0.29976 0.36409 -0.14440 -0.01316 0.05441  12  DG  A N1    
241 C C2    . DG  A 12 ? 0.44003 0.26616 0.30108 -0.14596 -0.01627 0.05930  12  DG  A C2    
242 N N2    . DG  A 12 ? 0.50504 0.33239 0.35522 -0.13800 -0.02506 0.06760  12  DG  A N2    
243 N N3    . DG  A 12 ? 0.43092 0.26459 0.28436 -0.15564 -0.01155 0.05555  12  DG  A N3    
244 C C4    . DG  A 12 ? 0.44362 0.27112 0.30832 -0.16333 -0.00234 0.04429  12  DG  A C4    
245 P P     . DG  A 13 ? 0.55468 0.43981 0.33833 -0.22310 -0.00170 0.03459  13  DG  A P     
246 O OP1   . DG  A 13 ? 0.60601 0.50145 0.37516 -0.24013 -0.00209 0.03010  13  DG  A OP1   
247 O OP2   . DG  A 13 ? 0.59842 0.49005 0.37676 -0.21654 -0.01182 0.04690  13  DG  A OP2   
248 O "O5'" . DG  A 13 ? 0.56440 0.43497 0.35567 -0.22533 0.01309  0.01816  13  DG  A "O5'" 
249 C "C5'" . DG  A 13 ? 0.47766 0.33626 0.27751 -0.23166 0.02381  0.00233  13  DG  A "C5'" 
250 C "C4'" . DG  A 13 ? 0.51091 0.36449 0.31378 -0.23980 0.03950  -0.01707 13  DG  A "C4'" 
251 O "O4'" . DG  A 13 ? 0.52315 0.36567 0.35334 -0.22611 0.04238  -0.01766 13  DG  A "O4'" 
252 C "C3'" . DG  A 13 ? 0.66020 0.53123 0.43712 -0.25430 0.04288  -0.01881 13  DG  A "C3'" 
253 O "O3'" . DG  A 13 ? 0.70158 0.57538 0.46366 -0.27414 0.05730  -0.04037 13  DG  A "O3'" 
254 C "C2'" . DG  A 13 ? 0.54452 0.41443 0.33807 -0.24621 0.04753  -0.01846 13  DG  A "C2'" 
255 C "C1'" . DG  A 13 ? 0.53313 0.38428 0.36055 -0.23560 0.05451  -0.02958 13  DG  A "C1'" 
256 N N9    . DG  A 13 ? 0.67541 0.52139 0.52898 -0.22343 0.05465  -0.02629 13  DG  A N9    
257 C C8    . DG  A 13 ? 0.64718 0.48808 0.52914 -0.22430 0.06860  -0.04483 13  DG  A C8    
258 N N7    . DG  A 13 ? 0.51896 0.35865 0.42205 -0.21230 0.06315  -0.03549 13  DG  A N7    
259 C C5    . DG  A 13 ? 0.54031 0.38060 0.42486 -0.20427 0.04557  -0.01112 13  DG  A C5    
260 C C6    . DG  A 13 ? 0.49815 0.33580 0.38970 -0.19150 0.03288  0.00553  13  DG  A C6    
261 O O6    . DG  A 13 ? 0.50048 0.33464 0.41529 -0.18715 0.03295  0.00522  13  DG  A O6    
262 N N1    . DG  A 13 ? 0.46706 0.30685 0.33670 -0.18448 0.01897  0.02194  13  DG  A N1    
263 C C2    . DG  A 13 ? 0.42669 0.27273 0.27413 -0.18976 0.01648  0.02412  13  DG  A C2    
264 N N2    . DG  A 13 ? 0.47264 0.32102 0.30700 -0.18191 0.00316  0.03839  13  DG  A N2    
265 N N3    . DG  A 13 ? 0.48153 0.33136 0.32107 -0.20294 0.02613  0.01174  13  DG  A N3    
266 C C4    . DG  A 13 ? 0.53722 0.38272 0.39439 -0.20940 0.04079  -0.00617 13  DG  A C4    
267 P P     . DG  A 14 ? 0.67245 0.56577 0.40165 -0.29655 0.06468  -0.04706 14  DG  A P     
268 O OP1   . DG  A 14 ? 0.81380 0.70962 0.52067 -0.31645 0.07282  -0.06364 14  DG  A OP1   
269 O OP2   . DG  A 14 ? 0.63728 0.54180 0.35107 -0.29333 0.04598  -0.02277 14  DG  A OP2   
270 O "O5'" . DG  A 14 ? 0.71320 0.60762 0.46281 -0.29763 0.08440  -0.06559 14  DG  A "O5'" 
271 C "C5'" . DG  A 14 ? 0.66732 0.54755 0.44737 -0.29395 0.10082  -0.09158 14  DG  A "C5'" 
272 C "C4'" . DG  A 14 ? 0.70121 0.59053 0.50585 -0.29545 0.11838  -0.10821 14  DG  A "C4'" 
273 O "O4'" . DG  A 14 ? 0.66708 0.55079 0.49763 -0.27567 0.10649  -0.08760 14  DG  A "O4'" 
274 C "C3'" . DG  A 14 ? 0.78837 0.70760 0.56432 -0.31881 0.13033  -0.11322 14  DG  A "C3'" 
275 O "O3'" . DG  A 14 ? 0.88109 0.81419 0.67550 -0.32534 0.15713  -0.14834 14  DG  A "O3'" 
276 C "C2'" . DG  A 14 ? 0.59460 0.52046 0.37672 -0.30688 0.11649  -0.08593 14  DG  A "C2'" 
277 C "C1'" . DG  A 14 ? 0.56057 0.46640 0.38910 -0.28360 0.11306  -0.08498 14  DG  A "C1'" 
278 N N9    . DG  A 14 ? 0.60273 0.50307 0.43695 -0.26638 0.09283  -0.05603 14  DG  A N9    
279 C C8    . DG  A 14 ? 0.58793 0.48358 0.39816 -0.25874 0.07089  -0.03043 14  DG  A C8    
280 N N7    . DG  A 14 ? 0.52581 0.41530 0.34868 -0.24352 0.05765  -0.01302 14  DG  A N7    
281 C C5    . DG  A 14 ? 0.58882 0.47987 0.44502 -0.24191 0.06973  -0.02470 14  DG  A C5    
282 C C6    . DG  A 14 ? 0.60330 0.49013 0.48410 -0.23026 0.06233  -0.01472 14  DG  A C6    
283 O O6    . DG  A 14 ? 0.50299 0.38136 0.37791 -0.21835 0.04420  0.00519  14  DG  A O6    
284 N N1    . DG  A 14 ? 0.59926 0.49617 0.51784 -0.22843 0.07718  -0.03293 14  DG  A N1    
285 C C2    . DG  A 14 ? 0.53728 0.44628 0.47003 -0.23320 0.09782  -0.06025 14  DG  A C2    
286 N N2    . DG  A 14 ? 0.48047 0.40260 0.45817 -0.22282 0.10865  -0.07643 14  DG  A N2    
287 N N3    . DG  A 14 ? 0.55660 0.46555 0.46270 -0.24697 0.10671  -0.07226 14  DG  A N3    
288 C C4    . DG  A 14 ? 0.55156 0.45048 0.41864 -0.25508 0.09198  -0.05201 14  DG  A C4    
289 P P     . DT  A 15 ? 0.86363 0.82528 0.61884 -0.35839 0.17806  -0.17121 15  DT  A P     
290 O OP1   . DT  A 15 ? 0.75380 0.70489 0.51699 -0.35867 0.19470  -0.20877 15  DT  A OP1   
291 O OP2   . DT  A 15 ? 0.97745 0.94589 0.67985 -0.37621 0.15957  -0.14346 15  DT  A OP2   
292 O "O5'" . DT  A 15 ? 0.99697 0.99137 0.77267 -0.36051 0.19665  -0.18059 15  DT  A "O5'" 
293 C "C5'" . DT  A 15 ? 1.06180 1.09048 0.80012 -0.39135 0.21094  -0.18788 15  DT  A "C5'" 
294 C "C4'" . DT  A 15 ? 1.04981 1.10391 0.81114 -0.38585 0.21409  -0.18154 15  DT  A "C4'" 
295 O "O4'" . DT  A 15 ? 1.21007 1.27815 1.02987 -0.37034 0.24061  -0.21228 15  DT  A "O4'" 
296 C "C3'" . DT  A 15 ? 1.18383 1.22131 0.95377 -0.36728 0.18478  -0.14126 15  DT  A "C3'" 
297 O "O3'" . DT  A 15 ? 1.38676 1.44640 1.14560 -0.37561 0.17863  -0.12834 15  DT  A "O3'" 
298 C "C2'" . DT  A 15 ? 0.91458 0.94300 0.74681 -0.34395 0.19302  -0.14980 15  DT  A "C2'" 
299 C "C1'" . DT  A 15 ? 1.17926 1.23955 1.04064 -0.34621 0.22560  -0.19064 15  DT  A "C1'" 
300 N N1    . DT  A 15 ? 1.24470 1.28942 1.16606 -0.31290 0.22991  -0.21194 15  DT  A N1    
301 C C2    . DT  A 15 ? 1.15072 1.22290 1.12645 -0.29935 0.24510  -0.22902 15  DT  A C2    
302 O O2    . DT  A 15 ? 0.93872 1.05074 0.91565 -0.31498 0.25725  -0.22847 15  DT  A O2    
303 N N3    . DT  A 15 ? 1.18191 1.23417 1.21261 -0.26770 0.24421  -0.24553 15  DT  A N3    
304 C C4    . DT  A 15 ? 1.16268 1.16910 1.19573 -0.25131 0.23011  -0.24549 15  DT  A C4    
305 O O4    . DT  A 15 ? 1.21068 1.19852 1.29440 -0.22447 0.22777  -0.25819 15  DT  A O4    
306 C C5    . DT  A 15 ? 1.09853 1.08153 1.07204 -0.26906 0.21670  -0.22780 15  DT  A C5    
307 C C7    . DT  A 15 ? 0.97997 0.91776 0.95092 -0.25721 0.20139  -0.22517 15  DT  A C7    
308 C C6    . DT  A 15 ? 1.14550 1.14948 1.06861 -0.29726 0.21700  -0.21248 15  DT  A C6    
309 P P     . DT  A 16 ? 1.16807 1.21075 0.91997 -0.36341 0.14586  -0.08704 16  DT  A P     
310 O OP1   . DT  A 16 ? 0.76726 0.79128 0.56204 -0.33836 0.14110  -0.07866 16  DT  A OP1   
311 O OP2   . DT  A 16 ? 0.99252 1.06039 0.73204 -0.37963 0.14536  -0.08117 16  DT  A OP2   
312 O "O5'" . DT  A 16 ? 1.17996 1.19886 0.89016 -0.36494 0.11911  -0.06691 16  DT  A "O5'" 
313 C "C5'" . DT  A 16 ? 0.79575 0.82618 0.46431 -0.38989 0.11370  -0.06898 16  DT  A "C5'" 
314 C "C4'" . DT  A 16 ? 0.97246 0.98447 0.61788 -0.38651 0.07926  -0.03745 16  DT  A "C4'" 
315 O "O4'" . DT  A 16 ? 0.87020 0.88307 0.51645 -0.38555 0.06435  -0.01566 16  DT  A "O4'" 
316 C "C3'" . DT  A 16 ? 0.90339 0.88827 0.56347 -0.36041 0.06466  -0.02353 16  DT  A "C3'" 
317 O "O3'" . DT  A 16 ? 0.95939 0.93778 0.59612 -0.36646 0.04500  -0.01299 16  DT  A "O3'" 
318 C "C2'" . DT  A 16 ? 0.74270 0.71561 0.42083 -0.34210 0.04859  -0.00033 16  DT  A "C2'" 
319 C "C1'" . DT  A 16 ? 0.64347 0.63063 0.30061 -0.36259 0.04103  0.00841  16  DT  A "C1'" 
320 N N1    . DT  A 16 ? 0.70474 0.68939 0.37971 -0.35449 0.03713  0.02055  16  DT  A N1    
321 C C2    . DT  A 16 ? 0.63499 0.60266 0.30349 -0.34938 0.01049  0.04549  16  DT  A C2    
322 O O2    . DT  A 16 ? 0.75362 0.71036 0.40626 -0.35056 -0.01002 0.05854  16  DT  A O2    
323 N N3    . DT  A 16 ? 0.62904 0.59356 0.31361 -0.34401 0.00850  0.05374  16  DT  A N3    
324 C C4    . DT  A 16 ? 0.61951 0.59949 0.32902 -0.34339 0.02916  0.04151  16  DT  A C4    
325 O O4    . DT  A 16 ? 0.61624 0.59332 0.34001 -0.34020 0.02390  0.05110  16  DT  A O4    
326 C C5    . DT  A 16 ? 0.61658 0.61683 0.33750 -0.34768 0.05692  0.01541  16  DT  A C5    
327 C C7    . DT  A 16 ? 0.62755 0.64991 0.38509 -0.34715 0.08095  -0.00131 16  DT  A C7    
328 C C6    . DT  A 16 ? 0.64292 0.64243 0.34457 -0.35281 0.05991  0.00551  16  DT  A C6    
329 P P     . DT  A 17 ? 0.91513 0.87648 0.56057 -0.34989 0.03950  -0.01136 17  DT  A P     
330 O OP1   . DT  A 17 ? 0.94764 0.91286 0.56961 -0.36439 0.02086  -0.00262 17  DT  A OP1   
331 O OP2   . DT  A 17 ? 1.01925 0.97887 0.68039 -0.34747 0.06655  -0.03670 17  DT  A OP2   
332 O "O5'" . DT  A 17 ? 0.79061 0.73404 0.46202 -0.32071 0.02349  0.01058  17  DT  A "O5'" 
333 C "C5'" . DT  A 17 ? 0.71591 0.65382 0.38229 -0.31631 -0.00268 0.03427  17  DT  A "C5'" 
334 C "C4'" . DT  A 17 ? 0.68339 0.60382 0.37528 -0.28959 -0.01179 0.04724  17  DT  A "C4'" 
335 O "O4'" . DT  A 17 ? 0.72588 0.64551 0.43484 -0.28440 0.00262  0.04018  17  DT  A "O4'" 
336 C "C3'" . DT  A 17 ? 0.77487 0.68550 0.48316 -0.27123 -0.01222 0.04667  17  DT  A "C3'" 
337 O "O3'" . DT  A 17 ? 0.81376 0.71307 0.53210 -0.25442 -0.03149 0.06414  17  DT  A "O3'" 
338 C "C2'" . DT  A 17 ? 0.74895 0.65419 0.48028 -0.26137 0.00647  0.03393  17  DT  A "C2'" 
339 C "C1'" . DT  A 17 ? 0.65941 0.56590 0.39466 -0.26293 0.00565  0.03902  17  DT  A "C1'" 
340 N N1    . DT  A 17 ? 0.63887 0.55033 0.39569 -0.26354 0.02582  0.02460  17  DT  A N1    
341 C C2    . DT  A 17 ? 0.63107 0.53349 0.41257 -0.24917 0.02245  0.03071  17  DT  A C2    
342 O O2    . DT  A 17 ? 0.56986 0.45836 0.35240 -0.23565 0.00475  0.04585  17  DT  A O2    
343 N N3    . DT  A 17 ? 0.58806 0.49925 0.39507 -0.25234 0.04055  0.01650  17  DT  A N3    
344 C C4    . DT  A 17 ? 0.61409 0.54192 0.42617 -0.26724 0.06374  -0.00581 17  DT  A C4    
345 O O4    . DT  A 17 ? 0.80217 0.73971 0.64573 -0.26868 0.07967  -0.02013 17  DT  A O4    
346 C C5    . DT  A 17 ? 0.61521 0.54964 0.39562 -0.28197 0.06791  -0.01342 17  DT  A C5    
347 C C7    . DT  A 17 ? 0.65304 0.60458 0.43338 -0.30013 0.09438  -0.04197 17  DT  A C7    
348 C C6    . DT  A 17 ? 0.66304 0.58917 0.41700 -0.27990 0.04764  0.00340  17  DT  A C6    
349 P P     . DG  A 18 ? 0.84397 0.74424 0.56569 -0.24694 -0.04299 0.07186  18  DG  A P     
350 O OP1   . DG  A 18 ? 0.84786 0.75081 0.56131 -0.25296 -0.06328 0.08801  18  DG  A OP1   
351 O OP2   . DG  A 18 ? 0.74999 0.65842 0.46725 -0.25551 -0.02948 0.05769  18  DG  A OP2   
352 O "O5'" . DG  A 18 ? 0.66082 0.54668 0.40461 -0.22215 -0.04582 0.07710  18  DG  A "O5'" 
353 C "C5'" . DG  A 18 ? 0.69936 0.57302 0.45325 -0.21265 -0.04315 0.07653  18  DG  A "C5'" 
354 C "C4'" . DG  A 18 ? 0.63101 0.49038 0.39580 -0.19313 -0.05576 0.08678  18  DG  A "C4'" 
355 O "O4'" . DG  A 18 ? 0.65144 0.49843 0.42563 -0.18516 -0.05390 0.08494  18  DG  A "O4'" 
356 C "C3'" . DG  A 18 ? 0.62942 0.48958 0.40420 -0.18099 -0.05329 0.08590  18  DG  A "C3'" 
357 O "O3'" . DG  A 18 ? 0.72639 0.57871 0.50292 -0.16714 -0.06724 0.09720  18  DG  A "O3'" 
358 C "C2'" . DG  A 18 ? 0.53381 0.38588 0.32225 -0.17340 -0.04233 0.07723  18  DG  A "C2'" 
359 C "C1'" . DG  A 18 ? 0.62552 0.46673 0.41405 -0.17124 -0.04849 0.08062  18  DG  A "C1'" 
360 N N9    . DG  A 18 ? 0.47775 0.31782 0.27827 -0.17256 -0.03794 0.07288  18  DG  A N9    
361 C C8    . DG  A 18 ? 0.50951 0.33879 0.31980 -0.16413 -0.04222 0.07457  18  DG  A C8    
362 N N7    . DG  A 18 ? 0.48586 0.31958 0.31054 -0.16856 -0.03171 0.06794  18  DG  A N7    
363 C C5    . DG  A 18 ? 0.42582 0.27194 0.24957 -0.18022 -0.01818 0.05942  18  DG  A C5    
364 C C6    . DG  A 18 ? 0.42737 0.28186 0.26666 -0.18945 -0.00197 0.04748  18  DG  A C6    
365 O O6    . DG  A 18 ? 0.42419 0.27906 0.28495 -0.18928 0.00272  0.04393  18  DG  A O6    
366 N N1    . DG  A 18 ? 0.43633 0.29987 0.26647 -0.20088 0.00904  0.03776  18  DG  A N1    
367 C C2    . DG  A 18 ? 0.44183 0.30796 0.25016 -0.20397 0.00307  0.04168  18  DG  A C2    
368 N N2    . DG  A 18 ? 0.45416 0.32895 0.25379 -0.21747 0.01453  0.02995  18  DG  A N2    
369 N N3    . DG  A 18 ? 0.43839 0.29935 0.23619 -0.19550 -0.01318 0.05483  18  DG  A N3    
370 C C4    . DG  A 18 ? 0.43093 0.28095 0.23746 -0.18338 -0.02220 0.06215  18  DG  A C4    
371 P P     . DG  A 19 ? 0.67517 0.53045 0.45857 -0.15370 -0.06625 0.09924  19  DG  A P     
372 O OP1   . DG  A 19 ? 0.72369 0.57674 0.50416 -0.14192 -0.08182 0.11148  19  DG  A OP1   
373 O OP2   . DG  A 19 ? 0.59463 0.46651 0.37999 -0.16432 -0.05485 0.09256  19  DG  A OP2   
374 O "O5'" . DG  A 19 ? 0.65529 0.49400 0.44611 -0.14186 -0.06222 0.09405  19  DG  A "O5'" 
375 C "C5'" . DG  A 19 ? 0.63037 0.44996 0.41918 -0.13134 -0.07277 0.09764  19  DG  A "C5'" 
376 C "C4'" . DG  A 19 ? 0.59442 0.40286 0.38981 -0.12420 -0.06842 0.09143  19  DG  A "C4'" 
377 O "O4'" . DG  A 19 ? 0.70937 0.52384 0.51388 -0.13427 -0.05814 0.08415  19  DG  A "O4'" 
378 C "C3'" . DG  A 19 ? 0.63450 0.44674 0.43101 -0.11684 -0.06344 0.09062  19  DG  A "C3'" 
379 O "O3'" . DG  A 19 ? 0.71994 0.51525 0.51326 -0.10611 -0.06887 0.08956  19  DG  A "O3'" 
380 C "C2'" . DG  A 19 ? 0.53645 0.35897 0.34508 -0.12630 -0.05095 0.08371  19  DG  A "C2'" 
381 C "C1'" . DG  A 19 ? 0.55101 0.36682 0.36556 -0.13012 -0.05080 0.07974  19  DG  A "C1'" 
382 N N9    . DG  A 19 ? 0.40696 0.23081 0.23260 -0.13966 -0.03913 0.07258  19  DG  A N9    
383 C C8    . DG  A 19 ? 0.40005 0.23472 0.22474 -0.14968 -0.03042 0.06805  19  DG  A C8    
384 N N7    . DG  A 19 ? 0.40028 0.23610 0.23675 -0.15627 -0.01990 0.05957  19  DG  A N7    
385 C C5    . DG  A 19 ? 0.39739 0.22575 0.24580 -0.15048 -0.02242 0.06045  19  DG  A C5    
386 C C6    . DG  A 19 ? 0.41938 0.24703 0.28815 -0.15425 -0.01483 0.05403  19  DG  A C6    
387 O O6    . DG  A 19 ? 0.44483 0.27606 0.32551 -0.16313 -0.00265 0.04382  19  DG  A O6    
388 N N1    . DG  A 19 ? 0.39553 0.21715 0.27232 -0.14774 -0.02295 0.05897  19  DG  A N1    
389 C C2    . DG  A 19 ? 0.39835 0.21256 0.26190 -0.13875 -0.03596 0.06665  19  DG  A C2    
390 N N2    . DG  A 19 ? 0.39722 0.20558 0.26875 -0.13531 -0.04316 0.06916  19  DG  A N2    
391 N N3    . DG  A 19 ? 0.42818 0.24028 0.27336 -0.13457 -0.04182 0.07062  19  DG  A N3    
392 C C4    . DG  A 19 ? 0.40484 0.22571 0.24488 -0.14075 -0.03475 0.06826  19  DG  A C4    
393 P P     . DG  A 20 ? 0.78092 0.58270 0.56972 -0.09173 -0.06917 0.08725  20  DG  A P     
394 O OP1   . DG  A 20 ? 0.77121 0.56897 0.55613 -0.07693 -0.07889 0.08571  20  DG  A OP1   
395 O OP2   . DG  A 20 ? 0.66548 0.49098 0.45983 -0.09779 -0.05883 0.08786  20  DG  A OP2   
396 O "O5'" . DG  A 20 ? 0.63733 0.42214 0.42301 -0.08957 -0.07147 0.08443  20  DG  A "O5'" 
397 C "C5'" . DG  A 20 ? 0.62652 0.41472 0.41915 -0.09781 -0.06534 0.08606  20  DG  A "C5'" 
398 C "C4'" . DG  A 20 ? 0.55488 0.33216 0.35703 -0.09829 -0.07004 0.08282  20  DG  A "C4'" 
399 O "O4'" . DG  A 20 ? 0.58999 0.37430 0.40961 -0.10541 -0.06546 0.07997  20  DG  A "O4'" 
400 C "C3'" . DG  A 20 ? 0.48968 0.26999 0.29894 -0.09947 -0.06955 0.08427  20  DG  A "C3'" 
401 O "O3'" . DG  A 20 ? 0.53776 0.30660 0.32586 -0.09478 -0.07747 0.08606  20  DG  A "O3'" 
402 C "C2'" . DG  A 20 ? 0.44851 0.22859 0.27928 -0.10267 -0.07078 0.08187  20  DG  A "C2'" 
403 C "C1'" . DG  A 20 ? 0.40311 0.18941 0.24023 -0.10756 -0.06427 0.07867  20  DG  A "C1'" 
404 N N9    . DG  A 20 ? 0.39880 0.19618 0.25190 -0.11362 -0.05338 0.07633  20  DG  A N9    
405 C C8    . DG  A 20 ? 0.39694 0.20261 0.24568 -0.11834 -0.04583 0.07495  20  DG  A C8    
406 N N7    . DG  A 20 ? 0.39589 0.20599 0.25961 -0.12449 -0.03690 0.07044  20  DG  A N7    
407 C C5    . DG  A 20 ? 0.38663 0.19137 0.26906 -0.12268 -0.03857 0.06979  20  DG  A C5    
408 C C6    . DG  A 20 ? 0.38809 0.19111 0.29562 -0.12689 -0.03195 0.06479  20  DG  A C6    
409 O O6    . DG  A 20 ? 0.40793 0.21155 0.32374 -0.13350 -0.02212 0.05768  20  DG  A O6    
410 N N1    . DG  A 20 ? 0.39112 0.18970 0.31618 -0.12376 -0.03876 0.06751  20  DG  A N1    
411 C C2    . DG  A 20 ? 0.39065 0.18691 0.30608 -0.11850 -0.05047 0.07364  20  DG  A C2    
412 N N2    . DG  A 20 ? 0.39408 0.18816 0.32981 -0.11806 -0.05769 0.07637  20  DG  A N2    
413 N N3    . DG  A 20 ? 0.40032 0.19495 0.28959 -0.11491 -0.05583 0.07607  20  DG  A N3    
414 C C4    . DG  A 20 ? 0.38936 0.18832 0.26516 -0.11664 -0.04929 0.07421  20  DG  A C4    
415 P P     . DG  A 21 ? 0.63146 0.40700 0.41353 -0.09749 -0.07790 0.09137  21  DG  A P     
416 O OP1   . DG  A 21 ? 0.65696 0.42792 0.41217 -0.09149 -0.08335 0.08753  21  DG  A OP1   
417 O OP2   . DG  A 21 ? 0.64732 0.44051 0.43726 -0.10208 -0.06798 0.09453  21  DG  A OP2   
418 O "O5'" . DG  A 21 ? 0.56550 0.33929 0.37198 -0.10061 -0.08365 0.09265  21  DG  A "O5'" 
419 C "C5'" . DG  A 21 ? 0.53035 0.29215 0.33766 -0.09994 -0.09361 0.09040  21  DG  A "C5'" 
420 C "C4'" . DG  A 21 ? 0.43899 0.20520 0.27199 -0.10291 -0.09924 0.09463  21  DG  A "C4'" 
421 O "O4'" . DG  A 21 ? 0.55131 0.32710 0.41296 -0.10346 -0.08952 0.09243  21  DG  A "O4'" 
422 C "C3'" . DG  A 21 ? 0.52222 0.29182 0.35377 -0.10518 -0.10422 0.10304  21  DG  A "C3'" 
423 O "O3'" . DG  A 21 ? 0.63193 0.39753 0.47217 -0.10769 -0.11850 0.10855  21  DG  A "O3'" 
424 C "C2'" . DG  A 21 ? 0.53577 0.31444 0.39196 -0.10496 -0.09453 0.10415  21  DG  A "C2'" 
425 C "C1'" . DG  A 21 ? 0.53915 0.31890 0.41846 -0.10379 -0.08902 0.09764  21  DG  A "C1'" 
426 N N9    . DG  A 21 ? 0.43804 0.22296 0.33012 -0.10486 -0.07560 0.09315  21  DG  A N9    
427 C C8    . DG  A 21 ? 0.40328 0.19296 0.28015 -0.10640 -0.06636 0.08958  21  DG  A C8    
428 N N7    . DG  A 21 ? 0.40803 0.20055 0.29888 -0.10974 -0.05659 0.08550  21  DG  A N7    
429 C C5    . DG  A 21 ? 0.40033 0.18737 0.31894 -0.10924 -0.05837 0.08541  21  DG  A C5    
430 C C6    . DG  A 21 ? 0.43792 0.22056 0.38176 -0.11246 -0.05033 0.07940  21  DG  A C6    
431 O O6    . DG  A 21 ? 0.44810 0.23137 0.39087 -0.11795 -0.03962 0.07235  21  DG  A O6    
432 N N1    . DG  A 21 ? 0.42249 0.19851 0.39631 -0.10970 -0.05705 0.08113  21  DG  A N1    
433 C C2    . DG  A 21 ? 0.41188 0.18850 0.38881 -0.10554 -0.07112 0.08958  21  DG  A C2    
434 N N2    . DG  A 21 ? 0.41888 0.19156 0.43199 -0.10307 -0.07873 0.09173  21  DG  A N2    
435 N N3    . DG  A 21 ? 0.41391 0.19408 0.36264 -0.10449 -0.07848 0.09464  21  DG  A N3    
436 C C4    . DG  A 21 ? 0.40582 0.18988 0.32723 -0.10588 -0.07081 0.09133  21  DG  A C4    
437 P P     . DG  A 22 ? 0.65504 0.42079 0.48259 -0.11285 -0.12996 0.11900  22  DG  A P     
438 O OP1   . DG  A 22 ? 0.54971 0.30578 0.36053 -0.11738 -0.14554 0.12042  22  DG  A OP1   
439 O OP2   . DG  A 22 ? 0.48605 0.25762 0.29098 -0.11455 -0.12025 0.11972  22  DG  A OP2   
440 O "O5'" . DG  A 22 ? 0.54910 0.32014 0.41541 -0.11173 -0.13401 0.12696  22  DG  A "O5'" 
441 C "C5'" . DG  A 22 ? 0.53337 0.30407 0.43156 -0.10981 -0.14218 0.12850  22  DG  A "C5'" 
442 C "C4'" . DG  A 22 ? 0.47311 0.24498 0.40647 -0.10704 -0.14714 0.13667  22  DG  A "C4'" 
443 O "O4'" . DG  A 22 ? 0.45725 0.22926 0.40933 -0.10239 -0.13026 0.12890  22  DG  A "O4'" 
444 C "C3'" . DG  A 22 ? 0.49401 0.26442 0.41406 -0.11147 -0.15587 0.14782  22  DG  A "C3'" 
445 O "O3'" . DG  A 22 ? 0.58447 0.35293 0.53450 -0.11082 -0.17373 0.15944  22  DG  A "O3'" 
446 C "C2'" . DG  A 22 ? 0.48577 0.25574 0.40703 -0.10953 -0.14009 0.14397  22  DG  A "C2'" 
447 C "C1'" . DG  A 22 ? 0.46732 0.23556 0.42251 -0.10239 -0.13006 0.13461  22  DG  A "C1'" 
448 N N9    . DG  A 22 ? 0.45469 0.22293 0.40551 -0.10212 -0.11138 0.12512  22  DG  A N9    
449 C C8    . DG  A 22 ? 0.44732 0.22156 0.36685 -0.10559 -0.10096 0.12055  22  DG  A C8    
450 N N7    . DG  A 22 ? 0.43833 0.21281 0.36252 -0.10626 -0.08727 0.11338  22  DG  A N7    
451 C C5    . DG  A 22 ? 0.44209 0.20734 0.40088 -0.10325 -0.08692 0.11106  22  DG  A C5    
452 C C6    . DG  A 22 ? 0.45800 0.21635 0.43424 -0.10442 -0.07475 0.10155  22  DG  A C6    
453 O O6    . DG  A 22 ? 0.46147 0.22293 0.42438 -0.10948 -0.06275 0.09482  22  DG  A O6    
454 N N1    . DG  A 22 ? 0.47809 0.22478 0.49268 -0.09976 -0.07884 0.09928  22  DG  A N1    
455 C C2    . DG  A 22 ? 0.45897 0.20453 0.49582 -0.09389 -0.09461 0.10774  22  DG  A C2    
456 N N2    . DG  A 22 ? 0.46937 0.20523 0.55148 -0.08759 -0.09775 0.10337  22  DG  A N2    
457 N N3    . DG  A 22 ? 0.45930 0.21301 0.47802 -0.09443 -0.10749 0.11863  22  DG  A N3    
458 C C4    . DG  A 22 ? 0.45134 0.21319 0.42960 -0.09949 -0.10186 0.11848  22  DG  A C4    
459 P P     . DT  A 23 ? 0.72079 0.48906 0.65273 -0.12078 -0.19512 0.17377  23  DT  A P     
460 O OP1   . DT  A 23 ? 0.65249 0.42201 0.53391 -0.12980 -0.18895 0.17078  23  DT  A OP1   
461 O OP2   . DT  A 23 ? 0.74263 0.50655 0.70267 -0.11929 -0.20592 0.18581  23  DT  A OP2   
462 O "O5'" . DT  A 23 ? 0.64735 0.41794 0.59434 -0.12205 -0.21161 0.17638  23  DT  A "O5'" 
463 C "C5'" . DT  A 23 ? 0.52471 0.29622 0.46874 -0.12015 -0.20383 0.16517  23  DT  A "C5'" 
464 C "C4'" . DT  A 23 ? 0.64187 0.41182 0.56926 -0.12956 -0.22151 0.16878  23  DT  A "C4'" 
465 O "O4'" . DT  A 23 ? 0.68383 0.45485 0.61196 -0.13734 -0.24243 0.18354  23  DT  A "O4'" 
466 C "C3'" . DT  A 23 ? 0.68595 0.44729 0.56063 -0.13574 -0.21482 0.15886  23  DT  A "C3'" 
467 O "O3'" . DT  A 23 ? 0.73142 0.48729 0.60300 -0.14008 -0.22349 0.15507  23  DT  A "O3'" 
468 C "C2'" . DT  A 23 ? 0.63724 0.39690 0.48068 -0.14612 -0.22519 0.16721  23  DT  A "C2'" 
469 C "C1'" . DT  A 23 ? 0.59618 0.36123 0.47504 -0.14949 -0.24729 0.18241  23  DT  A "C1'" 
470 N N1    . DT  A 23 ? 0.62547 0.39159 0.49153 -0.15825 -0.25710 0.19524  23  DT  A N1    
471 C C2    . DT  A 23 ? 0.66032 0.42375 0.49721 -0.17248 -0.27183 0.20126  23  DT  A C2    
472 O O2    . DT  A 23 ? 0.67897 0.43746 0.49996 -0.17763 -0.27781 0.19558  23  DT  A O2    
473 N N3    . DT  A 23 ? 0.68985 0.45511 0.51494 -0.18214 -0.27980 0.21454  23  DT  A N3    
474 C C4    . DT  A 23 ? 0.68883 0.45614 0.52837 -0.17935 -0.27612 0.22254  23  DT  A C4    
475 O O4    . DT  A 23 ? 0.79262 0.56010 0.61859 -0.19105 -0.28570 0.23599  23  DT  A O4    
476 C C5    . DT  A 23 ? 0.65791 0.42577 0.52774 -0.16342 -0.26071 0.21433  23  DT  A C5    
477 C C7    . DT  A 23 ? 0.65243 0.41864 0.53829 -0.15994 -0.25625 0.22100  23  DT  A C7    
478 C C6    . DT  A 23 ? 0.79844 0.56666 0.67963 -0.15368 -0.25116 0.20100  23  DT  A C6    
479 P P     . DT  A 24 ? 0.64134 0.38951 0.50072 -0.13623 -0.20807 0.14022  24  DT  A P     
480 O OP1   . DT  A 24 ? 0.72053 0.47725 0.60037 -0.12605 -0.18707 0.13494  24  DT  A OP1   
481 O OP2   . DT  A 24 ? 0.72334 0.45428 0.53037 -0.14127 -0.20919 0.13247  24  DT  A OP2   
482 O "O5'" . DT  A 24 ? 0.62978 0.38024 0.51828 -0.14133 -0.22041 0.14317  24  DT  A "O5'" 
483 C "C5'" . DT  A 24 ? 0.53701 0.30297 0.47858 -0.13673 -0.21731 0.14776  24  DT  A "C5'" 
484 C "C4'" . DT  A 24 ? 0.56215 0.33251 0.52749 -0.14614 -0.22966 0.15112  24  DT  A "C4'" 
485 O "O4'" . DT  A 24 ? 0.57750 0.34528 0.53917 -0.15549 -0.25743 0.16459  24  DT  A "O4'" 
486 C "C3'" . DT  A 24 ? 0.66961 0.42976 0.60622 -0.15252 -0.22329 0.13901  24  DT  A "C3'" 
487 O "O3'" . DT  A 24 ? 0.69894 0.47496 0.67232 -0.15921 -0.22147 0.13837  24  DT  A "O3'" 
488 C "C2'" . DT  A 24 ? 0.59725 0.33792 0.49404 -0.16309 -0.24538 0.14258  24  DT  A "C2'" 
489 C "C1'" . DT  A 24 ? 0.59988 0.35296 0.52821 -0.16819 -0.26775 0.16042  24  DT  A "C1'" 
490 N N1    . DT  A 24 ? 0.60053 0.34263 0.49042 -0.17585 -0.28666 0.16563  24  DT  A N1    
491 C C2    . DT  A 24 ? 0.64148 0.37578 0.51585 -0.19080 -0.30799 0.16828  24  DT  A C2    
492 O O2    . DT  A 24 ? 0.73130 0.47001 0.62486 -0.19851 -0.31349 0.16667  24  DT  A O2    
493 N N3    . DT  A 24 ? 0.68302 0.40919 0.52321 -0.19720 -0.31456 0.16789  24  DT  A N3    
494 C C4    . DT  A 24 ? 0.66902 0.39587 0.48821 -0.19261 -0.30602 0.16801  24  DT  A C4    
495 O O4    . DT  A 24 ? 0.73562 0.45680 0.52232 -0.20101 -0.31223 0.16909  24  DT  A O4    
496 C C5    . DT  A 24 ? 0.63694 0.37307 0.47418 -0.17854 -0.28807 0.16703  24  DT  A C5    
497 C C7    . DT  A 24 ? 0.64391 0.38295 0.46149 -0.17541 -0.27842 0.16871  24  DT  A C7    
498 C C6    . DT  A 24 ? 0.60455 0.34730 0.47572 -0.17000 -0.27883 0.16491  24  DT  A C6    
499 P P     . DT  A 25 ? 0.68606 0.47453 0.67547 -0.15574 -0.19487 0.12725  25  DT  A P     
500 O OP1   . DT  A 25 ? 0.74404 0.55753 0.78127 -0.16622 -0.19639 0.12977  25  DT  A OP1   
501 O OP2   . DT  A 25 ? 0.69668 0.48491 0.68766 -0.14331 -0.17848 0.12388  25  DT  A OP2   
502 O "O5'" . DT  A 25 ? 0.70885 0.47910 0.65079 -0.15718 -0.18947 0.11727  25  DT  A "O5'" 
503 C "C5'" . DT  A 25 ? 0.58088 0.33979 0.50413 -0.16734 -0.20509 0.11787  25  DT  A "C5'" 
504 C "C4'" . DT  A 25 ? 0.59907 0.32864 0.47188 -0.16295 -0.20543 0.10887  25  DT  A "C4'" 
505 O "O4'" . DT  A 25 ? 0.63270 0.34878 0.48979 -0.17243 -0.21617 0.10709  25  DT  A "O4'" 
506 C "C3'" . DT  A 25 ? 0.59908 0.30814 0.43951 -0.16054 -0.21721 0.10928  25  DT  A "C3'" 
507 O "O3'" . DT  A 25 ? 0.56632 0.25543 0.37219 -0.15168 -0.20748 0.09895  25  DT  A "O3'" 
508 C "C2'" . DT  A 25 ? 0.63562 0.32893 0.45910 -0.17371 -0.24039 0.11209  25  DT  A "C2'" 
509 C "C1'" . DT  A 25 ? 0.59942 0.28990 0.42348 -0.17650 -0.23532 0.10649  25  DT  A "C1'" 
510 N N1    . DT  A 25 ? 0.71714 0.41104 0.55099 -0.19063 -0.25122 0.11279  25  DT  A N1    
511 C C2    . DT  A 25 ? 0.67935 0.34336 0.47644 -0.19647 -0.26660 0.10903  25  DT  A C2    
512 O O2    . DT  A 25 ? 0.76623 0.40010 0.52335 -0.19022 -0.26748 0.09928  25  DT  A O2    
513 N N3    . DT  A 25 ? 0.67866 0.34945 0.48847 -0.21027 -0.27959 0.11584  25  DT  A N3    
514 C C4    . DT  A 25 ? 0.65935 0.36567 0.51598 -0.21904 -0.27883 0.12571  25  DT  A C4    
515 O O4    . DT  A 25 ? 0.73153 0.44393 0.59754 -0.23246 -0.29090 0.13144  25  DT  A O4    
516 C C5    . DT  A 25 ? 0.80368 0.53979 0.69837 -0.21191 -0.26153 0.12749  25  DT  A C5    
517 C C7    . DT  A 25 ? 0.78246 0.55923 0.73214 -0.22069 -0.25706 0.13485  25  DT  A C7    
518 C C6    . DT  A 25 ? 0.73591 0.46300 0.61642 -0.19800 -0.24857 0.12109  25  DT  A C6    
519 P P     . DG  A 26 ? 0.63982 0.33930 0.44786 -0.13950 -0.18961 0.09785  26  DG  A P     
520 O OP1   . DG  A 26 ? 0.83752 0.54961 0.65933 -0.14074 -0.19604 0.10845  26  DG  A OP1   
521 O OP2   . DG  A 26 ? 0.75548 0.42968 0.52378 -0.13303 -0.18558 0.08843  26  DG  A OP2   
522 O "O5'" . DG  A 26 ? 0.65525 0.37931 0.49913 -0.13578 -0.17130 0.09695  26  DG  A "O5'" 
523 C "C5'" . DG  A 26 ? 0.61725 0.33643 0.45179 -0.13316 -0.16129 0.08974  26  DG  A "C5'" 
524 C "C4'" . DG  A 26 ? 0.54211 0.28471 0.40807 -0.13605 -0.14699 0.09130  26  DG  A "C4'" 
525 O "O4'" . DG  A 26 ? 0.53601 0.28774 0.42256 -0.14791 -0.15430 0.09603  26  DG  A "O4'" 
526 C "C3'" . DG  A 26 ? 0.61633 0.35662 0.47154 -0.13460 -0.13656 0.08666  26  DG  A "C3'" 
527 O "O3'" . DG  A 26 ? 0.75994 0.52120 0.63790 -0.13699 -0.12038 0.08716  26  DG  A "O3'" 
528 C "C2'" . DG  A 26 ? 0.54955 0.28113 0.39932 -0.14450 -0.14718 0.08820  26  DG  A "C2'" 
529 C "C1'" . DG  A 26 ? 0.50656 0.25613 0.38598 -0.15436 -0.15094 0.09424  26  DG  A "C1'" 
530 N N9    . DG  A 26 ? 0.56141 0.30228 0.43629 -0.16465 -0.16744 0.09763  26  DG  A N9    
531 C C8    . DG  A 26 ? 0.56787 0.32644 0.46764 -0.17888 -0.16952 0.10328  26  DG  A C8    
532 N N7    . DG  A 26 ? 0.56519 0.31091 0.45378 -0.18683 -0.18668 0.10608  26  DG  A N7    
533 C C5    . DG  A 26 ? 0.56801 0.28316 0.42081 -0.17713 -0.19625 0.10061  26  DG  A C5    
534 C C6    . DG  A 26 ? 0.63715 0.32368 0.46139 -0.18033 -0.21485 0.09876  26  DG  A C6    
535 O O6    . DG  A 26 ? 0.64932 0.33225 0.47434 -0.19265 -0.22785 0.10315  26  DG  A O6    
536 N N1    . DG  A 26 ? 0.61446 0.27382 0.40599 -0.16858 -0.21712 0.09019  26  DG  A N1    
537 C C2    . DG  A 26 ? 0.59344 0.25592 0.38202 -0.15604 -0.20367 0.08569  26  DG  A C2    
538 N N2    . DG  A 26 ? 0.61413 0.24826 0.36955 -0.14737 -0.20748 0.07726  26  DG  A N2    
539 N N3    . DG  A 26 ? 0.58216 0.27217 0.39735 -0.15302 -0.18708 0.08865  26  DG  A N3    
540 C C4    . DG  A 26 ? 0.57313 0.28673 0.41850 -0.16367 -0.18419 0.09539  26  DG  A C4    
541 P P     . DG  A 27 ? 0.77729 0.54612 0.65933 -0.12845 -0.10709 0.08491  27  DG  A P     
542 O OP1   . DG  A 27 ? 0.62287 0.39252 0.51490 -0.12385 -0.11228 0.08827  27  DG  A OP1   
543 O OP2   . DG  A 27 ? 0.58141 0.34012 0.43794 -0.12241 -0.10453 0.08146  27  DG  A OP2   
544 O "O5'" . DG  A 27 ? 0.64553 0.43358 0.55392 -0.13709 -0.09205 0.08385  27  DG  A "O5'" 
545 C "C5'" . DG  A 27 ? 0.51266 0.31242 0.44514 -0.14893 -0.09310 0.08590  27  DG  A "C5'" 
546 C "C4'" . DG  A 27 ? 0.52680 0.34179 0.49743 -0.15178 -0.08469 0.08437  27  DG  A "C4'" 
547 O "O4'" . DG  A 27 ? 0.56061 0.38318 0.53252 -0.15517 -0.06647 0.07736  27  DG  A "O4'" 
548 C "C3'" . DG  A 27 ? 0.42681 0.23410 0.40714 -0.14016 -0.09317 0.08807  27  DG  A "C3'" 
549 O "O3'" . DG  A 27 ? 0.47136 0.29078 0.49713 -0.14430 -0.09769 0.09087  27  DG  A "O3'" 
550 C "C2'" . DG  A 27 ? 0.49927 0.30381 0.47168 -0.13402 -0.07965 0.08295  27  DG  A "C2'" 
551 C "C1'" . DG  A 27 ? 0.46705 0.28553 0.45245 -0.14677 -0.06329 0.07543  27  DG  A "C1'" 
552 N N9    . DG  A 27 ? 0.56701 0.38399 0.53334 -0.14621 -0.05024 0.06961  27  DG  A N9    
553 C C8    . DG  A 27 ? 0.52518 0.33543 0.45707 -0.14084 -0.05165 0.07106  27  DG  A C8    
554 N N7    . DG  A 27 ? 0.48014 0.29375 0.40416 -0.14306 -0.04050 0.06619  27  DG  A N7    
555 C C5    . DG  A 27 ? 0.48959 0.30984 0.44152 -0.15075 -0.02949 0.05885  27  DG  A C5    
556 C C6    . DG  A 27 ? 0.44122 0.26536 0.39613 -0.15788 -0.01468 0.04865  27  DG  A C6    
557 O O6    . DG  A 27 ? 0.42295 0.24819 0.35541 -0.15873 -0.00962 0.04656  27  DG  A O6    
558 N N1    . DG  A 27 ? 0.51394 0.35054 0.50751 -0.15643 -0.00495 0.03646  27  DG  A N1    
559 C C2    . DG  A 27 ? 0.50413 0.34933 0.53212 -0.15081 -0.01085 0.03747  27  DG  A C2    
560 N N2    . DG  A 27 ? 0.45720 0.31754 0.52718 -0.14594 0.00007  0.02286  27  DG  A N2    
561 N N3    . DG  A 27 ? 0.47708 0.31661 0.50022 -0.14973 -0.02715 0.05079  27  DG  A N3    
562 C C4    . DG  A 27 ? 0.50200 0.32465 0.48352 -0.15238 -0.03567 0.06088  27  DG  A C4    
563 P P     . DG  A 28 ? 0.60176 0.41439 0.64871 -0.13333 -0.11027 0.09824  28  DG  A P     
564 O OP1   . DG  A 28 ? 0.67260 0.49919 0.75198 -0.13588 -0.12569 0.10446  28  DG  A OP1   
565 O OP2   . DG  A 28 ? 0.71578 0.51243 0.72078 -0.12353 -0.11451 0.10110  28  DG  A OP2   
566 O "O5'" . DG  A 28 ? 0.48336 0.30879 0.56548 -0.12613 -0.09300 0.08763  28  DG  A "O5'" 
567 C "C5'" . DG  A 28 ? 0.41927 0.27399 0.54561 -0.12846 -0.08036 0.07615  28  DG  A "C5'" 
568 C "C4'" . DG  A 28 ? 0.57748 0.43829 0.74570 -0.11560 -0.07201 0.06648  28  DG  A "C4'" 
569 O "O4'" . DG  A 28 ? 0.72179 0.57614 0.87078 -0.11725 -0.05232 0.05398  28  DG  A "O4'" 
570 C "C3'" . DG  A 28 ? 0.55448 0.39469 0.73270 -0.10299 -0.09126 0.07921  28  DG  A "C3'" 
571 O "O3'" . DG  A 28 ? 0.65976 0.51345 0.89850 -0.09069 -0.09065 0.07191  28  DG  A "O3'" 
572 C "C2'" . DG  A 28 ? 0.57113 0.38648 0.71015 -0.10278 -0.08441 0.07901  28  DG  A "C2'" 
573 C "C1'" . DG  A 28 ? 0.56557 0.39490 0.70702 -0.10791 -0.05847 0.05886  28  DG  A "C1'" 
574 N N9    . DG  A 28 ? 0.50453 0.32013 0.59763 -0.11513 -0.04992 0.05816  28  DG  A N9    
575 C C8    . DG  A 28 ? 0.49229 0.29673 0.53982 -0.12075 -0.05750 0.06913  28  DG  A C8    
576 N N7    . DG  A 28 ? 0.49218 0.29023 0.50910 -0.12507 -0.04800 0.06581  28  DG  A N7    
577 C C5    . DG  A 28 ? 0.54219 0.34558 0.58123 -0.12462 -0.03326 0.05168  28  DG  A C5    
578 C C6    . DG  A 28 ? 0.48615 0.28691 0.50746 -0.13031 -0.01984 0.04247  28  DG  A C6    
579 O O6    . DG  A 28 ? 0.50267 0.29889 0.48754 -0.13621 -0.01903 0.04696  28  DG  A O6    
580 N N1    . DG  A 28 ? 0.51951 0.32450 0.57211 -0.12830 -0.00714 0.02542  28  DG  A N1    
581 C C2    . DG  A 28 ? 0.47719 0.29002 0.57751 -0.11899 -0.00700 0.01774  28  DG  A C2    
582 N N2    . DG  A 28 ? 0.44201 0.25663 0.56969 -0.11593 0.00716  -0.00265 28  DG  A N2    
583 N N3    . DG  A 28 ? 0.54293 0.36209 0.66452 -0.11279 -0.02055 0.02821  28  DG  A N3    
584 C C4    . DG  A 28 ? 0.54817 0.36129 0.63458 -0.11744 -0.03336 0.04528  28  DG  A C4    
585 P P     . DG  A 29 ? 0.66389 0.49711 0.92743 -0.07700 -0.11332 0.08642  29  DG  A P     
586 O OP1   . DG  A 29 ? 0.70064 0.55927 1.02745 -0.06805 -0.12381 0.08657  29  DG  A OP1   
587 O OP2   . DG  A 29 ? 0.63089 0.43819 0.84199 -0.08336 -0.13137 0.10711  29  DG  A OP2   
588 O "O5'" . DG  A 29 ? 0.62963 0.44725 0.90628 -0.06850 -0.09842 0.07218  29  DG  A "O5'" 
589 C "C5'" . DG  A 29 ? 0.67128 0.51060 0.98223 -0.06491 -0.07365 0.04566  29  DG  A "C5'" 
590 C "C4'" . DG  A 29 ? 0.59023 0.40614 0.90827 -0.05762 -0.06396 0.03286  29  DG  A "C4'" 
591 O "O4'" . DG  A 29 ? 0.60903 0.41257 0.86995 -0.07123 -0.04974 0.02892  29  DG  A "O4'" 
592 C "C3'" . DG  A 29 ? 0.66906 0.44993 0.99856 -0.04748 -0.08813 0.05081  29  DG  A "C3'" 
593 O "O3'" . DG  A 29 ? 0.86046 0.62986 1.23431 -0.03410 -0.08078 0.03248  29  DG  A "O3'" 
594 C "C2'" . DG  A 29 ? 0.65699 0.41238 0.91981 -0.06108 -0.09026 0.06442  29  DG  A "C2'" 
595 C "C1'" . DG  A 29 ? 0.60388 0.37212 0.84329 -0.07038 -0.06153 0.04154  29  DG  A "C1'" 
596 N N9    . DG  A 29 ? 0.59796 0.36009 0.77518 -0.08468 -0.05871 0.05071  29  DG  A N9    
597 C C8    . DG  A 29 ? 0.55702 0.32257 0.69902 -0.09112 -0.06980 0.06790  29  DG  A C8    
598 N N7    . DG  A 29 ? 0.57426 0.33490 0.66878 -0.10075 -0.06355 0.07025  29  DG  A N7    
599 C C5    . DG  A 29 ? 0.54308 0.29781 0.63945 -0.10307 -0.04834 0.05554  29  DG  A C5    
600 C C6    . DG  A 29 ? 0.51764 0.26859 0.57660 -0.11320 -0.03784 0.05198  29  DG  A C6    
601 O O6    . DG  A 29 ? 0.43273 0.19064 0.45221 -0.11766 -0.03784 0.05968  29  DG  A O6    
602 N N1    . DG  A 29 ? 0.58056 0.32481 0.65393 -0.11468 -0.02508 0.03470  29  DG  A N1    
603 C C2    . DG  A 29 ? 0.57744 0.31739 0.69714 -0.10513 -0.02144 0.02001  29  DG  A C2    
604 N N2    . DG  A 29 ? 0.48789 0.21812 0.61264 -0.10841 -0.00817 0.00076  29  DG  A N2    
605 N N3    . DG  A 29 ? 0.52696 0.27238 0.68722 -0.09280 -0.03084 0.02285  29  DG  A N3    
606 C C4    . DG  A 29 ? 0.55107 0.30459 0.69606 -0.09361 -0.04465 0.04213  29  DG  A C4    
607 P P     . DG  A 30 ? 0.96584 0.70538 1.38490 -0.01735 -0.10809 0.04700  30  DG  A P     
608 O OP1   . DG  A 30 ? 0.83689 0.60092 1.33348 0.00233  -0.10405 0.02770  30  DG  A OP1   
609 O OP2   . DG  A 30 ? 0.70365 0.42897 1.09123 -0.02476 -0.13716 0.08246  30  DG  A OP2   
610 O "O5'" . DG  A 30 ? 0.77636 0.47570 1.17924 -0.01891 -0.10166 0.03851  30  DG  A "O5'" 
611 C "C5'" . DG  A 30 ? 0.85574 0.56097 1.27138 -0.01677 -0.07310 0.00354  30  DG  A "C5'" 
612 C "C4'" . DG  A 30 ? 0.94591 0.61679 1.31890 -0.02749 -0.06841 0.00173  30  DG  A "C4'" 
613 O "O4'" . DG  A 30 ? 0.77934 0.45735 1.08673 -0.04879 -0.06017 0.01091  30  DG  A "O4'" 
614 C "C3'" . DG  A 30 ? 1.00992 0.65625 1.36520 -0.02402 -0.09252 0.02632  30  DG  A "C3'" 
615 O "O3'" . DG  A 30 ? 1.29150 0.91178 1.64665 -0.02278 -0.08460 0.00972  30  DG  A "O3'" 
616 C "C2'" . DG  A 30 ? 0.79716 0.44762 1.08141 -0.04270 -0.09770 0.05139  30  DG  A "C2'" 
617 C "C1'" . DG  A 30 ? 0.80546 0.46595 1.06297 -0.05609 -0.07230 0.03222  30  DG  A "C1'" 
618 N N9    . DG  A 30 ? 0.63045 0.30617 0.83260 -0.07063 -0.07173 0.04839  30  DG  A N9    
619 C C8    . DG  A 30 ? 0.66332 0.35607 0.85369 -0.07071 -0.08404 0.06699  30  DG  A C8    
620 N N7    . DG  A 30 ? 0.59905 0.30294 0.73850 -0.08240 -0.07878 0.07419  30  DG  A N7    
621 C C5    . DG  A 30 ? 0.63451 0.33021 0.75297 -0.09135 -0.06321 0.06207  30  DG  A C5    
622 C C6    . DG  A 30 ? 0.61795 0.32316 0.69036 -0.10362 -0.05290 0.06307  30  DG  A C6    
623 O O6    . DG  A 30 ? 0.50772 0.23019 0.54936 -0.10653 -0.05456 0.07315  30  DG  A O6    
624 N N1    . DG  A 30 ? 0.51559 0.20939 0.58295 -0.11181 -0.04046 0.04906  30  DG  A N1    
625 C C2    . DG  A 30 ? 0.57606 0.24837 0.67485 -0.10833 -0.03733 0.03317  30  DG  A C2    
626 N N2    . DG  A 30 ? 0.53484 0.19694 0.61886 -0.11981 -0.02563 0.01929  30  DG  A N2    
627 N N3    . DG  A 30 ? 0.71275 0.37602 0.85740 -0.09347 -0.04563 0.02967  30  DG  A N3    
628 C C4    . DG  A 30 ? 0.61489 0.29196 0.76838 -0.08589 -0.05888 0.04601  30  DG  A C4    
629 P P     . DT  A 31 ? 1.34038 0.93549 1.73657 -0.00570 -0.10287 0.01218  31  DT  A P     
630 O OP1   . DT  A 31 ? 1.29053 0.90442 1.76063 0.01639  -0.10796 0.00213  31  DT  A OP1   
631 O OP2   . DT  A 31 ? 1.03673 0.61650 1.39076 -0.01613 -0.12517 0.04646  31  DT  A OP2   
632 O "O5'" . DT  A 31 ? 1.51231 1.08275 1.90743 -0.00663 -0.08398 -0.01867 31  DT  A "O5'" 
633 C "C5'" . DT  A 31 ? 1.56255 1.14322 2.00821 0.00717  -0.06243 -0.05885 31  DT  A "C5'" 
634 C "C4'" . DT  A 31 ? 1.55752 1.17194 1.99603 -0.00274 -0.03715 -0.07704 31  DT  A "C4'" 
635 O "O4'" . DT  A 31 ? 1.74327 1.35061 2.13510 -0.02181 -0.01558 -0.09630 31  DT  A "O4'" 
636 C "C3'" . DT  A 31 ? 1.60693 1.25189 2.11540 0.01486  -0.01830 -0.11107 31  DT  A "C3'" 
637 O "O3'" . DT  A 31 ? 1.27541 0.95631 1.79006 0.01238  -0.01994 -0.09702 31  DT  A "O3'" 
638 C "C2'" . DT  A 31 ? 1.85043 1.50294 2.34197 0.00328  0.01697  -0.15260 31  DT  A "C2'" 
639 C "C1'" . DT  A 31 ? 1.88807 1.52541 2.29954 -0.02403 0.01446  -0.13183 31  DT  A "C1'" 
640 N N1    . DT  A 31 ? 1.93852 1.56744 2.31563 -0.03873 0.03652  -0.16047 31  DT  A N1    
641 C C2    . DT  A 31 ? 1.87649 1.54156 2.23206 -0.05364 0.06584  -0.18544 31  DT  A C2    
642 O O2    . DT  A 31 ? 1.58724 1.29698 1.94378 -0.05493 0.07412  -0.18143 31  DT  A O2    
643 N N3    . DT  A 31 ? 1.93909 1.59121 2.26347 -0.06902 0.08304  -0.21153 31  DT  A N3    
644 C C4    . DT  A 31 ? 1.94895 1.56373 2.25616 -0.06911 0.07195  -0.21068 31  DT  A C4    
645 O O4    . DT  A 31 ? 1.78773 1.39888 2.06213 -0.08400 0.08625  -0.23209 31  DT  A O4    
646 C C5    . DT  A 31 ? 1.96965 1.55053 2.29602 -0.05321 0.04125  -0.18149 31  DT  A C5    
647 C C7    . DT  A 31 ? 1.75329 1.28901 2.05982 -0.05569 0.02716  -0.17736 31  DT  A C7    
648 C C6    . DT  A 31 ? 1.96097 1.55219 2.31923 -0.03919 0.02546  -0.15772 31  DT  A C6    
649 K K     . K   B .  ? 0.43560 0.21595 0.39839 -0.13411 -0.01707 0.04883  101 K   A K     
650 K K     . K   C .  ? 0.48552 0.23956 0.46440 -0.12031 -0.03736 0.06942  102 K   A K     
651 K K     . K   D .  ? 0.53751 0.39039 0.45338 -0.18998 0.02256  0.02253  103 K   A K     
652 K K     . K   E .  ? 0.45973 0.27184 0.39866 -0.15755 0.00301  0.03317  104 K   A K     
653 O O     . HOH F .  ? 0.57517 0.34621 0.50030 -0.12210 -0.14265 0.10730  201 HOH A O     
654 O O     . HOH F .  ? 0.61064 0.52906 0.31156 -0.28441 -0.00001 0.01931  202 HOH A O     
# 
